data_2HBO
# 
_entry.id   2HBO 
# 
_audit_conform.dict_name       mmcif_pdbx.dic 
_audit_conform.dict_version    5.399 
_audit_conform.dict_location   http://mmcif.pdb.org/dictionaries/ascii/mmcif_pdbx.dic 
# 
loop_
_database_2.database_id 
_database_2.database_code 
_database_2.pdbx_database_accession 
_database_2.pdbx_DOI 
PDB   2HBO         pdb_00002hbo 10.2210/pdb2hbo/pdb 
RCSB  RCSB038167   ?            ?                   
WWPDB D_1000038167 ?            ?                   
# 
loop_
_pdbx_audit_revision_history.ordinal 
_pdbx_audit_revision_history.data_content_type 
_pdbx_audit_revision_history.major_revision 
_pdbx_audit_revision_history.minor_revision 
_pdbx_audit_revision_history.revision_date 
1 'Structure model' 1 0 2006-08-08 
2 'Structure model' 1 1 2008-05-01 
3 'Structure model' 1 2 2011-07-13 
4 'Structure model' 1 3 2017-10-18 
5 'Structure model' 1 4 2023-01-25 
6 'Structure model' 1 5 2024-11-20 
# 
_pdbx_audit_revision_details.ordinal             1 
_pdbx_audit_revision_details.revision_ordinal    1 
_pdbx_audit_revision_details.data_content_type   'Structure model' 
_pdbx_audit_revision_details.provider            repository 
_pdbx_audit_revision_details.type                'Initial release' 
_pdbx_audit_revision_details.description         ? 
_pdbx_audit_revision_details.details             ? 
# 
loop_
_pdbx_audit_revision_group.ordinal 
_pdbx_audit_revision_group.revision_ordinal 
_pdbx_audit_revision_group.data_content_type 
_pdbx_audit_revision_group.group 
1 2 'Structure model' 'Version format compliance' 
2 3 'Structure model' Advisory                    
3 3 'Structure model' 'Version format compliance' 
4 4 'Structure model' 'Refinement description'    
5 5 'Structure model' 'Database references'       
6 5 'Structure model' 'Derived calculations'      
7 6 'Structure model' 'Data collection'           
8 6 'Structure model' 'Structure summary'         
# 
loop_
_pdbx_audit_revision_category.ordinal 
_pdbx_audit_revision_category.revision_ordinal 
_pdbx_audit_revision_category.data_content_type 
_pdbx_audit_revision_category.category 
1 4 'Structure model' software                  
2 5 'Structure model' database_2                
3 5 'Structure model' struct_conn               
4 5 'Structure model' struct_ref_seq_dif        
5 5 'Structure model' struct_site               
6 6 'Structure model' chem_comp_atom            
7 6 'Structure model' chem_comp_bond            
8 6 'Structure model' pdbx_entry_details        
9 6 'Structure model' pdbx_modification_feature 
# 
loop_
_pdbx_audit_revision_item.ordinal 
_pdbx_audit_revision_item.revision_ordinal 
_pdbx_audit_revision_item.data_content_type 
_pdbx_audit_revision_item.item 
1 4 'Structure model' '_software.classification'            
2 4 'Structure model' '_software.name'                      
3 5 'Structure model' '_database_2.pdbx_DOI'                
4 5 'Structure model' '_database_2.pdbx_database_accession' 
5 5 'Structure model' '_struct_conn.pdbx_leaving_atom_flag' 
6 5 'Structure model' '_struct_ref_seq_dif.details'         
7 5 'Structure model' '_struct_site.pdbx_auth_asym_id'      
8 5 'Structure model' '_struct_site.pdbx_auth_comp_id'      
9 5 'Structure model' '_struct_site.pdbx_auth_seq_id'       
# 
_pdbx_database_status.SG_entry                        Y 
_pdbx_database_status.entry_id                        2HBO 
_pdbx_database_status.deposit_site                    RCSB 
_pdbx_database_status.process_site                    RCSB 
_pdbx_database_status.recvd_initial_deposition_date   2006-06-14 
_pdbx_database_status.status_code                     REL 
_pdbx_database_status.status_code_sf                  REL 
_pdbx_database_status.status_code_mr                  ? 
_pdbx_database_status.status_code_cs                  ? 
_pdbx_database_status.pdb_format_compatible           Y 
_pdbx_database_status.methods_development_category    ? 
_pdbx_database_status.status_code_nmr_data            ? 
# 
_pdbx_database_related.db_name        TargetDB 
_pdbx_database_related.db_id          366861 
_pdbx_database_related.details        . 
_pdbx_database_related.content_type   unspecified 
# 
_audit_author.name           'Joint Center for Structural Genomics (JCSG)' 
_audit_author.pdbx_ordinal   1 
# 
_citation.id                        primary 
_citation.title                     
'Crystal structure of hypothetical protein (np_422103.1) from Caulobacter crescentus at 1.85 A resolution' 
_citation.journal_abbrev            'To be published' 
_citation.journal_volume            ? 
_citation.page_first                ? 
_citation.page_last                 ? 
_citation.year                      ? 
_citation.journal_id_ASTM           ? 
_citation.country                   ? 
_citation.journal_id_ISSN           ? 
_citation.journal_id_CSD            0353 
_citation.book_publisher            ? 
_citation.pdbx_database_id_PubMed   ? 
_citation.pdbx_database_id_DOI      ? 
# 
_citation_author.citation_id        primary 
_citation_author.name               'Joint Center for Structural Genomics (JCSG)' 
_citation_author.ordinal            1 
_citation_author.identifier_ORCID   ? 
# 
loop_
_entity.id 
_entity.type 
_entity.src_method 
_entity.pdbx_description 
_entity.formula_weight 
_entity.pdbx_number_of_molecules 
_entity.pdbx_ec 
_entity.pdbx_mutation 
_entity.pdbx_fragment 
_entity.details 
1 polymer     man 'Hypothetical protein (np_422103.1)'                                                 17780.152 1  ? ? ? ? 
2 non-polymer syn '2-{2-[2-(2-{2-[2-(2-ETHOXY-ETHOXY)-ETHOXY]-ETHOXY}-ETHOXY)-ETHOXY]-ETHOXY}-ETHANOL' 354.436   1  ? ? ? ? 
3 non-polymer syn 1,2-ETHANEDIOL                                                                       62.068    2  ? ? ? ? 
4 water       nat water                                                                                18.015    64 ? ? ? ? 
# 
_entity_poly.entity_id                      1 
_entity_poly.type                           'polypeptide(L)' 
_entity_poly.nstd_linkage                   no 
_entity_poly.nstd_monomer                   yes 
_entity_poly.pdbx_seq_one_letter_code       
;G(MSE)SDDLTDAQTAAIPEGFSQLNWSRGFGRQIGPLFEHREGPGQARLAFRVEEHHTNGLGNCHGG(MSE)L(MSE)S
FAD(MSE)AWGRIISLQKSYSWVTVRL(MSE)CDFLSGAKLGDWVEGEGELISEED(MSE)LFTVRGRIWAGERTLITGT
GVFKALSARKPRPGELAYKEEA
;
_entity_poly.pdbx_seq_one_letter_code_can   
;GMSDDLTDAQTAAIPEGFSQLNWSRGFGRQIGPLFEHREGPGQARLAFRVEEHHTNGLGNCHGGMLMSFADMAWGRIISL
QKSYSWVTVRLMCDFLSGAKLGDWVEGEGELISEEDMLFTVRGRIWAGERTLITGTGVFKALSARKPRPGELAYKEEA
;
_entity_poly.pdbx_strand_id                 A 
_entity_poly.pdbx_target_identifier         366861 
# 
loop_
_pdbx_entity_nonpoly.entity_id 
_pdbx_entity_nonpoly.name 
_pdbx_entity_nonpoly.comp_id 
2 '2-{2-[2-(2-{2-[2-(2-ETHOXY-ETHOXY)-ETHOXY]-ETHOXY}-ETHOXY)-ETHOXY]-ETHOXY}-ETHANOL' PE4 
3 1,2-ETHANEDIOL                                                                       EDO 
4 water                                                                                HOH 
# 
loop_
_entity_poly_seq.entity_id 
_entity_poly_seq.num 
_entity_poly_seq.mon_id 
_entity_poly_seq.hetero 
1 1   GLY n 
1 2   MSE n 
1 3   SER n 
1 4   ASP n 
1 5   ASP n 
1 6   LEU n 
1 7   THR n 
1 8   ASP n 
1 9   ALA n 
1 10  GLN n 
1 11  THR n 
1 12  ALA n 
1 13  ALA n 
1 14  ILE n 
1 15  PRO n 
1 16  GLU n 
1 17  GLY n 
1 18  PHE n 
1 19  SER n 
1 20  GLN n 
1 21  LEU n 
1 22  ASN n 
1 23  TRP n 
1 24  SER n 
1 25  ARG n 
1 26  GLY n 
1 27  PHE n 
1 28  GLY n 
1 29  ARG n 
1 30  GLN n 
1 31  ILE n 
1 32  GLY n 
1 33  PRO n 
1 34  LEU n 
1 35  PHE n 
1 36  GLU n 
1 37  HIS n 
1 38  ARG n 
1 39  GLU n 
1 40  GLY n 
1 41  PRO n 
1 42  GLY n 
1 43  GLN n 
1 44  ALA n 
1 45  ARG n 
1 46  LEU n 
1 47  ALA n 
1 48  PHE n 
1 49  ARG n 
1 50  VAL n 
1 51  GLU n 
1 52  GLU n 
1 53  HIS n 
1 54  HIS n 
1 55  THR n 
1 56  ASN n 
1 57  GLY n 
1 58  LEU n 
1 59  GLY n 
1 60  ASN n 
1 61  CYS n 
1 62  HIS n 
1 63  GLY n 
1 64  GLY n 
1 65  MSE n 
1 66  LEU n 
1 67  MSE n 
1 68  SER n 
1 69  PHE n 
1 70  ALA n 
1 71  ASP n 
1 72  MSE n 
1 73  ALA n 
1 74  TRP n 
1 75  GLY n 
1 76  ARG n 
1 77  ILE n 
1 78  ILE n 
1 79  SER n 
1 80  LEU n 
1 81  GLN n 
1 82  LYS n 
1 83  SER n 
1 84  TYR n 
1 85  SER n 
1 86  TRP n 
1 87  VAL n 
1 88  THR n 
1 89  VAL n 
1 90  ARG n 
1 91  LEU n 
1 92  MSE n 
1 93  CYS n 
1 94  ASP n 
1 95  PHE n 
1 96  LEU n 
1 97  SER n 
1 98  GLY n 
1 99  ALA n 
1 100 LYS n 
1 101 LEU n 
1 102 GLY n 
1 103 ASP n 
1 104 TRP n 
1 105 VAL n 
1 106 GLU n 
1 107 GLY n 
1 108 GLU n 
1 109 GLY n 
1 110 GLU n 
1 111 LEU n 
1 112 ILE n 
1 113 SER n 
1 114 GLU n 
1 115 GLU n 
1 116 ASP n 
1 117 MSE n 
1 118 LEU n 
1 119 PHE n 
1 120 THR n 
1 121 VAL n 
1 122 ARG n 
1 123 GLY n 
1 124 ARG n 
1 125 ILE n 
1 126 TRP n 
1 127 ALA n 
1 128 GLY n 
1 129 GLU n 
1 130 ARG n 
1 131 THR n 
1 132 LEU n 
1 133 ILE n 
1 134 THR n 
1 135 GLY n 
1 136 THR n 
1 137 GLY n 
1 138 VAL n 
1 139 PHE n 
1 140 LYS n 
1 141 ALA n 
1 142 LEU n 
1 143 SER n 
1 144 ALA n 
1 145 ARG n 
1 146 LYS n 
1 147 PRO n 
1 148 ARG n 
1 149 PRO n 
1 150 GLY n 
1 151 GLU n 
1 152 LEU n 
1 153 ALA n 
1 154 TYR n 
1 155 LYS n 
1 156 GLU n 
1 157 GLU n 
1 158 ALA n 
# 
_entity_src_gen.entity_id                          1 
_entity_src_gen.pdbx_src_id                        1 
_entity_src_gen.pdbx_alt_source_flag               sample 
_entity_src_gen.pdbx_seq_type                      ? 
_entity_src_gen.pdbx_beg_seq_num                   ? 
_entity_src_gen.pdbx_end_seq_num                   ? 
_entity_src_gen.gene_src_common_name               ? 
_entity_src_gen.gene_src_genus                     Caulobacter 
_entity_src_gen.pdbx_gene_src_gene                 np_422103.1 
_entity_src_gen.gene_src_species                   ? 
_entity_src_gen.gene_src_strain                    ? 
_entity_src_gen.gene_src_tissue                    ? 
_entity_src_gen.gene_src_tissue_fraction           ? 
_entity_src_gen.gene_src_details                   ? 
_entity_src_gen.pdbx_gene_src_fragment             ? 
_entity_src_gen.pdbx_gene_src_scientific_name      'Caulobacter vibrioides' 
_entity_src_gen.pdbx_gene_src_ncbi_taxonomy_id     155892 
_entity_src_gen.pdbx_gene_src_variant              ? 
_entity_src_gen.pdbx_gene_src_cell_line            ? 
_entity_src_gen.pdbx_gene_src_atcc                 ? 
_entity_src_gen.pdbx_gene_src_organ                ? 
_entity_src_gen.pdbx_gene_src_organelle            ? 
_entity_src_gen.pdbx_gene_src_cell                 ? 
_entity_src_gen.pdbx_gene_src_cellular_location    ? 
_entity_src_gen.host_org_common_name               ? 
_entity_src_gen.pdbx_host_org_scientific_name      'Escherichia coli' 
_entity_src_gen.pdbx_host_org_ncbi_taxonomy_id     562 
_entity_src_gen.host_org_genus                     Escherichia 
_entity_src_gen.pdbx_host_org_gene                 ? 
_entity_src_gen.pdbx_host_org_organ                ? 
_entity_src_gen.host_org_species                   ? 
_entity_src_gen.pdbx_host_org_tissue               ? 
_entity_src_gen.pdbx_host_org_tissue_fraction      ? 
_entity_src_gen.pdbx_host_org_strain               ? 
_entity_src_gen.pdbx_host_org_variant              ? 
_entity_src_gen.pdbx_host_org_cell_line            ? 
_entity_src_gen.pdbx_host_org_atcc                 ? 
_entity_src_gen.pdbx_host_org_culture_collection   ? 
_entity_src_gen.pdbx_host_org_cell                 ? 
_entity_src_gen.pdbx_host_org_organelle            ? 
_entity_src_gen.pdbx_host_org_cellular_location    ? 
_entity_src_gen.pdbx_host_org_vector_type          Plasmid 
_entity_src_gen.pdbx_host_org_vector               ? 
_entity_src_gen.host_org_details                   ? 
_entity_src_gen.expression_system_id               ? 
_entity_src_gen.plasmid_name                       ? 
_entity_src_gen.plasmid_details                    ? 
_entity_src_gen.pdbx_description                   ? 
# 
loop_
_chem_comp.id 
_chem_comp.type 
_chem_comp.mon_nstd_flag 
_chem_comp.name 
_chem_comp.pdbx_synonyms 
_chem_comp.formula 
_chem_comp.formula_weight 
ALA 'L-peptide linking' y ALANINE                                                                              ? 'C3 H7 N O2'     
89.093  
ARG 'L-peptide linking' y ARGININE                                                                             ? 'C6 H15 N4 O2 1' 
175.209 
ASN 'L-peptide linking' y ASPARAGINE                                                                           ? 'C4 H8 N2 O3'    
132.118 
ASP 'L-peptide linking' y 'ASPARTIC ACID'                                                                      ? 'C4 H7 N O4'     
133.103 
CYS 'L-peptide linking' y CYSTEINE                                                                             ? 'C3 H7 N O2 S'   
121.158 
EDO non-polymer         . 1,2-ETHANEDIOL                                                                       'ETHYLENE GLYCOL' 
'C2 H6 O2'       62.068  
GLN 'L-peptide linking' y GLUTAMINE                                                                            ? 'C5 H10 N2 O3'   
146.144 
GLU 'L-peptide linking' y 'GLUTAMIC ACID'                                                                      ? 'C5 H9 N O4'     
147.129 
GLY 'peptide linking'   y GLYCINE                                                                              ? 'C2 H5 N O2'     
75.067  
HIS 'L-peptide linking' y HISTIDINE                                                                            ? 'C6 H10 N3 O2 1' 
156.162 
HOH non-polymer         . WATER                                                                                ? 'H2 O'           
18.015  
ILE 'L-peptide linking' y ISOLEUCINE                                                                           ? 'C6 H13 N O2'    
131.173 
LEU 'L-peptide linking' y LEUCINE                                                                              ? 'C6 H13 N O2'    
131.173 
LYS 'L-peptide linking' y LYSINE                                                                               ? 'C6 H15 N2 O2 1' 
147.195 
MET 'L-peptide linking' y METHIONINE                                                                           ? 'C5 H11 N O2 S'  
149.211 
MSE 'L-peptide linking' n SELENOMETHIONINE                                                                     ? 'C5 H11 N O2 Se' 
196.106 
PE4 non-polymer         . '2-{2-[2-(2-{2-[2-(2-ETHOXY-ETHOXY)-ETHOXY]-ETHOXY}-ETHOXY)-ETHOXY]-ETHOXY}-ETHANOL' 
'POLYETHYLENE GLYCOL PEG4000' 'C16 H34 O8'     354.436 
PHE 'L-peptide linking' y PHENYLALANINE                                                                        ? 'C9 H11 N O2'    
165.189 
PRO 'L-peptide linking' y PROLINE                                                                              ? 'C5 H9 N O2'     
115.130 
SER 'L-peptide linking' y SERINE                                                                               ? 'C3 H7 N O3'     
105.093 
THR 'L-peptide linking' y THREONINE                                                                            ? 'C4 H9 N O3'     
119.119 
TRP 'L-peptide linking' y TRYPTOPHAN                                                                           ? 'C11 H12 N2 O2'  
204.225 
TYR 'L-peptide linking' y TYROSINE                                                                             ? 'C9 H11 N O3'    
181.189 
VAL 'L-peptide linking' y VALINE                                                                               ? 'C5 H11 N O2'    
117.146 
# 
loop_
_pdbx_poly_seq_scheme.asym_id 
_pdbx_poly_seq_scheme.entity_id 
_pdbx_poly_seq_scheme.seq_id 
_pdbx_poly_seq_scheme.mon_id 
_pdbx_poly_seq_scheme.ndb_seq_num 
_pdbx_poly_seq_scheme.pdb_seq_num 
_pdbx_poly_seq_scheme.auth_seq_num 
_pdbx_poly_seq_scheme.pdb_mon_id 
_pdbx_poly_seq_scheme.auth_mon_id 
_pdbx_poly_seq_scheme.pdb_strand_id 
_pdbx_poly_seq_scheme.pdb_ins_code 
_pdbx_poly_seq_scheme.hetero 
A 1 1   GLY 1   0   ?   ?   ?   A . n 
A 1 2   MSE 2   1   ?   ?   ?   A . n 
A 1 3   SER 3   2   ?   ?   ?   A . n 
A 1 4   ASP 4   3   ?   ?   ?   A . n 
A 1 5   ASP 5   4   ?   ?   ?   A . n 
A 1 6   LEU 6   5   ?   ?   ?   A . n 
A 1 7   THR 7   6   ?   ?   ?   A . n 
A 1 8   ASP 8   7   ?   ?   ?   A . n 
A 1 9   ALA 9   8   ?   ?   ?   A . n 
A 1 10  GLN 10  9   ?   ?   ?   A . n 
A 1 11  THR 11  10  ?   ?   ?   A . n 
A 1 12  ALA 12  11  ?   ?   ?   A . n 
A 1 13  ALA 13  12  12  ALA ALA A . n 
A 1 14  ILE 14  13  13  ILE ILE A . n 
A 1 15  PRO 15  14  14  PRO PRO A . n 
A 1 16  GLU 16  15  15  GLU GLU A . n 
A 1 17  GLY 17  16  16  GLY GLY A . n 
A 1 18  PHE 18  17  17  PHE PHE A . n 
A 1 19  SER 19  18  18  SER SER A . n 
A 1 20  GLN 20  19  19  GLN GLN A . n 
A 1 21  LEU 21  20  20  LEU LEU A . n 
A 1 22  ASN 22  21  21  ASN ASN A . n 
A 1 23  TRP 23  22  22  TRP TRP A . n 
A 1 24  SER 24  23  23  SER SER A . n 
A 1 25  ARG 25  24  24  ARG ARG A . n 
A 1 26  GLY 26  25  25  GLY GLY A . n 
A 1 27  PHE 27  26  26  PHE PHE A . n 
A 1 28  GLY 28  27  27  GLY GLY A . n 
A 1 29  ARG 29  28  28  ARG ARG A . n 
A 1 30  GLN 30  29  29  GLN GLN A . n 
A 1 31  ILE 31  30  30  ILE ILE A . n 
A 1 32  GLY 32  31  31  GLY GLY A . n 
A 1 33  PRO 33  32  32  PRO PRO A . n 
A 1 34  LEU 34  33  33  LEU LEU A . n 
A 1 35  PHE 35  34  34  PHE PHE A . n 
A 1 36  GLU 36  35  35  GLU GLU A . n 
A 1 37  HIS 37  36  36  HIS HIS A . n 
A 1 38  ARG 38  37  37  ARG ARG A . n 
A 1 39  GLU 39  38  38  GLU GLU A . n 
A 1 40  GLY 40  39  39  GLY GLY A . n 
A 1 41  PRO 41  40  40  PRO PRO A . n 
A 1 42  GLY 42  41  41  GLY GLY A . n 
A 1 43  GLN 43  42  42  GLN GLN A . n 
A 1 44  ALA 44  43  43  ALA ALA A . n 
A 1 45  ARG 45  44  44  ARG ARG A . n 
A 1 46  LEU 46  45  45  LEU LEU A . n 
A 1 47  ALA 47  46  46  ALA ALA A . n 
A 1 48  PHE 48  47  47  PHE PHE A . n 
A 1 49  ARG 49  48  48  ARG ARG A . n 
A 1 50  VAL 50  49  49  VAL VAL A . n 
A 1 51  GLU 51  50  50  GLU GLU A . n 
A 1 52  GLU 52  51  51  GLU GLU A . n 
A 1 53  HIS 53  52  52  HIS HIS A . n 
A 1 54  HIS 54  53  53  HIS HIS A . n 
A 1 55  THR 55  54  54  THR THR A . n 
A 1 56  ASN 56  55  55  ASN ASN A . n 
A 1 57  GLY 57  56  56  GLY GLY A . n 
A 1 58  LEU 58  57  57  LEU LEU A . n 
A 1 59  GLY 59  58  58  GLY GLY A . n 
A 1 60  ASN 60  59  59  ASN ASN A . n 
A 1 61  CYS 61  60  60  CYS CYS A . n 
A 1 62  HIS 62  61  61  HIS HIS A . n 
A 1 63  GLY 63  62  62  GLY GLY A . n 
A 1 64  GLY 64  63  63  GLY GLY A . n 
A 1 65  MSE 65  64  64  MSE MSE A . n 
A 1 66  LEU 66  65  65  LEU LEU A . n 
A 1 67  MSE 67  66  66  MSE MSE A . n 
A 1 68  SER 68  67  67  SER SER A . n 
A 1 69  PHE 69  68  68  PHE PHE A . n 
A 1 70  ALA 70  69  69  ALA ALA A . n 
A 1 71  ASP 71  70  70  ASP ASP A . n 
A 1 72  MSE 72  71  71  MSE MSE A . n 
A 1 73  ALA 73  72  72  ALA ALA A . n 
A 1 74  TRP 74  73  73  TRP TRP A . n 
A 1 75  GLY 75  74  74  GLY GLY A . n 
A 1 76  ARG 76  75  75  ARG ARG A . n 
A 1 77  ILE 77  76  76  ILE ILE A . n 
A 1 78  ILE 78  77  77  ILE ILE A . n 
A 1 79  SER 79  78  78  SER SER A . n 
A 1 80  LEU 80  79  79  LEU LEU A . n 
A 1 81  GLN 81  80  80  GLN GLN A . n 
A 1 82  LYS 82  81  81  LYS LYS A . n 
A 1 83  SER 83  82  82  SER SER A . n 
A 1 84  TYR 84  83  83  TYR TYR A . n 
A 1 85  SER 85  84  84  SER SER A . n 
A 1 86  TRP 86  85  85  TRP TRP A . n 
A 1 87  VAL 87  86  86  VAL VAL A . n 
A 1 88  THR 88  87  87  THR THR A . n 
A 1 89  VAL 89  88  88  VAL VAL A . n 
A 1 90  ARG 90  89  89  ARG ARG A . n 
A 1 91  LEU 91  90  90  LEU LEU A . n 
A 1 92  MSE 92  91  91  MSE MSE A . n 
A 1 93  CYS 93  92  92  CYS CYS A . n 
A 1 94  ASP 94  93  93  ASP ASP A . n 
A 1 95  PHE 95  94  94  PHE PHE A . n 
A 1 96  LEU 96  95  95  LEU LEU A . n 
A 1 97  SER 97  96  96  SER SER A . n 
A 1 98  GLY 98  97  97  GLY GLY A . n 
A 1 99  ALA 99  98  98  ALA ALA A . n 
A 1 100 LYS 100 99  99  LYS LYS A . n 
A 1 101 LEU 101 100 100 LEU LEU A . n 
A 1 102 GLY 102 101 101 GLY GLY A . n 
A 1 103 ASP 103 102 102 ASP ASP A . n 
A 1 104 TRP 104 103 103 TRP TRP A . n 
A 1 105 VAL 105 104 104 VAL VAL A . n 
A 1 106 GLU 106 105 105 GLU GLU A . n 
A 1 107 GLY 107 106 106 GLY GLY A . n 
A 1 108 GLU 108 107 107 GLU GLU A . n 
A 1 109 GLY 109 108 108 GLY GLY A . n 
A 1 110 GLU 110 109 109 GLU GLU A . n 
A 1 111 LEU 111 110 110 LEU LEU A . n 
A 1 112 ILE 112 111 111 ILE ILE A . n 
A 1 113 SER 113 112 112 SER SER A . n 
A 1 114 GLU 114 113 113 GLU GLU A . n 
A 1 115 GLU 115 114 114 GLU GLU A . n 
A 1 116 ASP 116 115 115 ASP ASP A . n 
A 1 117 MSE 117 116 116 MSE MSE A . n 
A 1 118 LEU 118 117 117 LEU LEU A . n 
A 1 119 PHE 119 118 118 PHE PHE A . n 
A 1 120 THR 120 119 119 THR THR A . n 
A 1 121 VAL 121 120 120 VAL VAL A . n 
A 1 122 ARG 122 121 121 ARG ARG A . n 
A 1 123 GLY 123 122 122 GLY GLY A . n 
A 1 124 ARG 124 123 123 ARG ARG A . n 
A 1 125 ILE 125 124 124 ILE ILE A . n 
A 1 126 TRP 126 125 125 TRP TRP A . n 
A 1 127 ALA 127 126 126 ALA ALA A . n 
A 1 128 GLY 128 127 127 GLY GLY A . n 
A 1 129 GLU 129 128 128 GLU GLU A . n 
A 1 130 ARG 130 129 129 ARG ARG A . n 
A 1 131 THR 131 130 130 THR THR A . n 
A 1 132 LEU 132 131 131 LEU LEU A . n 
A 1 133 ILE 133 132 132 ILE ILE A . n 
A 1 134 THR 134 133 133 THR THR A . n 
A 1 135 GLY 135 134 134 GLY GLY A . n 
A 1 136 THR 136 135 135 THR THR A . n 
A 1 137 GLY 137 136 136 GLY GLY A . n 
A 1 138 VAL 138 137 137 VAL VAL A . n 
A 1 139 PHE 139 138 138 PHE PHE A . n 
A 1 140 LYS 140 139 139 LYS LYS A . n 
A 1 141 ALA 141 140 140 ALA ALA A . n 
A 1 142 LEU 142 141 141 LEU LEU A . n 
A 1 143 SER 143 142 142 SER SER A . n 
A 1 144 ALA 144 143 143 ALA ALA A . n 
A 1 145 ARG 145 144 144 ARG ARG A . n 
A 1 146 LYS 146 145 145 LYS LYS A . n 
A 1 147 PRO 147 146 146 PRO PRO A . n 
A 1 148 ARG 148 147 147 ARG ARG A . n 
A 1 149 PRO 149 148 148 PRO PRO A . n 
A 1 150 GLY 150 149 149 GLY GLY A . n 
A 1 151 GLU 151 150 150 GLU GLU A . n 
A 1 152 LEU 152 151 151 LEU LEU A . n 
A 1 153 ALA 153 152 152 ALA ALA A . n 
A 1 154 TYR 154 153 153 TYR TYR A . n 
A 1 155 LYS 155 154 ?   ?   ?   A . n 
A 1 156 GLU 156 155 ?   ?   ?   A . n 
A 1 157 GLU 157 156 ?   ?   ?   A . n 
A 1 158 ALA 158 157 ?   ?   ?   A . n 
# 
loop_
_pdbx_nonpoly_scheme.asym_id 
_pdbx_nonpoly_scheme.entity_id 
_pdbx_nonpoly_scheme.mon_id 
_pdbx_nonpoly_scheme.ndb_seq_num 
_pdbx_nonpoly_scheme.pdb_seq_num 
_pdbx_nonpoly_scheme.auth_seq_num 
_pdbx_nonpoly_scheme.pdb_mon_id 
_pdbx_nonpoly_scheme.auth_mon_id 
_pdbx_nonpoly_scheme.pdb_strand_id 
_pdbx_nonpoly_scheme.pdb_ins_code 
B 2 PE4 1  158 1  PE4 PE4 A . 
C 3 EDO 1  159 2  EDO EDO A . 
D 3 EDO 1  160 3  EDO EDO A . 
E 4 HOH 1  161 4  HOH HOH A . 
E 4 HOH 2  162 5  HOH HOH A . 
E 4 HOH 3  163 6  HOH HOH A . 
E 4 HOH 4  164 7  HOH HOH A . 
E 4 HOH 5  165 8  HOH HOH A . 
E 4 HOH 6  166 9  HOH HOH A . 
E 4 HOH 7  167 10 HOH HOH A . 
E 4 HOH 8  168 11 HOH HOH A . 
E 4 HOH 9  169 12 HOH HOH A . 
E 4 HOH 10 170 13 HOH HOH A . 
E 4 HOH 11 171 14 HOH HOH A . 
E 4 HOH 12 172 15 HOH HOH A . 
E 4 HOH 13 173 16 HOH HOH A . 
E 4 HOH 14 174 17 HOH HOH A . 
E 4 HOH 15 175 18 HOH HOH A . 
E 4 HOH 16 176 19 HOH HOH A . 
E 4 HOH 17 177 20 HOH HOH A . 
E 4 HOH 18 178 21 HOH HOH A . 
E 4 HOH 19 179 22 HOH HOH A . 
E 4 HOH 20 180 23 HOH HOH A . 
E 4 HOH 21 181 24 HOH HOH A . 
E 4 HOH 22 182 25 HOH HOH A . 
E 4 HOH 23 183 26 HOH HOH A . 
E 4 HOH 24 184 27 HOH HOH A . 
E 4 HOH 25 185 28 HOH HOH A . 
E 4 HOH 26 186 29 HOH HOH A . 
E 4 HOH 27 187 30 HOH HOH A . 
E 4 HOH 28 188 31 HOH HOH A . 
E 4 HOH 29 189 32 HOH HOH A . 
E 4 HOH 30 190 33 HOH HOH A . 
E 4 HOH 31 191 34 HOH HOH A . 
E 4 HOH 32 192 35 HOH HOH A . 
E 4 HOH 33 193 36 HOH HOH A . 
E 4 HOH 34 194 37 HOH HOH A . 
E 4 HOH 35 195 38 HOH HOH A . 
E 4 HOH 36 196 39 HOH HOH A . 
E 4 HOH 37 197 40 HOH HOH A . 
E 4 HOH 38 198 41 HOH HOH A . 
E 4 HOH 39 199 42 HOH HOH A . 
E 4 HOH 40 200 43 HOH HOH A . 
E 4 HOH 41 201 44 HOH HOH A . 
E 4 HOH 42 202 45 HOH HOH A . 
E 4 HOH 43 203 46 HOH HOH A . 
E 4 HOH 44 204 47 HOH HOH A . 
E 4 HOH 45 205 48 HOH HOH A . 
E 4 HOH 46 206 49 HOH HOH A . 
E 4 HOH 47 207 50 HOH HOH A . 
E 4 HOH 48 208 51 HOH HOH A . 
E 4 HOH 49 209 52 HOH HOH A . 
E 4 HOH 50 210 53 HOH HOH A . 
E 4 HOH 51 211 54 HOH HOH A . 
E 4 HOH 52 212 55 HOH HOH A . 
E 4 HOH 53 213 56 HOH HOH A . 
E 4 HOH 54 214 57 HOH HOH A . 
E 4 HOH 55 215 58 HOH HOH A . 
E 4 HOH 56 216 59 HOH HOH A . 
E 4 HOH 57 217 60 HOH HOH A . 
E 4 HOH 58 218 61 HOH HOH A . 
E 4 HOH 59 219 62 HOH HOH A . 
E 4 HOH 60 220 63 HOH HOH A . 
E 4 HOH 61 221 64 HOH HOH A . 
E 4 HOH 62 222 65 HOH HOH A . 
E 4 HOH 63 223 66 HOH HOH A . 
E 4 HOH 64 224 67 HOH HOH A . 
# 
loop_
_pdbx_unobs_or_zero_occ_atoms.id 
_pdbx_unobs_or_zero_occ_atoms.PDB_model_num 
_pdbx_unobs_or_zero_occ_atoms.polymer_flag 
_pdbx_unobs_or_zero_occ_atoms.occupancy_flag 
_pdbx_unobs_or_zero_occ_atoms.auth_asym_id 
_pdbx_unobs_or_zero_occ_atoms.auth_comp_id 
_pdbx_unobs_or_zero_occ_atoms.auth_seq_id 
_pdbx_unobs_or_zero_occ_atoms.PDB_ins_code 
_pdbx_unobs_or_zero_occ_atoms.auth_atom_id 
_pdbx_unobs_or_zero_occ_atoms.label_alt_id 
_pdbx_unobs_or_zero_occ_atoms.label_asym_id 
_pdbx_unobs_or_zero_occ_atoms.label_comp_id 
_pdbx_unobs_or_zero_occ_atoms.label_seq_id 
_pdbx_unobs_or_zero_occ_atoms.label_atom_id 
1  1 Y 1 A GLU 15  ? CD  ? A GLU 16  CD  
2  1 Y 1 A GLU 15  ? OE1 ? A GLU 16  OE1 
3  1 Y 1 A GLU 15  ? OE2 ? A GLU 16  OE2 
4  1 Y 1 A SER 23  ? OG  ? A SER 24  OG  
5  1 Y 1 A ARG 24  ? NE  ? A ARG 25  NE  
6  1 Y 1 A ARG 24  ? CZ  ? A ARG 25  CZ  
7  1 Y 1 A ARG 24  ? NH1 ? A ARG 25  NH1 
8  1 Y 1 A ARG 24  ? NH2 ? A ARG 25  NH2 
9  1 Y 1 A GLU 38  ? CD  ? A GLU 39  CD  
10 1 Y 1 A GLU 38  ? OE1 ? A GLU 39  OE1 
11 1 Y 1 A GLU 38  ? OE2 ? A GLU 39  OE2 
12 1 Y 1 A GLU 51  ? CD  ? A GLU 52  CD  
13 1 Y 1 A GLU 51  ? OE1 ? A GLU 52  OE1 
14 1 Y 1 A GLU 51  ? OE2 ? A GLU 52  OE2 
15 1 Y 1 A LYS 99  ? CD  ? A LYS 100 CD  
16 1 Y 1 A LYS 99  ? CE  ? A LYS 100 CE  
17 1 Y 1 A LYS 99  ? NZ  ? A LYS 100 NZ  
18 1 Y 1 A GLU 109 ? CD  ? A GLU 110 CD  
19 1 Y 1 A GLU 109 ? OE1 ? A GLU 110 OE1 
20 1 Y 1 A GLU 109 ? OE2 ? A GLU 110 OE2 
21 1 Y 1 A ARG 121 ? NE  ? A ARG 122 NE  
22 1 Y 1 A ARG 121 ? CZ  ? A ARG 122 CZ  
23 1 Y 1 A ARG 121 ? NH1 ? A ARG 122 NH1 
24 1 Y 1 A ARG 121 ? NH2 ? A ARG 122 NH2 
25 1 N 1 A PE4 158 ? C16 ? B PE4 1   C16 
# 
loop_
_software.name 
_software.version 
_software.date 
_software.type 
_software.contact_author 
_software.contact_author_email 
_software.classification 
_software.location 
_software.language 
_software.citation_id 
_software.pdbx_ordinal 
MolProbity  3beta29  ?                package 'D.C. & J.S. Richardson lab' molprobity@kinemage.biochem.duke.edu 'model building'  
http://kinemage.biochem.duke.edu/molprobity/     ?          ? 1 
REFMAC      5.2.0005 ?                program 'Murshudov, G.N.'            ccp4@dl.ac.uk                        refinement        
http://www.ccp4.ac.uk/main.html                  Fortran_77 ? 2 
SCALEPACK   .        ?                package 'Zbyszek Otwinowski'         zbyszek@mix.swmed.edu                'data scaling'    
http://www.lnls.br/infra/linhasluz/denzo-hkl.htm ?          ? 3 
PDB_EXTRACT 2.000    'April. 3, 2006' package PDB                          sw-help@rcsb.rutgers.edu             'data extraction' 
http://pdb.rutgers.edu/software/                 C++        ? 4 
# 
_cell.entry_id           2HBO 
_cell.length_a           53.440 
_cell.length_b           53.440 
_cell.length_c           99.090 
_cell.angle_alpha        90.000 
_cell.angle_beta         90.000 
_cell.angle_gamma        90.000 
_cell.pdbx_unique_axis   ? 
_cell.Z_PDB              8 
_cell.length_a_esd       ? 
_cell.length_b_esd       ? 
_cell.length_c_esd       ? 
_cell.angle_alpha_esd    ? 
_cell.angle_beta_esd     ? 
_cell.angle_gamma_esd    ? 
# 
_symmetry.entry_id                         2HBO 
_symmetry.Int_Tables_number                94 
_symmetry.space_group_name_H-M             'P 42 21 2' 
_symmetry.pdbx_full_space_group_name_H-M   ? 
_symmetry.cell_setting                     ? 
_symmetry.space_group_name_Hall            ? 
# 
_exptl.crystals_number   2 
_exptl.method            'X-RAY DIFFRACTION' 
_exptl.entry_id          2HBO 
# 
loop_
_exptl_crystal.id 
_exptl_crystal.density_percent_sol 
_exptl_crystal.density_Matthews 
_exptl_crystal.description 
_exptl_crystal.density_meas 
_exptl_crystal.F_000 
_exptl_crystal.preparation 
1 41.08 2.10 
;DATA FROM A SE-MET CONTAINING CRYSTAL IN SPACEGROUP P4(3)2(1)2 WAS USED FOR THE
 MAD PHASING EXPERIMENTS AT 2.1 ANGSTROMS RESOLUTION. THIS MAD STRUCTURE WAS USE
D AS A MOLECULAR REPLACEMENT MODEL TO PHASE THIS STRUCTURE AT 1.85 ANGSTROMS RES
OLUTION IN THE P4(2)2(1)2 SPACEGROUP.
;
? ? ? 
2 ?     ?    
;DATA FROM A SE-MET CONTAINING CRYSTAL IN SPACEGROUP P4(3)2(1)2 WAS USED FOR THE
 MAD PHASING EXPERIMENTS AT 2.1 ANGSTROMS RESOLUTION. THIS MAD STRUCTURE WAS USE
D AS A MOLECULAR REPLACEMENT MODEL TO PHASE THIS STRUCTURE AT 1.85 ANGSTROMS RES
OLUTION IN THE P4(2)2(1)2 SPACEGROUP.
;
? ? ? 
# 
loop_
_exptl_crystal_grow.crystal_id 
_exptl_crystal_grow.method 
_exptl_crystal_grow.pH 
_exptl_crystal_grow.temp 
_exptl_crystal_grow.pdbx_details 
_exptl_crystal_grow.temp_details 
_exptl_crystal_grow.pdbx_pH_range 
1 'VAPOR DIFFUSION, SITTING DROP, NANODROP' 6.6 277 
'0.2M NH4Formate, 20.0% PEG-3350, No Buffer, pH 6.6, VAPOR DIFFUSION, SITTING DROP, NANODROP, temperature 277K' ? . 
2 'VAPOR DIFFUSION, SITTING DROP, NANODROP' 4.2 277 
'40.0% PEG-300, 0.1M Phosphate Citrate, pH 4.2, VAPOR DIFFUSION, SITTING DROP, NANODROP, temperature 277K'      ? . 
# 
loop_
_diffrn.id 
_diffrn.ambient_temp 
_diffrn.ambient_temp_details 
_diffrn.crystal_id 
1 100 ? 1 
2 100 ? 2 
# 
loop_
_diffrn_detector.diffrn_id 
_diffrn_detector.detector 
_diffrn_detector.type 
_diffrn_detector.details 
_diffrn_detector.pdbx_collection_date 
1 CCD 'MARMOSAIC 325 mm CCD' 'Flat collimating mirror, toroid focusing mirror' 2006-05-14 
2 CCD 'ADSC QUANTUM 315'     'Flat mirror (vertical focusing)'                 2006-05-08 
# 
loop_
_diffrn_radiation.diffrn_id 
_diffrn_radiation.pdbx_monochromatic_or_laue_m_l 
_diffrn_radiation.monochromator 
_diffrn_radiation.pdbx_diffrn_protocol 
_diffrn_radiation.wavelength_id 
_diffrn_radiation.pdbx_scattering_type 
1 M ?                                                                 'SINGLE WAVELENGTH' 1 x-ray 
2 M 'Single crystal Si(111) bent monochromator (horizontal focusing)' MAD                 2 x-ray 
# 
loop_
_diffrn_radiation_wavelength.id 
_diffrn_radiation_wavelength.wavelength 
_diffrn_radiation_wavelength.wt 
1 0.91162  1.0 
2 0.979008 1.0 
3 0.979318 1.0 
4 0.918370 1.0 
# 
loop_
_diffrn_source.diffrn_id 
_diffrn_source.source 
_diffrn_source.pdbx_synchrotron_beamline 
_diffrn_source.type 
_diffrn_source.pdbx_wavelength 
_diffrn_source.pdbx_wavelength_list 
_diffrn_source.pdbx_synchrotron_site 
1 SYNCHROTRON BL9-2  'SSRL BEAMLINE BL9-2'  0.91162 ?                              SSRL 
2 SYNCHROTRON BL11-1 'SSRL BEAMLINE BL11-1' ?       '0.979008, 0.979318, 0.918370' SSRL 
# 
_reflns.entry_id                     2HBO 
_reflns.d_resolution_high            1.850 
_reflns.d_resolution_low             50.000 
_reflns.number_obs                   12896 
_reflns.pdbx_Rmerge_I_obs            0.073 
_reflns.pdbx_netI_over_sigmaI        13.700 
_reflns.pdbx_chi_squared             0.973 
_reflns.pdbx_redundancy              6.800 
_reflns.percent_possible_obs         99.800 
_reflns.observed_criterion_sigma_F   ? 
_reflns.observed_criterion_sigma_I   ? 
_reflns.number_all                   ? 
_reflns.pdbx_Rsym_value              ? 
_reflns.B_iso_Wilson_estimate        ? 
_reflns.R_free_details               ? 
_reflns.limit_h_max                  ? 
_reflns.limit_h_min                  ? 
_reflns.limit_k_max                  ? 
_reflns.limit_k_min                  ? 
_reflns.limit_l_max                  ? 
_reflns.limit_l_min                  ? 
_reflns.observed_criterion_F_max     ? 
_reflns.observed_criterion_F_min     ? 
_reflns.pdbx_scaling_rejects         ? 
_reflns.pdbx_ordinal                 1 
_reflns.pdbx_diffrn_id               1,2 
# 
loop_
_reflns_shell.d_res_high 
_reflns_shell.d_res_low 
_reflns_shell.number_measured_obs 
_reflns_shell.number_measured_all 
_reflns_shell.number_unique_obs 
_reflns_shell.Rmerge_I_obs 
_reflns_shell.meanI_over_sigI_obs 
_reflns_shell.pdbx_Rsym_value 
_reflns_shell.pdbx_chi_squared 
_reflns_shell.pdbx_redundancy 
_reflns_shell.percent_possible_obs 
_reflns_shell.number_unique_all 
_reflns_shell.percent_possible_all 
_reflns_shell.pdbx_ordinal 
_reflns_shell.pdbx_diffrn_id 
1.85 1.90  ? ? ? 0.805 ? ? 0.974 5.50 ? 887  100.00 1  1,2 
1.90 1.95  ? ? ? 0.6   ? ? 1.037 6.90 ? 900  100.00 2  1,2 
1.95 2.00  ? ? ? 0.495 ? ? 1.008 7.10 ? 884  100.00 3  1,2 
2.00 2.07  ? ? ? 0.397 ? ? 0.996 7.10 ? 912  100.00 4  1,2 
2.07 2.14  ? ? ? 0.317 ? ? 0.919 7.10 ? 904  100.00 5  1,2 
2.14 2.23  ? ? ? 0.223 ? ? 0.954 7.10 ? 899  100.00 6  1,2 
2.23 2.33  ? ? ? 0.198 ? ? 0.961 7.10 ? 901  100.00 7  1,2 
2.33 2.45  ? ? ? 0.161 ? ? 1.077 7.10 ? 909  100.00 8  1,2 
2.45 2.61  ? ? ? 0.126 ? ? 0.978 7.10 ? 918  100.00 9  1,2 
2.61 2.81  ? ? ? 0.096 ? ? 0.964 7.10 ? 922  100.00 10 1,2 
2.81 3.09  ? ? ? 0.07  ? ? 0.923 7.00 ? 920  100.00 11 1,2 
3.09 3.54  ? ? ? 0.054 ? ? 1.062 6.90 ? 950  99.90  12 1,2 
3.54 4.46  ? ? ? 0.043 ? ? 0.863 6.60 ? 957  99.50  13 1,2 
4.46 50.00 ? ? ? 0.052 ? ? 0.896 6.00 ? 1033 98.70  14 1,2 
# 
_refine.entry_id                                 2HBO 
_refine.ls_d_res_high                            1.850 
_refine.ls_d_res_low                             28.10 
_refine.pdbx_ls_sigma_F                          0.00 
_refine.ls_percent_reflns_obs                    99.760 
_refine.ls_number_reflns_obs                     12846 
_refine.pdbx_ls_cross_valid_method               THROUGHOUT 
_refine.pdbx_R_Free_selection_details            RANDOM 
_refine.details                                  
;1. HYDROGENS HAVE BEEN ADDED IN THE RIDING POSITIONS. 2. A MET-INHIBITION PROTOCOL WAS USED FOR SELENOMETHIONINE INCORPORATION DURING PROTEIN EXPRESSION. THE OCCUPANCY OF THE SE ATOMS IN THE MSE RESIDUES WAS REDUCED TO 0.75 FOR THE REDUCED SCATTERING POWER DUE TO PARTIAL S-MET INCORPORATION. 3. PEG-3350 HAS BEEN PARTIALLED MODELED AS PE4. 4. THERE ARE SOME POSITIVE DIFFERENCE DENSITIES AROUND PEG THAT SUGGEST THAT PEG MOLECULE MIGHT OCCUPY ALTERNATE CONFORMATIONS WITH PARTIAL OCCUPANCIES. 5. ETHYLENE GLYCOL (EDO) FROM CRYO CONDITION HAS BEEN MODELED. 6. ATOM RECORDS CONTAIN RESIDUAL B FACTORS ONLY.
;
_refine.ls_R_factor_all                          ? 
_refine.ls_R_factor_R_work                       0.208 
_refine.ls_R_factor_R_free                       0.244 
_refine.ls_percent_reflns_R_free                 4.900 
_refine.ls_number_reflns_R_free                  628 
_refine.B_iso_mean                               36.857 
_refine.aniso_B[1][1]                            -1.750 
_refine.aniso_B[2][2]                            -1.750 
_refine.aniso_B[3][3]                            3.510 
_refine.aniso_B[1][2]                            0.000 
_refine.aniso_B[1][3]                            0.000 
_refine.aniso_B[2][3]                            0.000 
_refine.correlation_coeff_Fo_to_Fc               0.957 
_refine.correlation_coeff_Fo_to_Fc_free          0.946 
_refine.pdbx_overall_ESU_R                       0.158 
_refine.pdbx_overall_ESU_R_Free                  0.144 
_refine.overall_SU_ML                            0.117 
_refine.overall_SU_B                             8.068 
_refine.solvent_model_details                    'BABINET MODEL WITH MASK' 
_refine.pdbx_solvent_vdw_probe_radii             1.200 
_refine.pdbx_solvent_ion_probe_radii             0.800 
_refine.pdbx_solvent_shrinkage_radii             0.800 
_refine.pdbx_method_to_determine_struct          MAD 
_refine.pdbx_stereochemistry_target_values       'MAXIMUM LIKELIHOOD' 
_refine.pdbx_ls_sigma_I                          ? 
_refine.ls_number_reflns_all                     ? 
_refine.ls_R_factor_obs                          0.21 
_refine.ls_redundancy_reflns_obs                 ? 
_refine.pdbx_data_cutoff_high_absF               ? 
_refine.pdbx_data_cutoff_low_absF                ? 
_refine.ls_number_parameters                     ? 
_refine.ls_number_restraints                     ? 
_refine.ls_R_factor_R_free_error                 ? 
_refine.ls_R_factor_R_free_error_details         ? 
_refine.pdbx_starting_model                      ? 
_refine.pdbx_stereochem_target_val_spec_case     ? 
_refine.solvent_model_param_bsol                 ? 
_refine.solvent_model_param_ksol                 ? 
_refine.occupancy_max                            ? 
_refine.occupancy_min                            ? 
_refine.pdbx_isotropic_thermal_model             ? 
_refine.B_iso_min                                ? 
_refine.B_iso_max                                ? 
_refine.overall_SU_R_Cruickshank_DPI             ? 
_refine.overall_SU_R_free                        ? 
_refine.pdbx_data_cutoff_high_rms_absF           ? 
_refine.ls_wR_factor_R_free                      ? 
_refine.ls_wR_factor_R_work                      ? 
_refine.overall_FOM_free_R_set                   ? 
_refine.overall_FOM_work_R_set                   ? 
_refine.pdbx_refine_id                           'X-RAY DIFFRACTION' 
_refine.pdbx_TLS_residual_ADP_flag               'LIKELY RESIDUAL' 
_refine.pdbx_diffrn_id                           1 
_refine.pdbx_overall_phase_error                 ? 
_refine.pdbx_overall_SU_R_free_Cruickshank_DPI   ? 
_refine.pdbx_overall_SU_R_Blow_DPI               ? 
_refine.pdbx_overall_SU_R_free_Blow_DPI          ? 
# 
_refine_hist.pdbx_refine_id                   'X-RAY DIFFRACTION' 
_refine_hist.cycle_id                         LAST 
_refine_hist.pdbx_number_atoms_protein        1089 
_refine_hist.pdbx_number_atoms_nucleic_acid   0 
_refine_hist.pdbx_number_atoms_ligand         31 
_refine_hist.number_atoms_solvent             64 
_refine_hist.number_atoms_total               1184 
_refine_hist.d_res_high                       1.850 
_refine_hist.d_res_low                        28.10 
# 
loop_
_refine_ls_restr.type 
_refine_ls_restr.number 
_refine_ls_restr.dev_ideal 
_refine_ls_restr.dev_ideal_target 
_refine_ls_restr.weight 
_refine_ls_restr.pdbx_refine_id 
_refine_ls_restr.pdbx_restraint_function 
r_bond_refined_d         1165 0.016  0.022  ? 'X-RAY DIFFRACTION' ? 
r_bond_other_d           1094 0.002  0.020  ? 'X-RAY DIFFRACTION' ? 
r_angle_refined_deg      1562 1.560  1.952  ? 'X-RAY DIFFRACTION' ? 
r_angle_other_deg        2516 0.823  3.000  ? 'X-RAY DIFFRACTION' ? 
r_dihedral_angle_1_deg   147  6.901  5.000  ? 'X-RAY DIFFRACTION' ? 
r_dihedral_angle_2_deg   49   29.090 21.633 ? 'X-RAY DIFFRACTION' ? 
r_dihedral_angle_3_deg   187  14.465 15.000 ? 'X-RAY DIFFRACTION' ? 
r_dihedral_angle_4_deg   11   18.817 15.000 ? 'X-RAY DIFFRACTION' ? 
r_chiral_restr           159  0.084  0.200  ? 'X-RAY DIFFRACTION' ? 
r_gen_planes_refined     1290 0.006  0.020  ? 'X-RAY DIFFRACTION' ? 
r_gen_planes_other       264  0.001  0.020  ? 'X-RAY DIFFRACTION' ? 
r_nbd_refined            212  0.223  0.200  ? 'X-RAY DIFFRACTION' ? 
r_nbd_other              1169 0.203  0.200  ? 'X-RAY DIFFRACTION' ? 
r_nbtor_refined          555  0.180  0.200  ? 'X-RAY DIFFRACTION' ? 
r_nbtor_other            716  0.085  0.200  ? 'X-RAY DIFFRACTION' ? 
r_xyhbond_nbd_refined    56   0.143  0.200  ? 'X-RAY DIFFRACTION' ? 
r_symmetry_vdw_refined   18   0.126  0.200  ? 'X-RAY DIFFRACTION' ? 
r_symmetry_vdw_other     75   0.192  0.200  ? 'X-RAY DIFFRACTION' ? 
r_symmetry_hbond_refined 16   0.128  0.200  ? 'X-RAY DIFFRACTION' ? 
r_mcbond_it              752  1.598  2.000  ? 'X-RAY DIFFRACTION' ? 
r_mcbond_other           304  0.297  2.000  ? 'X-RAY DIFFRACTION' ? 
r_mcangle_it             1115 2.338  4.000  ? 'X-RAY DIFFRACTION' ? 
r_scbond_it              519  3.382  4.000  ? 'X-RAY DIFFRACTION' ? 
r_scangle_it             444  4.120  6.000  ? 'X-RAY DIFFRACTION' ? 
# 
_refine_ls_shell.d_res_high                       1.850 
_refine_ls_shell.d_res_low                        1.898 
_refine_ls_shell.pdbx_total_number_of_bins_used   20 
_refine_ls_shell.percent_reflns_obs               98.370 
_refine_ls_shell.number_reflns_R_work             867 
_refine_ls_shell.R_factor_all                     ? 
_refine_ls_shell.R_factor_R_work                  0.298 
_refine_ls_shell.R_factor_R_free                  0.359 
_refine_ls_shell.percent_reflns_R_free            ? 
_refine_ls_shell.number_reflns_R_free             38 
_refine_ls_shell.R_factor_R_free_error            ? 
_refine_ls_shell.number_reflns_all                ? 
_refine_ls_shell.number_reflns_obs                905 
_refine_ls_shell.redundancy_reflns_obs            ? 
_refine_ls_shell.pdbx_refine_id                   'X-RAY DIFFRACTION' 
# 
_struct.entry_id                  2HBO 
_struct.title                     
'Crystal structure of a thioesterase superfamily protein (cc_3309) from caulobacter vibrioides at 1.85 A resolution' 
_struct.pdbx_model_details        ? 
_struct.pdbx_CASP_flag            ? 
_struct.pdbx_model_type_details   ? 
# 
_struct_keywords.text            
;Thioesterase/thiol ester dehydrase-isomerase fold, structural genomics, Joint Center for Structural Genomics, JCSG, Protein Structure Initiative, PSI-2, hydrolase
;
_struct_keywords.pdbx_keywords   HYDROLASE 
_struct_keywords.entry_id        2HBO 
# 
loop_
_struct_asym.id 
_struct_asym.pdbx_blank_PDB_chainid_flag 
_struct_asym.pdbx_modified 
_struct_asym.entity_id 
_struct_asym.details 
A N N 1 ? 
B N N 2 ? 
C N N 3 ? 
D N N 3 ? 
E N N 4 ? 
# 
_struct_ref.id                         1 
_struct_ref.db_name                    UNP 
_struct_ref.db_code                    Q9A395_CAUCR 
_struct_ref.pdbx_db_accession          Q9A395 
_struct_ref.entity_id                  1 
_struct_ref.pdbx_align_begin           1 
_struct_ref.pdbx_db_isoform            ? 
_struct_ref.pdbx_seq_one_letter_code   ? 
# 
_struct_ref_seq.align_id                      1 
_struct_ref_seq.ref_id                        1 
_struct_ref_seq.pdbx_PDB_id_code              2HBO 
_struct_ref_seq.pdbx_strand_id                A 
_struct_ref_seq.seq_align_beg                 2 
_struct_ref_seq.pdbx_seq_align_beg_ins_code   ? 
_struct_ref_seq.seq_align_end                 158 
_struct_ref_seq.pdbx_seq_align_end_ins_code   ? 
_struct_ref_seq.pdbx_db_accession             Q9A395 
_struct_ref_seq.db_align_beg                  1 
_struct_ref_seq.pdbx_db_align_beg_ins_code    ? 
_struct_ref_seq.db_align_end                  157 
_struct_ref_seq.pdbx_db_align_end_ins_code    ? 
_struct_ref_seq.pdbx_auth_seq_align_beg       1 
_struct_ref_seq.pdbx_auth_seq_align_end       157 
# 
loop_
_struct_ref_seq_dif.align_id 
_struct_ref_seq_dif.pdbx_pdb_id_code 
_struct_ref_seq_dif.mon_id 
_struct_ref_seq_dif.pdbx_pdb_strand_id 
_struct_ref_seq_dif.seq_num 
_struct_ref_seq_dif.pdbx_pdb_ins_code 
_struct_ref_seq_dif.pdbx_seq_db_name 
_struct_ref_seq_dif.pdbx_seq_db_accession_code 
_struct_ref_seq_dif.db_mon_id 
_struct_ref_seq_dif.pdbx_seq_db_seq_num 
_struct_ref_seq_dif.details 
_struct_ref_seq_dif.pdbx_auth_seq_num 
_struct_ref_seq_dif.pdbx_ordinal 
1 2HBO GLY A 1   ? UNP Q9A395 ?   ?   'expression tag'   0   1 
1 2HBO MSE A 2   ? UNP Q9A395 MET 1   'modified residue' 1   2 
1 2HBO MSE A 65  ? UNP Q9A395 MET 64  'modified residue' 64  3 
1 2HBO MSE A 67  ? UNP Q9A395 MET 66  'modified residue' 66  4 
1 2HBO MSE A 72  ? UNP Q9A395 MET 71  'modified residue' 71  5 
1 2HBO MSE A 92  ? UNP Q9A395 MET 91  'modified residue' 91  6 
1 2HBO MSE A 117 ? UNP Q9A395 MET 116 'modified residue' 116 7 
# 
_pdbx_struct_assembly.id                   1 
_pdbx_struct_assembly.details              author_defined_assembly 
_pdbx_struct_assembly.method_details       ? 
_pdbx_struct_assembly.oligomeric_details   dimeric 
_pdbx_struct_assembly.oligomeric_count     2 
# 
_pdbx_struct_assembly_gen.assembly_id       1 
_pdbx_struct_assembly_gen.oper_expression   1,2 
_pdbx_struct_assembly_gen.asym_id_list      A,B,C,D,E 
# 
loop_
_pdbx_struct_oper_list.id 
_pdbx_struct_oper_list.type 
_pdbx_struct_oper_list.name 
_pdbx_struct_oper_list.symmetry_operation 
_pdbx_struct_oper_list.matrix[1][1] 
_pdbx_struct_oper_list.matrix[1][2] 
_pdbx_struct_oper_list.matrix[1][3] 
_pdbx_struct_oper_list.vector[1] 
_pdbx_struct_oper_list.matrix[2][1] 
_pdbx_struct_oper_list.matrix[2][2] 
_pdbx_struct_oper_list.matrix[2][3] 
_pdbx_struct_oper_list.vector[2] 
_pdbx_struct_oper_list.matrix[3][1] 
_pdbx_struct_oper_list.matrix[3][2] 
_pdbx_struct_oper_list.matrix[3][3] 
_pdbx_struct_oper_list.vector[3] 
1 'identity operation'         1_555 x,y,z   1.0000000000  0.0000000000  0.0000000000 0.0000000000   0.0000000000  1.0000000000  0.0000000000  0.0000000000  0.0000000000 0.0000000000  1.0000000000 0.0000000000 
2 'crystal symmetry operation' 2_555 -x,-y,z -0.9472010551 -0.0812086820 0.3101859299 -20.3536973448 -0.0812086820 -0.8750950413 -0.4770889001 -7.8928166562 0.3101859299 -0.4770889001 0.8222960965 1.3981566032 
# 
_struct_biol.id   1 
# 
loop_
_struct_conf.conf_type_id 
_struct_conf.id 
_struct_conf.pdbx_PDB_helix_id 
_struct_conf.beg_label_comp_id 
_struct_conf.beg_label_asym_id 
_struct_conf.beg_label_seq_id 
_struct_conf.pdbx_beg_PDB_ins_code 
_struct_conf.end_label_comp_id 
_struct_conf.end_label_asym_id 
_struct_conf.end_label_seq_id 
_struct_conf.pdbx_end_PDB_ins_code 
_struct_conf.beg_auth_comp_id 
_struct_conf.beg_auth_asym_id 
_struct_conf.beg_auth_seq_id 
_struct_conf.end_auth_comp_id 
_struct_conf.end_auth_asym_id 
_struct_conf.end_auth_seq_id 
_struct_conf.pdbx_PDB_helix_class 
_struct_conf.details 
_struct_conf.pdbx_PDB_helix_length 
HELX_P HELX_P1 1 GLY A 26 ? GLY A 32 ? GLY A 25 GLY A 31 1 ? 7  
HELX_P HELX_P2 2 GLU A 51 ? THR A 55 ? GLU A 50 THR A 54 5 ? 5  
HELX_P HELX_P3 3 HIS A 62 ? SER A 83 ? HIS A 61 SER A 82 1 ? 22 
# 
_struct_conf_type.id          HELX_P 
_struct_conf_type.criteria    ? 
_struct_conf_type.reference   ? 
# 
loop_
_struct_conn.id 
_struct_conn.conn_type_id 
_struct_conn.pdbx_leaving_atom_flag 
_struct_conn.pdbx_PDB_id 
_struct_conn.ptnr1_label_asym_id 
_struct_conn.ptnr1_label_comp_id 
_struct_conn.ptnr1_label_seq_id 
_struct_conn.ptnr1_label_atom_id 
_struct_conn.pdbx_ptnr1_label_alt_id 
_struct_conn.pdbx_ptnr1_PDB_ins_code 
_struct_conn.pdbx_ptnr1_standard_comp_id 
_struct_conn.ptnr1_symmetry 
_struct_conn.ptnr2_label_asym_id 
_struct_conn.ptnr2_label_comp_id 
_struct_conn.ptnr2_label_seq_id 
_struct_conn.ptnr2_label_atom_id 
_struct_conn.pdbx_ptnr2_label_alt_id 
_struct_conn.pdbx_ptnr2_PDB_ins_code 
_struct_conn.ptnr1_auth_asym_id 
_struct_conn.ptnr1_auth_comp_id 
_struct_conn.ptnr1_auth_seq_id 
_struct_conn.ptnr2_auth_asym_id 
_struct_conn.ptnr2_auth_comp_id 
_struct_conn.ptnr2_auth_seq_id 
_struct_conn.ptnr2_symmetry 
_struct_conn.pdbx_ptnr3_label_atom_id 
_struct_conn.pdbx_ptnr3_label_seq_id 
_struct_conn.pdbx_ptnr3_label_comp_id 
_struct_conn.pdbx_ptnr3_label_asym_id 
_struct_conn.pdbx_ptnr3_label_alt_id 
_struct_conn.pdbx_ptnr3_PDB_ins_code 
_struct_conn.details 
_struct_conn.pdbx_dist_value 
_struct_conn.pdbx_value_order 
_struct_conn.pdbx_role 
covale1  covale both ? A GLY 64  C ? ? ? 1_555 A MSE 65  N ? ? A GLY 63  A MSE 64  1_555 ? ? ? ? ? ? ? 1.336 ? ? 
covale2  covale both ? A MSE 65  C ? ? ? 1_555 A LEU 66  N ? ? A MSE 64  A LEU 65  1_555 ? ? ? ? ? ? ? 1.332 ? ? 
covale3  covale both ? A LEU 66  C ? ? ? 1_555 A MSE 67  N ? ? A LEU 65  A MSE 66  1_555 ? ? ? ? ? ? ? 1.325 ? ? 
covale4  covale both ? A MSE 67  C ? ? ? 1_555 A SER 68  N ? ? A MSE 66  A SER 67  1_555 ? ? ? ? ? ? ? 1.349 ? ? 
covale5  covale both ? A ASP 71  C ? ? ? 1_555 A MSE 72  N ? ? A ASP 70  A MSE 71  1_555 ? ? ? ? ? ? ? 1.328 ? ? 
covale6  covale both ? A MSE 72  C ? ? ? 1_555 A ALA 73  N ? ? A MSE 71  A ALA 72  1_555 ? ? ? ? ? ? ? 1.336 ? ? 
covale7  covale both ? A LEU 91  C ? ? ? 1_555 A MSE 92  N ? ? A LEU 90  A MSE 91  1_555 ? ? ? ? ? ? ? 1.335 ? ? 
covale8  covale both ? A MSE 92  C ? ? ? 1_555 A CYS 93  N ? ? A MSE 91  A CYS 92  1_555 ? ? ? ? ? ? ? 1.342 ? ? 
covale9  covale both ? A ASP 116 C ? ? ? 1_555 A MSE 117 N ? ? A ASP 115 A MSE 116 1_555 ? ? ? ? ? ? ? 1.325 ? ? 
covale10 covale both ? A MSE 117 C ? ? ? 1_555 A LEU 118 N ? ? A MSE 116 A LEU 117 1_555 ? ? ? ? ? ? ? 1.329 ? ? 
# 
_struct_conn_type.id          covale 
_struct_conn_type.criteria    ? 
_struct_conn_type.reference   ? 
# 
loop_
_pdbx_modification_feature.ordinal 
_pdbx_modification_feature.label_comp_id 
_pdbx_modification_feature.label_asym_id 
_pdbx_modification_feature.label_seq_id 
_pdbx_modification_feature.label_alt_id 
_pdbx_modification_feature.modified_residue_label_comp_id 
_pdbx_modification_feature.modified_residue_label_asym_id 
_pdbx_modification_feature.modified_residue_label_seq_id 
_pdbx_modification_feature.modified_residue_label_alt_id 
_pdbx_modification_feature.auth_comp_id 
_pdbx_modification_feature.auth_asym_id 
_pdbx_modification_feature.auth_seq_id 
_pdbx_modification_feature.PDB_ins_code 
_pdbx_modification_feature.symmetry 
_pdbx_modification_feature.modified_residue_auth_comp_id 
_pdbx_modification_feature.modified_residue_auth_asym_id 
_pdbx_modification_feature.modified_residue_auth_seq_id 
_pdbx_modification_feature.modified_residue_PDB_ins_code 
_pdbx_modification_feature.modified_residue_symmetry 
_pdbx_modification_feature.comp_id_linking_atom 
_pdbx_modification_feature.modified_residue_id_linking_atom 
_pdbx_modification_feature.modified_residue_id 
_pdbx_modification_feature.ref_pcm_id 
_pdbx_modification_feature.ref_comp_id 
_pdbx_modification_feature.type 
_pdbx_modification_feature.category 
1 MSE A 65  ? . . . . MSE A 64  ? 1_555 . . . . . . . MET 1 MSE Selenomethionine 'Named protein modification' 
2 MSE A 67  ? . . . . MSE A 66  ? 1_555 . . . . . . . MET 1 MSE Selenomethionine 'Named protein modification' 
3 MSE A 72  ? . . . . MSE A 71  ? 1_555 . . . . . . . MET 1 MSE Selenomethionine 'Named protein modification' 
4 MSE A 92  ? . . . . MSE A 91  ? 1_555 . . . . . . . MET 1 MSE Selenomethionine 'Named protein modification' 
5 MSE A 117 ? . . . . MSE A 116 ? 1_555 . . . . . . . MET 1 MSE Selenomethionine 'Named protein modification' 
# 
_struct_mon_prot_cis.pdbx_id                1 
_struct_mon_prot_cis.label_comp_id          GLY 
_struct_mon_prot_cis.label_seq_id           32 
_struct_mon_prot_cis.label_asym_id          A 
_struct_mon_prot_cis.label_alt_id           . 
_struct_mon_prot_cis.pdbx_PDB_ins_code      ? 
_struct_mon_prot_cis.auth_comp_id           GLY 
_struct_mon_prot_cis.auth_seq_id            31 
_struct_mon_prot_cis.auth_asym_id           A 
_struct_mon_prot_cis.pdbx_label_comp_id_2   PRO 
_struct_mon_prot_cis.pdbx_label_seq_id_2    33 
_struct_mon_prot_cis.pdbx_label_asym_id_2   A 
_struct_mon_prot_cis.pdbx_PDB_ins_code_2    ? 
_struct_mon_prot_cis.pdbx_auth_comp_id_2    PRO 
_struct_mon_prot_cis.pdbx_auth_seq_id_2     32 
_struct_mon_prot_cis.pdbx_auth_asym_id_2    A 
_struct_mon_prot_cis.pdbx_PDB_model_num     1 
_struct_mon_prot_cis.pdbx_omega_angle       -0.85 
# 
_struct_sheet.id               A 
_struct_sheet.type             ? 
_struct_sheet.number_strands   7 
_struct_sheet.details          ? 
# 
loop_
_struct_sheet_order.sheet_id 
_struct_sheet_order.range_id_1 
_struct_sheet_order.range_id_2 
_struct_sheet_order.offset 
_struct_sheet_order.sense 
A 1 2 ? anti-parallel 
A 2 3 ? anti-parallel 
A 3 4 ? anti-parallel 
A 4 5 ? anti-parallel 
A 5 6 ? anti-parallel 
A 6 7 ? anti-parallel 
# 
loop_
_struct_sheet_range.sheet_id 
_struct_sheet_range.id 
_struct_sheet_range.beg_label_comp_id 
_struct_sheet_range.beg_label_asym_id 
_struct_sheet_range.beg_label_seq_id 
_struct_sheet_range.pdbx_beg_PDB_ins_code 
_struct_sheet_range.end_label_comp_id 
_struct_sheet_range.end_label_asym_id 
_struct_sheet_range.end_label_seq_id 
_struct_sheet_range.pdbx_end_PDB_ins_code 
_struct_sheet_range.beg_auth_comp_id 
_struct_sheet_range.beg_auth_asym_id 
_struct_sheet_range.beg_auth_seq_id 
_struct_sheet_range.end_auth_comp_id 
_struct_sheet_range.end_auth_asym_id 
_struct_sheet_range.end_auth_seq_id 
A 1 PHE A 18  ? GLN A 20  ? PHE A 17  GLN A 19  
A 2 LEU A 34  ? HIS A 37  ? LEU A 33  HIS A 36  
A 3 LEU A 46  ? ARG A 49  ? LEU A 45  ARG A 48  
A 4 TRP A 104 ? GLU A 115 ? TRP A 103 GLU A 114 
A 5 LEU A 118 ? ALA A 127 ? LEU A 117 ALA A 126 
A 6 ARG A 130 ? ALA A 144 ? ARG A 129 ALA A 143 
A 7 TYR A 84  ? PHE A 95  ? TYR A 83  PHE A 94  
# 
loop_
_pdbx_struct_sheet_hbond.sheet_id 
_pdbx_struct_sheet_hbond.range_id_1 
_pdbx_struct_sheet_hbond.range_id_2 
_pdbx_struct_sheet_hbond.range_1_label_atom_id 
_pdbx_struct_sheet_hbond.range_1_label_comp_id 
_pdbx_struct_sheet_hbond.range_1_label_asym_id 
_pdbx_struct_sheet_hbond.range_1_label_seq_id 
_pdbx_struct_sheet_hbond.range_1_PDB_ins_code 
_pdbx_struct_sheet_hbond.range_1_auth_atom_id 
_pdbx_struct_sheet_hbond.range_1_auth_comp_id 
_pdbx_struct_sheet_hbond.range_1_auth_asym_id 
_pdbx_struct_sheet_hbond.range_1_auth_seq_id 
_pdbx_struct_sheet_hbond.range_2_label_atom_id 
_pdbx_struct_sheet_hbond.range_2_label_comp_id 
_pdbx_struct_sheet_hbond.range_2_label_asym_id 
_pdbx_struct_sheet_hbond.range_2_label_seq_id 
_pdbx_struct_sheet_hbond.range_2_PDB_ins_code 
_pdbx_struct_sheet_hbond.range_2_auth_atom_id 
_pdbx_struct_sheet_hbond.range_2_auth_comp_id 
_pdbx_struct_sheet_hbond.range_2_auth_asym_id 
_pdbx_struct_sheet_hbond.range_2_auth_seq_id 
A 1 2 N SER A 19  ? N SER A 18  O GLU A 36  ? O GLU A 35  
A 2 3 N PHE A 35  ? N PHE A 34  O ALA A 47  ? O ALA A 46  
A 3 4 N PHE A 48  ? N PHE A 47  O VAL A 105 ? O VAL A 104 
A 4 5 N GLU A 110 ? N GLU A 109 O ARG A 122 ? O ARG A 121 
A 5 6 N GLY A 123 ? N GLY A 122 O GLY A 135 ? O GLY A 134 
A 6 7 O LYS A 140 ? O LYS A 139 N VAL A 87  ? N VAL A 86  
# 
loop_
_struct_site.id 
_struct_site.pdbx_evidence_code 
_struct_site.pdbx_auth_asym_id 
_struct_site.pdbx_auth_comp_id 
_struct_site.pdbx_auth_seq_id 
_struct_site.pdbx_auth_ins_code 
_struct_site.pdbx_num_residues 
_struct_site.details 
AC1 Software A PE4 158 ? 9 'BINDING SITE FOR RESIDUE PE4 A 158' 
AC2 Software A EDO 159 ? 5 'BINDING SITE FOR RESIDUE EDO A 159' 
AC3 Software A EDO 160 ? 5 'BINDING SITE FOR RESIDUE EDO A 160' 
# 
loop_
_struct_site_gen.id 
_struct_site_gen.site_id 
_struct_site_gen.pdbx_num_res 
_struct_site_gen.label_comp_id 
_struct_site_gen.label_asym_id 
_struct_site_gen.label_seq_id 
_struct_site_gen.pdbx_auth_ins_code 
_struct_site_gen.auth_comp_id 
_struct_site_gen.auth_asym_id 
_struct_site_gen.auth_seq_id 
_struct_site_gen.label_atom_id 
_struct_site_gen.label_alt_id 
_struct_site_gen.symmetry 
_struct_site_gen.details 
1  AC1 9 HIS A 62  ? HIS A 61  . ? 2_555 ? 
2  AC1 9 GLY A 63  ? GLY A 62  . ? 2_555 ? 
3  AC1 9 SER A 85  ? SER A 84  . ? 1_555 ? 
4  AC1 9 TRP A 86  ? TRP A 85  . ? 1_555 ? 
5  AC1 9 VAL A 87  ? VAL A 86  . ? 1_555 ? 
6  AC1 9 THR A 88  ? THR A 87  . ? 1_555 ? 
7  AC1 9 ARG A 148 ? ARG A 147 . ? 1_555 ? 
8  AC1 9 HOH E .   ? HOH A 214 . ? 1_555 ? 
9  AC1 9 HOH E .   ? HOH A 223 . ? 2_555 ? 
10 AC2 5 MSE A 92  ? MSE A 91  . ? 1_555 ? 
11 AC2 5 CYS A 93  ? CYS A 92  . ? 1_555 ? 
12 AC2 5 ASP A 94  ? ASP A 93  . ? 1_555 ? 
13 AC2 5 THR A 134 ? THR A 133 . ? 1_555 ? 
14 AC2 5 GLY A 135 ? GLY A 134 . ? 1_555 ? 
15 AC3 5 ALA A 13  ? ALA A 12  . ? 1_555 ? 
16 AC3 5 ILE A 14  ? ILE A 13  . ? 1_555 ? 
17 AC3 5 ARG A 49  ? ARG A 48  . ? 1_555 ? 
18 AC3 5 TRP A 104 ? TRP A 103 . ? 1_555 ? 
19 AC3 5 HOH E .   ? HOH A 207 . ? 1_555 ? 
# 
_pdbx_entry_details.entry_id                   2HBO 
_pdbx_entry_details.compound_details           ? 
_pdbx_entry_details.source_details             ? 
_pdbx_entry_details.nonpolymer_details         ? 
_pdbx_entry_details.sequence_details           ? 
_pdbx_entry_details.has_ligand_of_interest     ? 
_pdbx_entry_details.has_protein_modification   Y 
# 
_pdbx_validate_torsion.id              1 
_pdbx_validate_torsion.PDB_model_num   1 
_pdbx_validate_torsion.auth_comp_id    LEU 
_pdbx_validate_torsion.auth_asym_id    A 
_pdbx_validate_torsion.auth_seq_id     141 
_pdbx_validate_torsion.PDB_ins_code    ? 
_pdbx_validate_torsion.label_alt_id    ? 
_pdbx_validate_torsion.phi             -104.13 
_pdbx_validate_torsion.psi             -70.68 
# 
_pdbx_SG_project.project_name          'PSI, Protein Structure Initiative' 
_pdbx_SG_project.full_name_of_center   'Joint Center for Structural Genomics' 
_pdbx_SG_project.id                    1 
_pdbx_SG_project.initial_of_center     JCSG 
# 
loop_
_pdbx_struct_mod_residue.id 
_pdbx_struct_mod_residue.label_asym_id 
_pdbx_struct_mod_residue.label_comp_id 
_pdbx_struct_mod_residue.label_seq_id 
_pdbx_struct_mod_residue.auth_asym_id 
_pdbx_struct_mod_residue.auth_comp_id 
_pdbx_struct_mod_residue.auth_seq_id 
_pdbx_struct_mod_residue.PDB_ins_code 
_pdbx_struct_mod_residue.parent_comp_id 
_pdbx_struct_mod_residue.details 
1 A MSE 65  A MSE 64  ? MET SELENOMETHIONINE 
2 A MSE 67  A MSE 66  ? MET SELENOMETHIONINE 
3 A MSE 72  A MSE 71  ? MET SELENOMETHIONINE 
4 A MSE 92  A MSE 91  ? MET SELENOMETHIONINE 
5 A MSE 117 A MSE 116 ? MET SELENOMETHIONINE 
# 
loop_
_pdbx_refine_tls.id 
_pdbx_refine_tls.details 
_pdbx_refine_tls.method 
_pdbx_refine_tls.origin_x 
_pdbx_refine_tls.origin_y 
_pdbx_refine_tls.origin_z 
_pdbx_refine_tls.T[1][1] 
_pdbx_refine_tls.T[2][2] 
_pdbx_refine_tls.T[3][3] 
_pdbx_refine_tls.T[1][2] 
_pdbx_refine_tls.T[1][3] 
_pdbx_refine_tls.T[2][3] 
_pdbx_refine_tls.L[1][1] 
_pdbx_refine_tls.L[2][2] 
_pdbx_refine_tls.L[3][3] 
_pdbx_refine_tls.L[1][2] 
_pdbx_refine_tls.L[1][3] 
_pdbx_refine_tls.L[2][3] 
_pdbx_refine_tls.S[1][1] 
_pdbx_refine_tls.S[2][2] 
_pdbx_refine_tls.S[3][3] 
_pdbx_refine_tls.S[1][2] 
_pdbx_refine_tls.S[1][3] 
_pdbx_refine_tls.S[2][3] 
_pdbx_refine_tls.S[2][1] 
_pdbx_refine_tls.S[3][1] 
_pdbx_refine_tls.S[3][2] 
_pdbx_refine_tls.pdbx_refine_id 
1 ? refined 12.8819 -6.1626 5.5943  0.0458 0.1697  -0.0144 0.0397  0.0471  0.1018 14.5233 18.6230 15.5862 -12.7990 3.4215  7.4028 -0.7963 0.3877 0.4085 -1.4404 0.4195 -0.7508 0.0850  1.2811 0.5127  'X-RAY DIFFRACTION' 
2 ? refined -0.4167 0.6331  -0.1969 0.0617 -0.0905 -0.2021 -0.0244 -0.0045 0.0550 1.7352  1.8106  0.6078  -0.9411  -0.3084 0.0820 -0.1049 0.0604 0.0445 -0.0661 0.0156 0.0729  -0.0589 0.0605 -0.0399 'X-RAY DIFFRACTION' 
# 
loop_
_pdbx_refine_tls_group.id 
_pdbx_refine_tls_group.refine_tls_id 
_pdbx_refine_tls_group.beg_label_asym_id 
_pdbx_refine_tls_group.beg_label_seq_id 
_pdbx_refine_tls_group.end_label_asym_id 
_pdbx_refine_tls_group.end_label_seq_id 
_pdbx_refine_tls_group.selection 
_pdbx_refine_tls_group.beg_auth_asym_id 
_pdbx_refine_tls_group.beg_auth_seq_id 
_pdbx_refine_tls_group.end_auth_asym_id 
_pdbx_refine_tls_group.end_auth_seq_id 
_pdbx_refine_tls_group.pdbx_refine_id 
_pdbx_refine_tls_group.selection_details 
1 1 A 13 A 18  ALL A 12 A 17  'X-RAY DIFFRACTION' ? 
2 2 A 19 A 154 ALL A 18 A 153 'X-RAY DIFFRACTION' ? 
# 
_phasing.method   MAD 
# 
_pdbx_database_remark.id     999 
_pdbx_database_remark.text   
;SEQUENCE
THE CONSTRUCT WAS EXPRESSED WITH A PURIFICATION
TAG MGSDKIHHHHHHENLYFQG. THE TAG WAS REMOVED WITH TEV 
PROTEASE LEAVING ONLY A GLYCINE (0) FOLLOWED BY THE 
TARGET SEQUENCE.
;
# 
loop_
_pdbx_unobs_or_zero_occ_residues.id 
_pdbx_unobs_or_zero_occ_residues.PDB_model_num 
_pdbx_unobs_or_zero_occ_residues.polymer_flag 
_pdbx_unobs_or_zero_occ_residues.occupancy_flag 
_pdbx_unobs_or_zero_occ_residues.auth_asym_id 
_pdbx_unobs_or_zero_occ_residues.auth_comp_id 
_pdbx_unobs_or_zero_occ_residues.auth_seq_id 
_pdbx_unobs_or_zero_occ_residues.PDB_ins_code 
_pdbx_unobs_or_zero_occ_residues.label_asym_id 
_pdbx_unobs_or_zero_occ_residues.label_comp_id 
_pdbx_unobs_or_zero_occ_residues.label_seq_id 
1  1 Y 1 A GLY 0   ? A GLY 1   
2  1 Y 1 A MSE 1   ? A MSE 2   
3  1 Y 1 A SER 2   ? A SER 3   
4  1 Y 1 A ASP 3   ? A ASP 4   
5  1 Y 1 A ASP 4   ? A ASP 5   
6  1 Y 1 A LEU 5   ? A LEU 6   
7  1 Y 1 A THR 6   ? A THR 7   
8  1 Y 1 A ASP 7   ? A ASP 8   
9  1 Y 1 A ALA 8   ? A ALA 9   
10 1 Y 1 A GLN 9   ? A GLN 10  
11 1 Y 1 A THR 10  ? A THR 11  
12 1 Y 1 A ALA 11  ? A ALA 12  
13 1 Y 1 A LYS 154 ? A LYS 155 
14 1 Y 1 A GLU 155 ? A GLU 156 
15 1 Y 1 A GLU 156 ? A GLU 157 
16 1 Y 1 A ALA 157 ? A ALA 158 
# 
loop_
_chem_comp_atom.comp_id 
_chem_comp_atom.atom_id 
_chem_comp_atom.type_symbol 
_chem_comp_atom.pdbx_aromatic_flag 
_chem_comp_atom.pdbx_stereo_config 
_chem_comp_atom.pdbx_ordinal 
ALA N    N  N N 1   
ALA CA   C  N S 2   
ALA C    C  N N 3   
ALA O    O  N N 4   
ALA CB   C  N N 5   
ALA OXT  O  N N 6   
ALA H    H  N N 7   
ALA H2   H  N N 8   
ALA HA   H  N N 9   
ALA HB1  H  N N 10  
ALA HB2  H  N N 11  
ALA HB3  H  N N 12  
ALA HXT  H  N N 13  
ARG N    N  N N 14  
ARG CA   C  N S 15  
ARG C    C  N N 16  
ARG O    O  N N 17  
ARG CB   C  N N 18  
ARG CG   C  N N 19  
ARG CD   C  N N 20  
ARG NE   N  N N 21  
ARG CZ   C  N N 22  
ARG NH1  N  N N 23  
ARG NH2  N  N N 24  
ARG OXT  O  N N 25  
ARG H    H  N N 26  
ARG H2   H  N N 27  
ARG HA   H  N N 28  
ARG HB2  H  N N 29  
ARG HB3  H  N N 30  
ARG HG2  H  N N 31  
ARG HG3  H  N N 32  
ARG HD2  H  N N 33  
ARG HD3  H  N N 34  
ARG HE   H  N N 35  
ARG HH11 H  N N 36  
ARG HH12 H  N N 37  
ARG HH21 H  N N 38  
ARG HH22 H  N N 39  
ARG HXT  H  N N 40  
ASN N    N  N N 41  
ASN CA   C  N S 42  
ASN C    C  N N 43  
ASN O    O  N N 44  
ASN CB   C  N N 45  
ASN CG   C  N N 46  
ASN OD1  O  N N 47  
ASN ND2  N  N N 48  
ASN OXT  O  N N 49  
ASN H    H  N N 50  
ASN H2   H  N N 51  
ASN HA   H  N N 52  
ASN HB2  H  N N 53  
ASN HB3  H  N N 54  
ASN HD21 H  N N 55  
ASN HD22 H  N N 56  
ASN HXT  H  N N 57  
ASP N    N  N N 58  
ASP CA   C  N S 59  
ASP C    C  N N 60  
ASP O    O  N N 61  
ASP CB   C  N N 62  
ASP CG   C  N N 63  
ASP OD1  O  N N 64  
ASP OD2  O  N N 65  
ASP OXT  O  N N 66  
ASP H    H  N N 67  
ASP H2   H  N N 68  
ASP HA   H  N N 69  
ASP HB2  H  N N 70  
ASP HB3  H  N N 71  
ASP HD2  H  N N 72  
ASP HXT  H  N N 73  
CYS N    N  N N 74  
CYS CA   C  N R 75  
CYS C    C  N N 76  
CYS O    O  N N 77  
CYS CB   C  N N 78  
CYS SG   S  N N 79  
CYS OXT  O  N N 80  
CYS H    H  N N 81  
CYS H2   H  N N 82  
CYS HA   H  N N 83  
CYS HB2  H  N N 84  
CYS HB3  H  N N 85  
CYS HG   H  N N 86  
CYS HXT  H  N N 87  
EDO C1   C  N N 88  
EDO O1   O  N N 89  
EDO C2   C  N N 90  
EDO O2   O  N N 91  
EDO H11  H  N N 92  
EDO H12  H  N N 93  
EDO HO1  H  N N 94  
EDO H21  H  N N 95  
EDO H22  H  N N 96  
EDO HO2  H  N N 97  
GLN N    N  N N 98  
GLN CA   C  N S 99  
GLN C    C  N N 100 
GLN O    O  N N 101 
GLN CB   C  N N 102 
GLN CG   C  N N 103 
GLN CD   C  N N 104 
GLN OE1  O  N N 105 
GLN NE2  N  N N 106 
GLN OXT  O  N N 107 
GLN H    H  N N 108 
GLN H2   H  N N 109 
GLN HA   H  N N 110 
GLN HB2  H  N N 111 
GLN HB3  H  N N 112 
GLN HG2  H  N N 113 
GLN HG3  H  N N 114 
GLN HE21 H  N N 115 
GLN HE22 H  N N 116 
GLN HXT  H  N N 117 
GLU N    N  N N 118 
GLU CA   C  N S 119 
GLU C    C  N N 120 
GLU O    O  N N 121 
GLU CB   C  N N 122 
GLU CG   C  N N 123 
GLU CD   C  N N 124 
GLU OE1  O  N N 125 
GLU OE2  O  N N 126 
GLU OXT  O  N N 127 
GLU H    H  N N 128 
GLU H2   H  N N 129 
GLU HA   H  N N 130 
GLU HB2  H  N N 131 
GLU HB3  H  N N 132 
GLU HG2  H  N N 133 
GLU HG3  H  N N 134 
GLU HE2  H  N N 135 
GLU HXT  H  N N 136 
GLY N    N  N N 137 
GLY CA   C  N N 138 
GLY C    C  N N 139 
GLY O    O  N N 140 
GLY OXT  O  N N 141 
GLY H    H  N N 142 
GLY H2   H  N N 143 
GLY HA2  H  N N 144 
GLY HA3  H  N N 145 
GLY HXT  H  N N 146 
HIS N    N  N N 147 
HIS CA   C  N S 148 
HIS C    C  N N 149 
HIS O    O  N N 150 
HIS CB   C  N N 151 
HIS CG   C  Y N 152 
HIS ND1  N  Y N 153 
HIS CD2  C  Y N 154 
HIS CE1  C  Y N 155 
HIS NE2  N  Y N 156 
HIS OXT  O  N N 157 
HIS H    H  N N 158 
HIS H2   H  N N 159 
HIS HA   H  N N 160 
HIS HB2  H  N N 161 
HIS HB3  H  N N 162 
HIS HD1  H  N N 163 
HIS HD2  H  N N 164 
HIS HE1  H  N N 165 
HIS HE2  H  N N 166 
HIS HXT  H  N N 167 
HOH O    O  N N 168 
HOH H1   H  N N 169 
HOH H2   H  N N 170 
ILE N    N  N N 171 
ILE CA   C  N S 172 
ILE C    C  N N 173 
ILE O    O  N N 174 
ILE CB   C  N S 175 
ILE CG1  C  N N 176 
ILE CG2  C  N N 177 
ILE CD1  C  N N 178 
ILE OXT  O  N N 179 
ILE H    H  N N 180 
ILE H2   H  N N 181 
ILE HA   H  N N 182 
ILE HB   H  N N 183 
ILE HG12 H  N N 184 
ILE HG13 H  N N 185 
ILE HG21 H  N N 186 
ILE HG22 H  N N 187 
ILE HG23 H  N N 188 
ILE HD11 H  N N 189 
ILE HD12 H  N N 190 
ILE HD13 H  N N 191 
ILE HXT  H  N N 192 
LEU N    N  N N 193 
LEU CA   C  N S 194 
LEU C    C  N N 195 
LEU O    O  N N 196 
LEU CB   C  N N 197 
LEU CG   C  N N 198 
LEU CD1  C  N N 199 
LEU CD2  C  N N 200 
LEU OXT  O  N N 201 
LEU H    H  N N 202 
LEU H2   H  N N 203 
LEU HA   H  N N 204 
LEU HB2  H  N N 205 
LEU HB3  H  N N 206 
LEU HG   H  N N 207 
LEU HD11 H  N N 208 
LEU HD12 H  N N 209 
LEU HD13 H  N N 210 
LEU HD21 H  N N 211 
LEU HD22 H  N N 212 
LEU HD23 H  N N 213 
LEU HXT  H  N N 214 
LYS N    N  N N 215 
LYS CA   C  N S 216 
LYS C    C  N N 217 
LYS O    O  N N 218 
LYS CB   C  N N 219 
LYS CG   C  N N 220 
LYS CD   C  N N 221 
LYS CE   C  N N 222 
LYS NZ   N  N N 223 
LYS OXT  O  N N 224 
LYS H    H  N N 225 
LYS H2   H  N N 226 
LYS HA   H  N N 227 
LYS HB2  H  N N 228 
LYS HB3  H  N N 229 
LYS HG2  H  N N 230 
LYS HG3  H  N N 231 
LYS HD2  H  N N 232 
LYS HD3  H  N N 233 
LYS HE2  H  N N 234 
LYS HE3  H  N N 235 
LYS HZ1  H  N N 236 
LYS HZ2  H  N N 237 
LYS HZ3  H  N N 238 
LYS HXT  H  N N 239 
MET N    N  N N 240 
MET CA   C  N S 241 
MET C    C  N N 242 
MET O    O  N N 243 
MET CB   C  N N 244 
MET CG   C  N N 245 
MET SD   S  N N 246 
MET CE   C  N N 247 
MET OXT  O  N N 248 
MET H    H  N N 249 
MET H2   H  N N 250 
MET HA   H  N N 251 
MET HB2  H  N N 252 
MET HB3  H  N N 253 
MET HG2  H  N N 254 
MET HG3  H  N N 255 
MET HE1  H  N N 256 
MET HE2  H  N N 257 
MET HE3  H  N N 258 
MET HXT  H  N N 259 
MSE N    N  N N 260 
MSE CA   C  N S 261 
MSE C    C  N N 262 
MSE O    O  N N 263 
MSE OXT  O  N N 264 
MSE CB   C  N N 265 
MSE CG   C  N N 266 
MSE SE   SE N N 267 
MSE CE   C  N N 268 
MSE H    H  N N 269 
MSE H2   H  N N 270 
MSE HA   H  N N 271 
MSE HXT  H  N N 272 
MSE HB2  H  N N 273 
MSE HB3  H  N N 274 
MSE HG2  H  N N 275 
MSE HG3  H  N N 276 
MSE HE1  H  N N 277 
MSE HE2  H  N N 278 
MSE HE3  H  N N 279 
PE4 O1   O  N N 280 
PE4 C1   C  N N 281 
PE4 C2   C  N N 282 
PE4 O2   O  N N 283 
PE4 C3   C  N N 284 
PE4 C4   C  N N 285 
PE4 O3   O  N N 286 
PE4 C5   C  N N 287 
PE4 C6   C  N N 288 
PE4 O4   O  N N 289 
PE4 C7   C  N N 290 
PE4 C8   C  N N 291 
PE4 O5   O  N N 292 
PE4 C9   C  N N 293 
PE4 C10  C  N N 294 
PE4 O6   O  N N 295 
PE4 C11  C  N N 296 
PE4 C12  C  N N 297 
PE4 O7   O  N N 298 
PE4 C13  C  N N 299 
PE4 C14  C  N N 300 
PE4 O8   O  N N 301 
PE4 C15  C  N N 302 
PE4 C16  C  N N 303 
PE4 HO1  H  N N 304 
PE4 H11  H  N N 305 
PE4 H12  H  N N 306 
PE4 H21  H  N N 307 
PE4 H22  H  N N 308 
PE4 H31  H  N N 309 
PE4 H32  H  N N 310 
PE4 H41  H  N N 311 
PE4 H42  H  N N 312 
PE4 H51  H  N N 313 
PE4 H52  H  N N 314 
PE4 H61  H  N N 315 
PE4 H62  H  N N 316 
PE4 H71  H  N N 317 
PE4 H72  H  N N 318 
PE4 H81  H  N N 319 
PE4 H82  H  N N 320 
PE4 H91  H  N N 321 
PE4 H92  H  N N 322 
PE4 H101 H  N N 323 
PE4 H102 H  N N 324 
PE4 H111 H  N N 325 
PE4 H112 H  N N 326 
PE4 H121 H  N N 327 
PE4 H122 H  N N 328 
PE4 H131 H  N N 329 
PE4 H132 H  N N 330 
PE4 H141 H  N N 331 
PE4 H142 H  N N 332 
PE4 H151 H  N N 333 
PE4 H152 H  N N 334 
PE4 H161 H  N N 335 
PE4 H162 H  N N 336 
PE4 H163 H  N N 337 
PHE N    N  N N 338 
PHE CA   C  N S 339 
PHE C    C  N N 340 
PHE O    O  N N 341 
PHE CB   C  N N 342 
PHE CG   C  Y N 343 
PHE CD1  C  Y N 344 
PHE CD2  C  Y N 345 
PHE CE1  C  Y N 346 
PHE CE2  C  Y N 347 
PHE CZ   C  Y N 348 
PHE OXT  O  N N 349 
PHE H    H  N N 350 
PHE H2   H  N N 351 
PHE HA   H  N N 352 
PHE HB2  H  N N 353 
PHE HB3  H  N N 354 
PHE HD1  H  N N 355 
PHE HD2  H  N N 356 
PHE HE1  H  N N 357 
PHE HE2  H  N N 358 
PHE HZ   H  N N 359 
PHE HXT  H  N N 360 
PRO N    N  N N 361 
PRO CA   C  N S 362 
PRO C    C  N N 363 
PRO O    O  N N 364 
PRO CB   C  N N 365 
PRO CG   C  N N 366 
PRO CD   C  N N 367 
PRO OXT  O  N N 368 
PRO H    H  N N 369 
PRO HA   H  N N 370 
PRO HB2  H  N N 371 
PRO HB3  H  N N 372 
PRO HG2  H  N N 373 
PRO HG3  H  N N 374 
PRO HD2  H  N N 375 
PRO HD3  H  N N 376 
PRO HXT  H  N N 377 
SER N    N  N N 378 
SER CA   C  N S 379 
SER C    C  N N 380 
SER O    O  N N 381 
SER CB   C  N N 382 
SER OG   O  N N 383 
SER OXT  O  N N 384 
SER H    H  N N 385 
SER H2   H  N N 386 
SER HA   H  N N 387 
SER HB2  H  N N 388 
SER HB3  H  N N 389 
SER HG   H  N N 390 
SER HXT  H  N N 391 
THR N    N  N N 392 
THR CA   C  N S 393 
THR C    C  N N 394 
THR O    O  N N 395 
THR CB   C  N R 396 
THR OG1  O  N N 397 
THR CG2  C  N N 398 
THR OXT  O  N N 399 
THR H    H  N N 400 
THR H2   H  N N 401 
THR HA   H  N N 402 
THR HB   H  N N 403 
THR HG1  H  N N 404 
THR HG21 H  N N 405 
THR HG22 H  N N 406 
THR HG23 H  N N 407 
THR HXT  H  N N 408 
TRP N    N  N N 409 
TRP CA   C  N S 410 
TRP C    C  N N 411 
TRP O    O  N N 412 
TRP CB   C  N N 413 
TRP CG   C  Y N 414 
TRP CD1  C  Y N 415 
TRP CD2  C  Y N 416 
TRP NE1  N  Y N 417 
TRP CE2  C  Y N 418 
TRP CE3  C  Y N 419 
TRP CZ2  C  Y N 420 
TRP CZ3  C  Y N 421 
TRP CH2  C  Y N 422 
TRP OXT  O  N N 423 
TRP H    H  N N 424 
TRP H2   H  N N 425 
TRP HA   H  N N 426 
TRP HB2  H  N N 427 
TRP HB3  H  N N 428 
TRP HD1  H  N N 429 
TRP HE1  H  N N 430 
TRP HE3  H  N N 431 
TRP HZ2  H  N N 432 
TRP HZ3  H  N N 433 
TRP HH2  H  N N 434 
TRP HXT  H  N N 435 
TYR N    N  N N 436 
TYR CA   C  N S 437 
TYR C    C  N N 438 
TYR O    O  N N 439 
TYR CB   C  N N 440 
TYR CG   C  Y N 441 
TYR CD1  C  Y N 442 
TYR CD2  C  Y N 443 
TYR CE1  C  Y N 444 
TYR CE2  C  Y N 445 
TYR CZ   C  Y N 446 
TYR OH   O  N N 447 
TYR OXT  O  N N 448 
TYR H    H  N N 449 
TYR H2   H  N N 450 
TYR HA   H  N N 451 
TYR HB2  H  N N 452 
TYR HB3  H  N N 453 
TYR HD1  H  N N 454 
TYR HD2  H  N N 455 
TYR HE1  H  N N 456 
TYR HE2  H  N N 457 
TYR HH   H  N N 458 
TYR HXT  H  N N 459 
VAL N    N  N N 460 
VAL CA   C  N S 461 
VAL C    C  N N 462 
VAL O    O  N N 463 
VAL CB   C  N N 464 
VAL CG1  C  N N 465 
VAL CG2  C  N N 466 
VAL OXT  O  N N 467 
VAL H    H  N N 468 
VAL H2   H  N N 469 
VAL HA   H  N N 470 
VAL HB   H  N N 471 
VAL HG11 H  N N 472 
VAL HG12 H  N N 473 
VAL HG13 H  N N 474 
VAL HG21 H  N N 475 
VAL HG22 H  N N 476 
VAL HG23 H  N N 477 
VAL HXT  H  N N 478 
# 
loop_
_chem_comp_bond.comp_id 
_chem_comp_bond.atom_id_1 
_chem_comp_bond.atom_id_2 
_chem_comp_bond.value_order 
_chem_comp_bond.pdbx_aromatic_flag 
_chem_comp_bond.pdbx_stereo_config 
_chem_comp_bond.pdbx_ordinal 
ALA N   CA   sing N N 1   
ALA N   H    sing N N 2   
ALA N   H2   sing N N 3   
ALA CA  C    sing N N 4   
ALA CA  CB   sing N N 5   
ALA CA  HA   sing N N 6   
ALA C   O    doub N N 7   
ALA C   OXT  sing N N 8   
ALA CB  HB1  sing N N 9   
ALA CB  HB2  sing N N 10  
ALA CB  HB3  sing N N 11  
ALA OXT HXT  sing N N 12  
ARG N   CA   sing N N 13  
ARG N   H    sing N N 14  
ARG N   H2   sing N N 15  
ARG CA  C    sing N N 16  
ARG CA  CB   sing N N 17  
ARG CA  HA   sing N N 18  
ARG C   O    doub N N 19  
ARG C   OXT  sing N N 20  
ARG CB  CG   sing N N 21  
ARG CB  HB2  sing N N 22  
ARG CB  HB3  sing N N 23  
ARG CG  CD   sing N N 24  
ARG CG  HG2  sing N N 25  
ARG CG  HG3  sing N N 26  
ARG CD  NE   sing N N 27  
ARG CD  HD2  sing N N 28  
ARG CD  HD3  sing N N 29  
ARG NE  CZ   sing N N 30  
ARG NE  HE   sing N N 31  
ARG CZ  NH1  sing N N 32  
ARG CZ  NH2  doub N N 33  
ARG NH1 HH11 sing N N 34  
ARG NH1 HH12 sing N N 35  
ARG NH2 HH21 sing N N 36  
ARG NH2 HH22 sing N N 37  
ARG OXT HXT  sing N N 38  
ASN N   CA   sing N N 39  
ASN N   H    sing N N 40  
ASN N   H2   sing N N 41  
ASN CA  C    sing N N 42  
ASN CA  CB   sing N N 43  
ASN CA  HA   sing N N 44  
ASN C   O    doub N N 45  
ASN C   OXT  sing N N 46  
ASN CB  CG   sing N N 47  
ASN CB  HB2  sing N N 48  
ASN CB  HB3  sing N N 49  
ASN CG  OD1  doub N N 50  
ASN CG  ND2  sing N N 51  
ASN ND2 HD21 sing N N 52  
ASN ND2 HD22 sing N N 53  
ASN OXT HXT  sing N N 54  
ASP N   CA   sing N N 55  
ASP N   H    sing N N 56  
ASP N   H2   sing N N 57  
ASP CA  C    sing N N 58  
ASP CA  CB   sing N N 59  
ASP CA  HA   sing N N 60  
ASP C   O    doub N N 61  
ASP C   OXT  sing N N 62  
ASP CB  CG   sing N N 63  
ASP CB  HB2  sing N N 64  
ASP CB  HB3  sing N N 65  
ASP CG  OD1  doub N N 66  
ASP CG  OD2  sing N N 67  
ASP OD2 HD2  sing N N 68  
ASP OXT HXT  sing N N 69  
CYS N   CA   sing N N 70  
CYS N   H    sing N N 71  
CYS N   H2   sing N N 72  
CYS CA  C    sing N N 73  
CYS CA  CB   sing N N 74  
CYS CA  HA   sing N N 75  
CYS C   O    doub N N 76  
CYS C   OXT  sing N N 77  
CYS CB  SG   sing N N 78  
CYS CB  HB2  sing N N 79  
CYS CB  HB3  sing N N 80  
CYS SG  HG   sing N N 81  
CYS OXT HXT  sing N N 82  
EDO C1  O1   sing N N 83  
EDO C1  C2   sing N N 84  
EDO C1  H11  sing N N 85  
EDO C1  H12  sing N N 86  
EDO O1  HO1  sing N N 87  
EDO C2  O2   sing N N 88  
EDO C2  H21  sing N N 89  
EDO C2  H22  sing N N 90  
EDO O2  HO2  sing N N 91  
GLN N   CA   sing N N 92  
GLN N   H    sing N N 93  
GLN N   H2   sing N N 94  
GLN CA  C    sing N N 95  
GLN CA  CB   sing N N 96  
GLN CA  HA   sing N N 97  
GLN C   O    doub N N 98  
GLN C   OXT  sing N N 99  
GLN CB  CG   sing N N 100 
GLN CB  HB2  sing N N 101 
GLN CB  HB3  sing N N 102 
GLN CG  CD   sing N N 103 
GLN CG  HG2  sing N N 104 
GLN CG  HG3  sing N N 105 
GLN CD  OE1  doub N N 106 
GLN CD  NE2  sing N N 107 
GLN NE2 HE21 sing N N 108 
GLN NE2 HE22 sing N N 109 
GLN OXT HXT  sing N N 110 
GLU N   CA   sing N N 111 
GLU N   H    sing N N 112 
GLU N   H2   sing N N 113 
GLU CA  C    sing N N 114 
GLU CA  CB   sing N N 115 
GLU CA  HA   sing N N 116 
GLU C   O    doub N N 117 
GLU C   OXT  sing N N 118 
GLU CB  CG   sing N N 119 
GLU CB  HB2  sing N N 120 
GLU CB  HB3  sing N N 121 
GLU CG  CD   sing N N 122 
GLU CG  HG2  sing N N 123 
GLU CG  HG3  sing N N 124 
GLU CD  OE1  doub N N 125 
GLU CD  OE2  sing N N 126 
GLU OE2 HE2  sing N N 127 
GLU OXT HXT  sing N N 128 
GLY N   CA   sing N N 129 
GLY N   H    sing N N 130 
GLY N   H2   sing N N 131 
GLY CA  C    sing N N 132 
GLY CA  HA2  sing N N 133 
GLY CA  HA3  sing N N 134 
GLY C   O    doub N N 135 
GLY C   OXT  sing N N 136 
GLY OXT HXT  sing N N 137 
HIS N   CA   sing N N 138 
HIS N   H    sing N N 139 
HIS N   H2   sing N N 140 
HIS CA  C    sing N N 141 
HIS CA  CB   sing N N 142 
HIS CA  HA   sing N N 143 
HIS C   O    doub N N 144 
HIS C   OXT  sing N N 145 
HIS CB  CG   sing N N 146 
HIS CB  HB2  sing N N 147 
HIS CB  HB3  sing N N 148 
HIS CG  ND1  sing Y N 149 
HIS CG  CD2  doub Y N 150 
HIS ND1 CE1  doub Y N 151 
HIS ND1 HD1  sing N N 152 
HIS CD2 NE2  sing Y N 153 
HIS CD2 HD2  sing N N 154 
HIS CE1 NE2  sing Y N 155 
HIS CE1 HE1  sing N N 156 
HIS NE2 HE2  sing N N 157 
HIS OXT HXT  sing N N 158 
HOH O   H1   sing N N 159 
HOH O   H2   sing N N 160 
ILE N   CA   sing N N 161 
ILE N   H    sing N N 162 
ILE N   H2   sing N N 163 
ILE CA  C    sing N N 164 
ILE CA  CB   sing N N 165 
ILE CA  HA   sing N N 166 
ILE C   O    doub N N 167 
ILE C   OXT  sing N N 168 
ILE CB  CG1  sing N N 169 
ILE CB  CG2  sing N N 170 
ILE CB  HB   sing N N 171 
ILE CG1 CD1  sing N N 172 
ILE CG1 HG12 sing N N 173 
ILE CG1 HG13 sing N N 174 
ILE CG2 HG21 sing N N 175 
ILE CG2 HG22 sing N N 176 
ILE CG2 HG23 sing N N 177 
ILE CD1 HD11 sing N N 178 
ILE CD1 HD12 sing N N 179 
ILE CD1 HD13 sing N N 180 
ILE OXT HXT  sing N N 181 
LEU N   CA   sing N N 182 
LEU N   H    sing N N 183 
LEU N   H2   sing N N 184 
LEU CA  C    sing N N 185 
LEU CA  CB   sing N N 186 
LEU CA  HA   sing N N 187 
LEU C   O    doub N N 188 
LEU C   OXT  sing N N 189 
LEU CB  CG   sing N N 190 
LEU CB  HB2  sing N N 191 
LEU CB  HB3  sing N N 192 
LEU CG  CD1  sing N N 193 
LEU CG  CD2  sing N N 194 
LEU CG  HG   sing N N 195 
LEU CD1 HD11 sing N N 196 
LEU CD1 HD12 sing N N 197 
LEU CD1 HD13 sing N N 198 
LEU CD2 HD21 sing N N 199 
LEU CD2 HD22 sing N N 200 
LEU CD2 HD23 sing N N 201 
LEU OXT HXT  sing N N 202 
LYS N   CA   sing N N 203 
LYS N   H    sing N N 204 
LYS N   H2   sing N N 205 
LYS CA  C    sing N N 206 
LYS CA  CB   sing N N 207 
LYS CA  HA   sing N N 208 
LYS C   O    doub N N 209 
LYS C   OXT  sing N N 210 
LYS CB  CG   sing N N 211 
LYS CB  HB2  sing N N 212 
LYS CB  HB3  sing N N 213 
LYS CG  CD   sing N N 214 
LYS CG  HG2  sing N N 215 
LYS CG  HG3  sing N N 216 
LYS CD  CE   sing N N 217 
LYS CD  HD2  sing N N 218 
LYS CD  HD3  sing N N 219 
LYS CE  NZ   sing N N 220 
LYS CE  HE2  sing N N 221 
LYS CE  HE3  sing N N 222 
LYS NZ  HZ1  sing N N 223 
LYS NZ  HZ2  sing N N 224 
LYS NZ  HZ3  sing N N 225 
LYS OXT HXT  sing N N 226 
MET N   CA   sing N N 227 
MET N   H    sing N N 228 
MET N   H2   sing N N 229 
MET CA  C    sing N N 230 
MET CA  CB   sing N N 231 
MET CA  HA   sing N N 232 
MET C   O    doub N N 233 
MET C   OXT  sing N N 234 
MET CB  CG   sing N N 235 
MET CB  HB2  sing N N 236 
MET CB  HB3  sing N N 237 
MET CG  SD   sing N N 238 
MET CG  HG2  sing N N 239 
MET CG  HG3  sing N N 240 
MET SD  CE   sing N N 241 
MET CE  HE1  sing N N 242 
MET CE  HE2  sing N N 243 
MET CE  HE3  sing N N 244 
MET OXT HXT  sing N N 245 
MSE N   CA   sing N N 246 
MSE N   H    sing N N 247 
MSE N   H2   sing N N 248 
MSE CA  C    sing N N 249 
MSE CA  CB   sing N N 250 
MSE CA  HA   sing N N 251 
MSE C   O    doub N N 252 
MSE C   OXT  sing N N 253 
MSE OXT HXT  sing N N 254 
MSE CB  CG   sing N N 255 
MSE CB  HB2  sing N N 256 
MSE CB  HB3  sing N N 257 
MSE CG  SE   sing N N 258 
MSE CG  HG2  sing N N 259 
MSE CG  HG3  sing N N 260 
MSE SE  CE   sing N N 261 
MSE CE  HE1  sing N N 262 
MSE CE  HE2  sing N N 263 
MSE CE  HE3  sing N N 264 
PE4 O1  C1   sing N N 265 
PE4 O1  HO1  sing N N 266 
PE4 C1  C2   sing N N 267 
PE4 C1  H11  sing N N 268 
PE4 C1  H12  sing N N 269 
PE4 C2  O2   sing N N 270 
PE4 C2  H21  sing N N 271 
PE4 C2  H22  sing N N 272 
PE4 O2  C3   sing N N 273 
PE4 C3  C4   sing N N 274 
PE4 C3  H31  sing N N 275 
PE4 C3  H32  sing N N 276 
PE4 C4  O3   sing N N 277 
PE4 C4  H41  sing N N 278 
PE4 C4  H42  sing N N 279 
PE4 O3  C5   sing N N 280 
PE4 C5  C6   sing N N 281 
PE4 C5  H51  sing N N 282 
PE4 C5  H52  sing N N 283 
PE4 C6  O4   sing N N 284 
PE4 C6  H61  sing N N 285 
PE4 C6  H62  sing N N 286 
PE4 O4  C7   sing N N 287 
PE4 C7  C8   sing N N 288 
PE4 C7  H71  sing N N 289 
PE4 C7  H72  sing N N 290 
PE4 C8  O5   sing N N 291 
PE4 C8  H81  sing N N 292 
PE4 C8  H82  sing N N 293 
PE4 O5  C9   sing N N 294 
PE4 C9  C10  sing N N 295 
PE4 C9  H91  sing N N 296 
PE4 C9  H92  sing N N 297 
PE4 C10 O6   sing N N 298 
PE4 C10 H101 sing N N 299 
PE4 C10 H102 sing N N 300 
PE4 O6  C11  sing N N 301 
PE4 C11 C12  sing N N 302 
PE4 C11 H111 sing N N 303 
PE4 C11 H112 sing N N 304 
PE4 C12 O7   sing N N 305 
PE4 C12 H121 sing N N 306 
PE4 C12 H122 sing N N 307 
PE4 O7  C13  sing N N 308 
PE4 C13 C14  sing N N 309 
PE4 C13 H131 sing N N 310 
PE4 C13 H132 sing N N 311 
PE4 C14 O8   sing N N 312 
PE4 C14 H141 sing N N 313 
PE4 C14 H142 sing N N 314 
PE4 O8  C15  sing N N 315 
PE4 C15 C16  sing N N 316 
PE4 C15 H151 sing N N 317 
PE4 C15 H152 sing N N 318 
PE4 C16 H161 sing N N 319 
PE4 C16 H162 sing N N 320 
PE4 C16 H163 sing N N 321 
PHE N   CA   sing N N 322 
PHE N   H    sing N N 323 
PHE N   H2   sing N N 324 
PHE CA  C    sing N N 325 
PHE CA  CB   sing N N 326 
PHE CA  HA   sing N N 327 
PHE C   O    doub N N 328 
PHE C   OXT  sing N N 329 
PHE CB  CG   sing N N 330 
PHE CB  HB2  sing N N 331 
PHE CB  HB3  sing N N 332 
PHE CG  CD1  doub Y N 333 
PHE CG  CD2  sing Y N 334 
PHE CD1 CE1  sing Y N 335 
PHE CD1 HD1  sing N N 336 
PHE CD2 CE2  doub Y N 337 
PHE CD2 HD2  sing N N 338 
PHE CE1 CZ   doub Y N 339 
PHE CE1 HE1  sing N N 340 
PHE CE2 CZ   sing Y N 341 
PHE CE2 HE2  sing N N 342 
PHE CZ  HZ   sing N N 343 
PHE OXT HXT  sing N N 344 
PRO N   CA   sing N N 345 
PRO N   CD   sing N N 346 
PRO N   H    sing N N 347 
PRO CA  C    sing N N 348 
PRO CA  CB   sing N N 349 
PRO CA  HA   sing N N 350 
PRO C   O    doub N N 351 
PRO C   OXT  sing N N 352 
PRO CB  CG   sing N N 353 
PRO CB  HB2  sing N N 354 
PRO CB  HB3  sing N N 355 
PRO CG  CD   sing N N 356 
PRO CG  HG2  sing N N 357 
PRO CG  HG3  sing N N 358 
PRO CD  HD2  sing N N 359 
PRO CD  HD3  sing N N 360 
PRO OXT HXT  sing N N 361 
SER N   CA   sing N N 362 
SER N   H    sing N N 363 
SER N   H2   sing N N 364 
SER CA  C    sing N N 365 
SER CA  CB   sing N N 366 
SER CA  HA   sing N N 367 
SER C   O    doub N N 368 
SER C   OXT  sing N N 369 
SER CB  OG   sing N N 370 
SER CB  HB2  sing N N 371 
SER CB  HB3  sing N N 372 
SER OG  HG   sing N N 373 
SER OXT HXT  sing N N 374 
THR N   CA   sing N N 375 
THR N   H    sing N N 376 
THR N   H2   sing N N 377 
THR CA  C    sing N N 378 
THR CA  CB   sing N N 379 
THR CA  HA   sing N N 380 
THR C   O    doub N N 381 
THR C   OXT  sing N N 382 
THR CB  OG1  sing N N 383 
THR CB  CG2  sing N N 384 
THR CB  HB   sing N N 385 
THR OG1 HG1  sing N N 386 
THR CG2 HG21 sing N N 387 
THR CG2 HG22 sing N N 388 
THR CG2 HG23 sing N N 389 
THR OXT HXT  sing N N 390 
TRP N   CA   sing N N 391 
TRP N   H    sing N N 392 
TRP N   H2   sing N N 393 
TRP CA  C    sing N N 394 
TRP CA  CB   sing N N 395 
TRP CA  HA   sing N N 396 
TRP C   O    doub N N 397 
TRP C   OXT  sing N N 398 
TRP CB  CG   sing N N 399 
TRP CB  HB2  sing N N 400 
TRP CB  HB3  sing N N 401 
TRP CG  CD1  doub Y N 402 
TRP CG  CD2  sing Y N 403 
TRP CD1 NE1  sing Y N 404 
TRP CD1 HD1  sing N N 405 
TRP CD2 CE2  doub Y N 406 
TRP CD2 CE3  sing Y N 407 
TRP NE1 CE2  sing Y N 408 
TRP NE1 HE1  sing N N 409 
TRP CE2 CZ2  sing Y N 410 
TRP CE3 CZ3  doub Y N 411 
TRP CE3 HE3  sing N N 412 
TRP CZ2 CH2  doub Y N 413 
TRP CZ2 HZ2  sing N N 414 
TRP CZ3 CH2  sing Y N 415 
TRP CZ3 HZ3  sing N N 416 
TRP CH2 HH2  sing N N 417 
TRP OXT HXT  sing N N 418 
TYR N   CA   sing N N 419 
TYR N   H    sing N N 420 
TYR N   H2   sing N N 421 
TYR CA  C    sing N N 422 
TYR CA  CB   sing N N 423 
TYR CA  HA   sing N N 424 
TYR C   O    doub N N 425 
TYR C   OXT  sing N N 426 
TYR CB  CG   sing N N 427 
TYR CB  HB2  sing N N 428 
TYR CB  HB3  sing N N 429 
TYR CG  CD1  doub Y N 430 
TYR CG  CD2  sing Y N 431 
TYR CD1 CE1  sing Y N 432 
TYR CD1 HD1  sing N N 433 
TYR CD2 CE2  doub Y N 434 
TYR CD2 HD2  sing N N 435 
TYR CE1 CZ   doub Y N 436 
TYR CE1 HE1  sing N N 437 
TYR CE2 CZ   sing Y N 438 
TYR CE2 HE2  sing N N 439 
TYR CZ  OH   sing N N 440 
TYR OH  HH   sing N N 441 
TYR OXT HXT  sing N N 442 
VAL N   CA   sing N N 443 
VAL N   H    sing N N 444 
VAL N   H2   sing N N 445 
VAL CA  C    sing N N 446 
VAL CA  CB   sing N N 447 
VAL CA  HA   sing N N 448 
VAL C   O    doub N N 449 
VAL C   OXT  sing N N 450 
VAL CB  CG1  sing N N 451 
VAL CB  CG2  sing N N 452 
VAL CB  HB   sing N N 453 
VAL CG1 HG11 sing N N 454 
VAL CG1 HG12 sing N N 455 
VAL CG1 HG13 sing N N 456 
VAL CG2 HG21 sing N N 457 
VAL CG2 HG22 sing N N 458 
VAL CG2 HG23 sing N N 459 
VAL OXT HXT  sing N N 460 
# 
_atom_sites.entry_id                    2HBO 
_atom_sites.fract_transf_matrix[1][1]   0.00724115 
_atom_sites.fract_transf_matrix[1][2]   0.01695154 
_atom_sites.fract_transf_matrix[1][3]   0.00320546 
_atom_sites.fract_transf_matrix[2][1]   -0.01698200 
_atom_sites.fract_transf_matrix[2][2]   0.00639116 
_atom_sites.fract_transf_matrix[2][3]   0.00456387 
_atom_sites.fract_transf_matrix[3][1]   0.00163941 
_atom_sites.fract_transf_matrix[3][2]   -0.00252154 
_atom_sites.fract_transf_matrix[3][3]   0.00963132 
_atom_sites.fract_transf_vector[1]      0.138349 
_atom_sites.fract_transf_vector[2]      -0.150792 
_atom_sites.fract_transf_vector[3]      -0.165094 
# 
loop_
_atom_type.symbol 
C  
N  
O  
S  
SE 
# 
loop_
_atom_site.group_PDB 
_atom_site.id 
_atom_site.type_symbol 
_atom_site.label_atom_id 
_atom_site.label_alt_id 
_atom_site.label_comp_id 
_atom_site.label_asym_id 
_atom_site.label_entity_id 
_atom_site.label_seq_id 
_atom_site.pdbx_PDB_ins_code 
_atom_site.Cartn_x 
_atom_site.Cartn_y 
_atom_site.Cartn_z 
_atom_site.occupancy 
_atom_site.B_iso_or_equiv 
_atom_site.pdbx_formal_charge 
_atom_site.auth_seq_id 
_atom_site.auth_comp_id 
_atom_site.auth_asym_id 
_atom_site.auth_atom_id 
_atom_site.pdbx_PDB_model_num 
ATOM   1    N  N   . ALA A 1 13  ? 12.947  -11.219 10.923  1.00 41.49 ? 12  ALA A N   1 
ATOM   2    C  CA  . ALA A 1 13  ? 13.825  -10.949 9.729   1.00 41.82 ? 12  ALA A CA  1 
ATOM   3    C  C   . ALA A 1 13  ? 13.108  -10.187 8.621   1.00 41.78 ? 12  ALA A C   1 
ATOM   4    O  O   . ALA A 1 13  ? 12.741  -10.763 7.586   1.00 41.07 ? 12  ALA A O   1 
ATOM   5    C  CB  . ALA A 1 13  ? 14.390  -12.250 9.177   1.00 42.33 ? 12  ALA A CB  1 
ATOM   6    N  N   . ILE A 1 14  ? 12.940  -8.884  8.823   1.00 41.76 ? 13  ILE A N   1 
ATOM   7    C  CA  . ILE A 1 14  ? 12.290  -8.030  7.827   1.00 41.39 ? 13  ILE A CA  1 
ATOM   8    C  C   . ILE A 1 14  ? 13.214  -7.864  6.635   1.00 41.65 ? 13  ILE A C   1 
ATOM   9    O  O   . ILE A 1 14  ? 14.361  -7.445  6.800   1.00 42.78 ? 13  ILE A O   1 
ATOM   10   C  CB  . ILE A 1 14  ? 11.989  -6.634  8.380   1.00 40.89 ? 13  ILE A CB  1 
ATOM   11   C  CG1 . ILE A 1 14  ? 11.047  -6.716  9.587   1.00 41.60 ? 13  ILE A CG1 1 
ATOM   12   C  CG2 . ILE A 1 14  ? 11.363  -5.793  7.322   1.00 39.21 ? 13  ILE A CG2 1 
ATOM   13   C  CD1 . ILE A 1 14  ? 10.916  -5.407  10.348  1.00 41.48 ? 13  ILE A CD1 1 
ATOM   14   N  N   . PRO A 1 15  ? 12.730  -8.182  5.422   1.00 41.17 ? 14  PRO A N   1 
ATOM   15   C  CA  . PRO A 1 15  ? 13.480  -7.947  4.197   1.00 40.63 ? 14  PRO A CA  1 
ATOM   16   C  C   . PRO A 1 15  ? 14.196  -6.604  4.131   1.00 41.07 ? 14  PRO A C   1 
ATOM   17   O  O   . PRO A 1 15  ? 13.680  -5.613  4.626   1.00 41.90 ? 14  PRO A O   1 
ATOM   18   C  CB  . PRO A 1 15  ? 12.391  -8.009  3.140   1.00 42.14 ? 14  PRO A CB  1 
ATOM   19   C  CG  . PRO A 1 15  ? 11.528  -9.108  3.671   1.00 37.72 ? 14  PRO A CG  1 
ATOM   20   C  CD  . PRO A 1 15  ? 11.441  -8.834  5.135   1.00 41.71 ? 14  PRO A CD  1 
ATOM   21   N  N   . GLU A 1 16  ? 15.375  -6.579  3.518   1.00 39.50 ? 15  GLU A N   1 
ATOM   22   C  CA  . GLU A 1 16  ? 16.235  -5.404  3.585   1.00 40.03 ? 15  GLU A CA  1 
ATOM   23   C  C   . GLU A 1 16  ? 15.502  -4.192  3.007   1.00 39.76 ? 15  GLU A C   1 
ATOM   24   O  O   . GLU A 1 16  ? 14.792  -4.310  2.004   1.00 38.90 ? 15  GLU A O   1 
ATOM   25   C  CB  . GLU A 1 16  ? 17.552  -5.636  2.832   1.00 40.59 ? 15  GLU A CB  1 
ATOM   26   C  CG  . GLU A 1 16  ? 18.673  -4.695  3.245   1.00 40.71 ? 15  GLU A CG  1 
ATOM   27   N  N   . GLY A 1 17  ? 15.648  -3.047  3.669   1.00 39.47 ? 16  GLY A N   1 
ATOM   28   C  CA  . GLY A 1 17  ? 15.026  -1.807  3.230   1.00 39.46 ? 16  GLY A CA  1 
ATOM   29   C  C   . GLY A 1 17  ? 13.684  -1.486  3.866   1.00 39.92 ? 16  GLY A C   1 
ATOM   30   O  O   . GLY A 1 17  ? 13.168  -0.378  3.671   1.00 37.99 ? 16  GLY A O   1 
ATOM   31   N  N   . PHE A 1 18  ? 13.111  -2.438  4.618   1.00 38.57 ? 17  PHE A N   1 
ATOM   32   C  CA  . PHE A 1 18  ? 11.775  -2.255  5.205   1.00 37.86 ? 17  PHE A CA  1 
ATOM   33   C  C   . PHE A 1 18  ? 11.824  -2.162  6.724   1.00 38.85 ? 17  PHE A C   1 
ATOM   34   O  O   . PHE A 1 18  ? 12.650  -2.807  7.378   1.00 37.29 ? 17  PHE A O   1 
ATOM   35   C  CB  . PHE A 1 18  ? 10.844  -3.404  4.813   1.00 35.77 ? 17  PHE A CB  1 
ATOM   36   C  CG  . PHE A 1 18  ? 10.396  -3.353  3.386   1.00 35.13 ? 17  PHE A CG  1 
ATOM   37   C  CD1 . PHE A 1 18  ? 9.291   -2.620  3.027   1.00 34.00 ? 17  PHE A CD1 1 
ATOM   38   C  CD2 . PHE A 1 18  ? 11.125  -4.001  2.397   1.00 32.99 ? 17  PHE A CD2 1 
ATOM   39   C  CE1 . PHE A 1 18  ? 8.901   -2.546  1.724   1.00 30.80 ? 17  PHE A CE1 1 
ATOM   40   C  CE2 . PHE A 1 18  ? 10.737  -3.945  1.076   1.00 33.96 ? 17  PHE A CE2 1 
ATOM   41   C  CZ  . PHE A 1 18  ? 9.633   -3.225  0.730   1.00 32.51 ? 17  PHE A CZ  1 
ATOM   42   N  N   . SER A 1 19  ? 10.916  -1.367  7.278   1.00 41.13 ? 18  SER A N   1 
ATOM   43   C  CA  . SER A 1 19  ? 10.717  -1.323  8.722   1.00 44.13 ? 18  SER A CA  1 
ATOM   44   C  C   . SER A 1 19  ? 9.213   -1.360  9.036   1.00 44.18 ? 18  SER A C   1 
ATOM   45   O  O   . SER A 1 19  ? 8.369   -0.958  8.211   1.00 39.97 ? 18  SER A O   1 
ATOM   46   C  CB  . SER A 1 19  ? 11.365  -0.076  9.313   1.00 44.64 ? 18  SER A CB  1 
ATOM   47   O  OG  . SER A 1 19  ? 10.701  1.078   8.856   1.00 49.28 ? 18  SER A OG  1 
ATOM   48   N  N   . GLN A 1 20  ? 8.887   -1.876  10.216  1.00 44.50 ? 19  GLN A N   1 
ATOM   49   C  CA  . GLN A 1 20  ? 7.504   -2.086  10.572  1.00 45.49 ? 19  GLN A CA  1 
ATOM   50   C  C   . GLN A 1 20  ? 6.819   -0.735  10.778  1.00 45.86 ? 19  GLN A C   1 
ATOM   51   O  O   . GLN A 1 20  ? 7.378   0.177   11.410  1.00 46.17 ? 19  GLN A O   1 
ATOM   52   C  CB  . GLN A 1 20  ? 7.378   -2.973  11.831  1.00 46.31 ? 19  GLN A CB  1 
ATOM   53   C  CG  . GLN A 1 20  ? 5.939   -3.420  12.107  1.00 48.04 ? 19  GLN A CG  1 
ATOM   54   C  CD  . GLN A 1 20  ? 5.834   -4.713  12.929  1.00 47.45 ? 19  GLN A CD  1 
ATOM   55   O  OE1 . GLN A 1 20  ? 6.641   -5.637  12.790  1.00 52.18 ? 19  GLN A OE1 1 
ATOM   56   N  NE2 . GLN A 1 20  ? 4.810   -4.785  13.769  1.00 51.58 ? 19  GLN A NE2 1 
ATOM   57   N  N   . LEU A 1 21  ? 5.617   -0.610  10.235  1.00 43.04 ? 20  LEU A N   1 
ATOM   58   C  CA  . LEU A 1 21  ? 4.740   0.516   10.556  1.00 44.74 ? 20  LEU A CA  1 
ATOM   59   C  C   . LEU A 1 21  ? 4.045   0.192   11.845  1.00 46.76 ? 20  LEU A C   1 
ATOM   60   O  O   . LEU A 1 21  ? 3.735   -0.967  12.123  1.00 50.04 ? 20  LEU A O   1 
ATOM   61   C  CB  . LEU A 1 21  ? 3.655   0.705   9.505   1.00 45.39 ? 20  LEU A CB  1 
ATOM   62   C  CG  . LEU A 1 21  ? 4.047   1.422   8.241   1.00 46.76 ? 20  LEU A CG  1 
ATOM   63   C  CD1 . LEU A 1 21  ? 2.907   1.391   7.191   1.00 48.96 ? 20  LEU A CD1 1 
ATOM   64   C  CD2 . LEU A 1 21  ? 4.419   2.858   8.570   1.00 49.42 ? 20  LEU A CD2 1 
ATOM   65   N  N   . ASN A 1 22  ? 3.777   1.209   12.628  1.00 46.83 ? 21  ASN A N   1 
ATOM   66   C  CA  . ASN A 1 22  ? 3.182   0.988   13.917  1.00 49.68 ? 21  ASN A CA  1 
ATOM   67   C  C   . ASN A 1 22  ? 1.965   1.897   14.037  1.00 50.59 ? 21  ASN A C   1 
ATOM   68   O  O   . ASN A 1 22  ? 2.108   3.120   14.016  1.00 51.69 ? 21  ASN A O   1 
ATOM   69   C  CB  . ASN A 1 22  ? 4.230   1.291   14.991  1.00 49.45 ? 21  ASN A CB  1 
ATOM   70   C  CG  . ASN A 1 22  ? 5.386   0.267   15.008  1.00 53.59 ? 21  ASN A CG  1 
ATOM   71   O  OD1 . ASN A 1 22  ? 5.193   -0.923  14.728  1.00 58.38 ? 21  ASN A OD1 1 
ATOM   72   N  ND2 . ASN A 1 22  ? 6.584   0.729   15.374  1.00 55.40 ? 21  ASN A ND2 1 
ATOM   73   N  N   . TRP A 1 23  ? 0.775   1.303   14.134  1.00 50.55 ? 22  TRP A N   1 
ATOM   74   C  CA  . TRP A 1 23  ? -0.410  2.031   14.587  1.00 50.41 ? 22  TRP A CA  1 
ATOM   75   C  C   . TRP A 1 23  ? -0.863  1.538   15.958  1.00 50.30 ? 22  TRP A C   1 
ATOM   76   O  O   . TRP A 1 23  ? -0.601  0.403   16.360  1.00 51.70 ? 22  TRP A O   1 
ATOM   77   C  CB  . TRP A 1 23  ? -1.558  1.889   13.603  1.00 51.83 ? 22  TRP A CB  1 
ATOM   78   C  CG  . TRP A 1 23  ? -1.253  2.368   12.251  1.00 50.53 ? 22  TRP A CG  1 
ATOM   79   C  CD1 . TRP A 1 23  ? -1.320  3.654   11.802  1.00 52.57 ? 22  TRP A CD1 1 
ATOM   80   C  CD2 . TRP A 1 23  ? -0.843  1.574   11.145  1.00 48.83 ? 22  TRP A CD2 1 
ATOM   81   N  NE1 . TRP A 1 23  ? -0.986  3.706   10.469  1.00 52.27 ? 22  TRP A NE1 1 
ATOM   82   C  CE2 . TRP A 1 23  ? -0.685  2.441   10.044  1.00 50.55 ? 22  TRP A CE2 1 
ATOM   83   C  CE3 . TRP A 1 23  ? -0.594  0.212   10.973  1.00 51.91 ? 22  TRP A CE3 1 
ATOM   84   C  CZ2 . TRP A 1 23  ? -0.282  1.993   8.793   1.00 51.13 ? 22  TRP A CZ2 1 
ATOM   85   C  CZ3 . TRP A 1 23  ? -0.210  -0.239  9.727   1.00 53.07 ? 22  TRP A CZ3 1 
ATOM   86   C  CH2 . TRP A 1 23  ? -0.041  0.656   8.653   1.00 51.45 ? 22  TRP A CH2 1 
ATOM   87   N  N   . SER A 1 24  ? -1.523  2.413   16.689  1.00 47.94 ? 23  SER A N   1 
ATOM   88   C  CA  . SER A 1 24  ? -2.032  2.067   17.999  1.00 47.11 ? 23  SER A CA  1 
ATOM   89   C  C   . SER A 1 24  ? -3.506  1.654   17.918  1.00 45.19 ? 23  SER A C   1 
ATOM   90   O  O   . SER A 1 24  ? -4.007  0.950   18.777  1.00 44.76 ? 23  SER A O   1 
ATOM   91   C  CB  . SER A 1 24  ? -1.872  3.265   18.929  1.00 48.12 ? 23  SER A CB  1 
ATOM   92   N  N   . ARG A 1 25  ? -4.193  2.105   16.870  1.00 43.65 ? 24  ARG A N   1 
ATOM   93   C  CA  . ARG A 1 25  ? -5.617  1.886   16.743  1.00 41.96 ? 24  ARG A CA  1 
ATOM   94   C  C   . ARG A 1 25  ? -6.006  1.979   15.279  1.00 40.39 ? 24  ARG A C   1 
ATOM   95   O  O   . ARG A 1 25  ? -5.179  2.293   14.419  1.00 37.18 ? 24  ARG A O   1 
ATOM   96   C  CB  . ARG A 1 25  ? -6.388  2.933   17.552  1.00 41.72 ? 24  ARG A CB  1 
ATOM   97   C  CG  . ARG A 1 25  ? -6.240  4.370   17.052  1.00 43.69 ? 24  ARG A CG  1 
ATOM   98   C  CD  . ARG A 1 25  ? -6.817  5.377   18.079  1.00 43.53 ? 24  ARG A CD  1 
ATOM   99   N  N   . GLY A 1 26  ? -7.277  1.724   15.004  1.00 40.45 ? 25  GLY A N   1 
ATOM   100  C  CA  . GLY A 1 26  ? -7.792  1.944   13.658  1.00 38.09 ? 25  GLY A CA  1 
ATOM   101  C  C   . GLY A 1 26  ? -7.551  0.761   12.754  1.00 36.73 ? 25  GLY A C   1 
ATOM   102  O  O   . GLY A 1 26  ? -7.083  -0.281  13.186  1.00 35.34 ? 25  GLY A O   1 
ATOM   103  N  N   . PHE A 1 27  ? -7.893  0.931   11.490  1.00 35.41 ? 26  PHE A N   1 
ATOM   104  C  CA  . PHE A 1 27  ? -7.874  -0.174  10.523  1.00 37.23 ? 26  PHE A CA  1 
ATOM   105  C  C   . PHE A 1 27  ? -6.487  -0.672  10.101  1.00 38.84 ? 26  PHE A C   1 
ATOM   106  O  O   . PHE A 1 27  ? -6.323  -1.858  9.886   1.00 39.35 ? 26  PHE A O   1 
ATOM   107  C  CB  . PHE A 1 27  ? -8.688  0.224   9.293   1.00 34.24 ? 26  PHE A CB  1 
ATOM   108  C  CG  . PHE A 1 27  ? -8.944  -0.924  8.323   1.00 33.38 ? 26  PHE A CG  1 
ATOM   109  C  CD1 . PHE A 1 27  ? -9.626  -2.057  8.740   1.00 34.82 ? 26  PHE A CD1 1 
ATOM   110  C  CD2 . PHE A 1 27  ? -8.519  -0.844  7.003   1.00 36.24 ? 26  PHE A CD2 1 
ATOM   111  C  CE1 . PHE A 1 27  ? -9.881  -3.132  7.847   1.00 34.11 ? 26  PHE A CE1 1 
ATOM   112  C  CE2 . PHE A 1 27  ? -8.762  -1.923  6.107   1.00 35.46 ? 26  PHE A CE2 1 
ATOM   113  C  CZ  . PHE A 1 27  ? -9.425  -3.037  6.539   1.00 31.14 ? 26  PHE A CZ  1 
ATOM   114  N  N   . GLY A 1 28  ? -5.481  0.198   10.002  1.00 40.21 ? 27  GLY A N   1 
ATOM   115  C  CA  . GLY A 1 28  ? -4.114  -0.270  9.710   1.00 41.21 ? 27  GLY A CA  1 
ATOM   116  C  C   . GLY A 1 28  ? -3.574  -1.316  10.678  1.00 43.44 ? 27  GLY A C   1 
ATOM   117  O  O   . GLY A 1 28  ? -2.893  -2.282  10.291  1.00 43.96 ? 27  GLY A O   1 
ATOM   118  N  N   . ARG A 1 29  ? -3.879  -1.139  11.947  1.00 43.01 ? 28  ARG A N   1 
ATOM   119  C  CA  . ARG A 1 29  ? -3.486  -2.110  12.937  1.00 44.86 ? 28  ARG A CA  1 
ATOM   120  C  C   . ARG A 1 29  ? -4.278  -3.408  12.830  1.00 43.11 ? 28  ARG A C   1 
ATOM   121  O  O   . ARG A 1 29  ? -3.762  -4.492  13.131  1.00 40.42 ? 28  ARG A O   1 
ATOM   122  C  CB  . ARG A 1 29  ? -3.654  -1.544  14.345  1.00 45.09 ? 28  ARG A CB  1 
ATOM   123  C  CG  . ARG A 1 29  ? -3.421  -2.601  15.400  1.00 46.97 ? 28  ARG A CG  1 
ATOM   124  C  CD  . ARG A 1 29  ? -3.226  -2.088  16.818  1.00 47.40 ? 28  ARG A CD  1 
ATOM   125  N  NE  . ARG A 1 29  ? -2.691  -3.177  17.652  1.00 48.31 ? 28  ARG A NE  1 
ATOM   126  C  CZ  . ARG A 1 29  ? -1.416  -3.605  17.638  1.00 47.50 ? 28  ARG A CZ  1 
ATOM   127  N  NH1 . ARG A 1 29  ? -0.493  -3.023  16.864  1.00 51.35 ? 28  ARG A NH1 1 
ATOM   128  N  NH2 . ARG A 1 29  ? -1.055  -4.621  18.413  1.00 49.79 ? 28  ARG A NH2 1 
ATOM   129  N  N   . GLN A 1 30  ? -5.558  -3.288  12.494  1.00 42.10 ? 29  GLN A N   1 
ATOM   130  C  CA  . GLN A 1 30  ? -6.377  -4.469  12.269  1.00 40.76 ? 29  GLN A CA  1 
ATOM   131  C  C   . GLN A 1 30  ? -5.745  -5.335  11.194  1.00 40.76 ? 29  GLN A C   1 
ATOM   132  O  O   . GLN A 1 30  ? -5.792  -6.560  11.275  1.00 42.04 ? 29  GLN A O   1 
ATOM   133  C  CB  . GLN A 1 30  ? -7.782  -4.091  11.789  1.00 40.73 ? 29  GLN A CB  1 
ATOM   134  C  CG  . GLN A 1 30  ? -8.935  -4.261  12.666  1.00 37.12 ? 29  GLN A CG  1 
ATOM   135  C  CD  . GLN A 1 30  ? -8.681  -4.948  13.985  1.00 37.36 ? 29  GLN A CD  1 
ATOM   136  O  OE1 . GLN A 1 30  ? -8.002  -4.406  14.851  1.00 40.50 ? 29  GLN A OE1 1 
ATOM   137  N  NE2 . GLN A 1 30  ? -9.278  -6.104  14.170  1.00 31.39 ? 29  GLN A NE2 1 
ATOM   138  N  N   . ILE A 1 31  ? -5.189  -4.720  10.157  1.00 42.73 ? 30  ILE A N   1 
ATOM   139  C  CA  . ILE A 1 31  ? -4.716  -5.526  9.014   1.00 43.82 ? 30  ILE A CA  1 
ATOM   140  C  C   . ILE A 1 31  ? -3.197  -5.662  8.949   1.00 41.74 ? 30  ILE A C   1 
ATOM   141  O  O   . ILE A 1 31  ? -2.641  -6.266  8.043   1.00 42.73 ? 30  ILE A O   1 
ATOM   142  C  CB  . ILE A 1 31  ? -5.285  -5.035  7.682   1.00 44.63 ? 30  ILE A CB  1 
ATOM   143  C  CG1 . ILE A 1 31  ? -4.698  -3.676  7.273   1.00 41.95 ? 30  ILE A CG1 1 
ATOM   144  C  CG2 . ILE A 1 31  ? -6.816  -5.012  7.764   1.00 46.95 ? 30  ILE A CG2 1 
ATOM   145  C  CD1 . ILE A 1 31  ? -5.138  -3.279  5.850   1.00 46.62 ? 30  ILE A CD1 1 
ATOM   146  N  N   . GLY A 1 32  ? -2.523  -5.131  9.952   1.00 41.52 ? 31  GLY A N   1 
ATOM   147  C  CA  . GLY A 1 32  ? -1.090  -5.295  10.029  1.00 41.86 ? 31  GLY A CA  1 
ATOM   148  C  C   . GLY A 1 32  ? -0.694  -6.701  10.428  1.00 41.02 ? 31  GLY A C   1 
ATOM   149  O  O   . GLY A 1 32  ? -1.555  -7.598  10.586  1.00 39.02 ? 31  GLY A O   1 
ATOM   150  N  N   . PRO A 1 33  ? 0.615   -6.900  10.650  1.00 42.36 ? 32  PRO A N   1 
ATOM   151  C  CA  . PRO A 1 33  ? 1.682   -5.892  10.524  1.00 41.97 ? 32  PRO A CA  1 
ATOM   152  C  C   . PRO A 1 33  ? 1.968   -5.489  9.098   1.00 39.97 ? 32  PRO A C   1 
ATOM   153  O  O   . PRO A 1 33  ? 1.968   -6.346  8.204   1.00 41.24 ? 32  PRO A O   1 
ATOM   154  C  CB  . PRO A 1 33  ? 2.927   -6.607  11.098  1.00 41.58 ? 32  PRO A CB  1 
ATOM   155  C  CG  . PRO A 1 33  ? 2.398   -7.809  11.817  1.00 44.70 ? 32  PRO A CG  1 
ATOM   156  C  CD  . PRO A 1 33  ? 1.129   -8.189  11.145  1.00 43.39 ? 32  PRO A CD  1 
ATOM   157  N  N   . LEU A 1 34  ? 2.130   -4.191  8.877   1.00 38.55 ? 33  LEU A N   1 
ATOM   158  C  CA  . LEU A 1 34  ? 2.586   -3.670  7.589   1.00 38.64 ? 33  LEU A CA  1 
ATOM   159  C  C   . LEU A 1 34  ? 3.967   -3.050  7.745   1.00 39.04 ? 33  LEU A C   1 
ATOM   160  O  O   . LEU A 1 34  ? 4.349   -2.639  8.850   1.00 42.00 ? 33  LEU A O   1 
ATOM   161  C  CB  . LEU A 1 34  ? 1.639   -2.587  7.053   1.00 37.09 ? 33  LEU A CB  1 
ATOM   162  C  CG  . LEU A 1 34  ? 0.148   -2.914  7.052   1.00 40.70 ? 33  LEU A CG  1 
ATOM   163  C  CD1 . LEU A 1 34  ? -0.639  -1.773  6.374   1.00 42.69 ? 33  LEU A CD1 1 
ATOM   164  C  CD2 . LEU A 1 34  ? -0.122  -4.220  6.372   1.00 40.62 ? 33  LEU A CD2 1 
ATOM   165  N  N   . PHE A 1 35  ? 4.695   -2.986  6.632   1.00 38.81 ? 34  PHE A N   1 
ATOM   166  C  CA  . PHE A 1 35  ? 6.042   -2.443  6.616   1.00 38.41 ? 34  PHE A CA  1 
ATOM   167  C  C   . PHE A 1 35  ? 6.165   -1.420  5.525   1.00 35.66 ? 34  PHE A C   1 
ATOM   168  O  O   . PHE A 1 35  ? 5.547   -1.567  4.443   1.00 38.79 ? 34  PHE A O   1 
ATOM   169  C  CB  . PHE A 1 35  ? 7.064   -3.556  6.429   1.00 38.46 ? 34  PHE A CB  1 
ATOM   170  C  CG  . PHE A 1 35  ? 6.909   -4.660  7.407   1.00 38.06 ? 34  PHE A CG  1 
ATOM   171  C  CD1 . PHE A 1 35  ? 5.894   -5.590  7.254   1.00 38.22 ? 34  PHE A CD1 1 
ATOM   172  C  CD2 . PHE A 1 35  ? 7.756   -4.779  8.486   1.00 40.98 ? 34  PHE A CD2 1 
ATOM   173  C  CE1 . PHE A 1 35  ? 5.725   -6.615  8.190   1.00 42.12 ? 34  PHE A CE1 1 
ATOM   174  C  CE2 . PHE A 1 35  ? 7.583   -5.792  9.394   1.00 42.10 ? 34  PHE A CE2 1 
ATOM   175  C  CZ  . PHE A 1 35  ? 6.581   -6.726  9.213   1.00 39.35 ? 34  PHE A CZ  1 
ATOM   176  N  N   . GLU A 1 36  ? 6.980   -0.396  5.779   1.00 35.84 ? 35  GLU A N   1 
ATOM   177  C  CA  . GLU A 1 36  ? 7.260   0.656   4.787   1.00 37.52 ? 35  GLU A CA  1 
ATOM   178  C  C   . GLU A 1 36  ? 8.739   0.659   4.427   1.00 37.97 ? 35  GLU A C   1 
ATOM   179  O  O   . GLU A 1 36  ? 9.620   0.369   5.258   1.00 36.51 ? 35  GLU A O   1 
ATOM   180  C  CB  . GLU A 1 36  ? 6.833   2.048   5.280   1.00 39.76 ? 35  GLU A CB  1 
ATOM   181  C  CG  . GLU A 1 36  ? 7.529   2.504   6.575   1.00 39.46 ? 35  GLU A CG  1 
ATOM   182  C  CD  . GLU A 1 36  ? 7.190   3.945   6.985   1.00 41.54 ? 35  GLU A CD  1 
ATOM   183  O  OE1 . GLU A 1 36  ? 6.707   4.722   6.143   1.00 41.78 ? 35  GLU A OE1 1 
ATOM   184  O  OE2 . GLU A 1 36  ? 7.418   4.288   8.161   1.00 44.70 ? 35  GLU A OE2 1 
ATOM   185  N  N   . HIS A 1 37  ? 9.014   0.983   3.171   1.00 39.23 ? 36  HIS A N   1 
ATOM   186  C  CA  . HIS A 1 37  ? 10.375  1.043   2.701   1.00 41.07 ? 36  HIS A CA  1 
ATOM   187  C  C   . HIS A 1 37  ? 11.007  2.327   3.210   1.00 41.75 ? 36  HIS A C   1 
ATOM   188  O  O   . HIS A 1 37  ? 10.364  3.376   3.264   1.00 42.24 ? 36  HIS A O   1 
ATOM   189  C  CB  . HIS A 1 37  ? 10.415  1.063   1.171   1.00 39.77 ? 36  HIS A CB  1 
ATOM   190  C  CG  . HIS A 1 37  ? 11.761  0.731   0.612   1.00 42.35 ? 36  HIS A CG  1 
ATOM   191  N  ND1 . HIS A 1 37  ? 12.814  1.624   0.619   1.00 39.52 ? 36  HIS A ND1 1 
ATOM   192  C  CD2 . HIS A 1 37  ? 12.227  -0.403  0.031   1.00 43.43 ? 36  HIS A CD2 1 
ATOM   193  C  CE1 . HIS A 1 37  ? 13.871  1.051   0.070   1.00 44.22 ? 36  HIS A CE1 1 
ATOM   194  N  NE2 . HIS A 1 37  ? 13.540  -0.179  -0.294  1.00 44.48 ? 36  HIS A NE2 1 
ATOM   195  N  N   . ARG A 1 38  ? 12.278  2.236   3.553   1.00 43.98 ? 37  ARG A N   1 
ATOM   196  C  CA  . ARG A 1 38  ? 13.048  3.391   3.972   1.00 46.25 ? 37  ARG A CA  1 
ATOM   197  C  C   . ARG A 1 38  ? 13.164  4.407   2.842   1.00 43.77 ? 37  ARG A C   1 
ATOM   198  O  O   . ARG A 1 38  ? 12.936  4.105   1.665   1.00 42.06 ? 37  ARG A O   1 
ATOM   199  C  CB  . ARG A 1 38  ? 14.445  2.952   4.427   1.00 47.09 ? 37  ARG A CB  1 
ATOM   200  C  CG  . ARG A 1 38  ? 15.311  2.444   3.280   1.00 50.32 ? 37  ARG A CG  1 
ATOM   201  C  CD  . ARG A 1 38  ? 16.730  2.048   3.695   1.00 51.55 ? 37  ARG A CD  1 
ATOM   202  N  NE  . ARG A 1 38  ? 17.452  1.565   2.511   1.00 57.36 ? 37  ARG A NE  1 
ATOM   203  C  CZ  . ARG A 1 38  ? 18.360  0.587   2.504   1.00 58.24 ? 37  ARG A CZ  1 
ATOM   204  N  NH1 . ARG A 1 38  ? 18.700  -0.040  3.617   1.00 59.82 ? 37  ARG A NH1 1 
ATOM   205  N  NH2 . ARG A 1 38  ? 18.933  0.231   1.359   1.00 59.26 ? 37  ARG A NH2 1 
ATOM   206  N  N   . GLU A 1 39  ? 13.558  5.617   3.232   1.00 44.55 ? 38  GLU A N   1 
ATOM   207  C  CA  . GLU A 1 39  ? 13.756  6.741   2.323   1.00 43.73 ? 38  GLU A CA  1 
ATOM   208  C  C   . GLU A 1 39  ? 14.797  6.427   1.245   1.00 42.36 ? 38  GLU A C   1 
ATOM   209  O  O   . GLU A 1 39  ? 15.707  5.632   1.466   1.00 43.51 ? 38  GLU A O   1 
ATOM   210  C  CB  . GLU A 1 39  ? 14.188  7.979   3.125   1.00 45.07 ? 38  GLU A CB  1 
ATOM   211  C  CG  . GLU A 1 39  ? 14.044  9.256   2.357   1.00 44.97 ? 38  GLU A CG  1 
ATOM   212  N  N   . GLY A 1 40  ? 14.645  7.057   0.084   1.00 41.39 ? 39  GLY A N   1 
ATOM   213  C  CA  . GLY A 1 40  ? 15.490  6.791   -1.083  1.00 41.07 ? 39  GLY A CA  1 
ATOM   214  C  C   . GLY A 1 40  ? 14.784  5.903   -2.093  1.00 41.24 ? 39  GLY A C   1 
ATOM   215  O  O   . GLY A 1 40  ? 13.553  5.810   -2.077  1.00 42.12 ? 39  GLY A O   1 
ATOM   216  N  N   . PRO A 1 41  ? 15.559  5.242   -2.980  1.00 39.78 ? 40  PRO A N   1 
ATOM   217  C  CA  . PRO A 1 41  ? 14.937  4.293   -3.902  1.00 39.02 ? 40  PRO A CA  1 
ATOM   218  C  C   . PRO A 1 41  ? 14.021  3.278   -3.224  1.00 37.31 ? 40  PRO A C   1 
ATOM   219  O  O   . PRO A 1 41  ? 14.402  2.667   -2.224  1.00 39.36 ? 40  PRO A O   1 
ATOM   220  C  CB  . PRO A 1 41  ? 16.137  3.615   -4.592  1.00 37.73 ? 40  PRO A CB  1 
ATOM   221  C  CG  . PRO A 1 41  ? 17.239  4.662   -4.527  1.00 41.00 ? 40  PRO A CG  1 
ATOM   222  C  CD  . PRO A 1 41  ? 17.019  5.349   -3.191  1.00 39.96 ? 40  PRO A CD  1 
ATOM   223  N  N   . GLY A 1 42  ? 12.818  3.124   -3.769  1.00 37.41 ? 41  GLY A N   1 
ATOM   224  C  CA  . GLY A 1 42  ? 11.837  2.149   -3.286  1.00 36.87 ? 41  GLY A CA  1 
ATOM   225  C  C   . GLY A 1 42  ? 10.970  2.671   -2.156  1.00 36.21 ? 41  GLY A C   1 
ATOM   226  O  O   . GLY A 1 42  ? 10.136  1.922   -1.631  1.00 36.24 ? 41  GLY A O   1 
ATOM   227  N  N   . GLN A 1 43  ? 11.146  3.955   -1.772  1.00 36.69 ? 42  GLN A N   1 
ATOM   228  C  CA  . GLN A 1 43  ? 10.399  4.531   -0.643  1.00 36.81 ? 42  GLN A CA  1 
ATOM   229  C  C   . GLN A 1 43  ? 8.891   4.394   -0.773  1.00 35.25 ? 42  GLN A C   1 
ATOM   230  O  O   . GLN A 1 43  ? 8.205   4.208   0.234   1.00 36.76 ? 42  GLN A O   1 
ATOM   231  C  CB  . GLN A 1 43  ? 10.724  6.014   -0.390  1.00 36.19 ? 42  GLN A CB  1 
ATOM   232  C  CG  . GLN A 1 43  ? 10.095  6.422   0.934   1.00 41.42 ? 42  GLN A CG  1 
ATOM   233  C  CD  . GLN A 1 43  ? 10.463  7.792   1.428   1.00 40.24 ? 42  GLN A CD  1 
ATOM   234  O  OE1 . GLN A 1 43  ? 10.417  8.029   2.618   1.00 44.46 ? 42  GLN A OE1 1 
ATOM   235  N  NE2 . GLN A 1 43  ? 10.807  8.693   0.524   1.00 43.05 ? 42  GLN A NE2 1 
ATOM   236  N  N   . ALA A 1 44  ? 8.388   4.428   -1.994  1.00 37.89 ? 43  ALA A N   1 
ATOM   237  C  CA  . ALA A 1 44  ? 6.950   4.357   -2.251  1.00 37.83 ? 43  ALA A CA  1 
ATOM   238  C  C   . ALA A 1 44  ? 6.355   2.989   -1.945  1.00 39.19 ? 43  ALA A C   1 
ATOM   239  O  O   . ALA A 1 44  ? 5.124   2.868   -1.954  1.00 39.78 ? 43  ALA A O   1 
ATOM   240  C  CB  . ALA A 1 44  ? 6.639   4.750   -3.720  1.00 37.35 ? 43  ALA A CB  1 
ATOM   241  N  N   . ARG A 1 45  ? 7.204   1.985   -1.624  1.00 38.19 ? 44  ARG A N   1 
ATOM   242  C  CA  . ARG A 1 45  ? 6.754   0.615   -1.380  1.00 36.98 ? 44  ARG A CA  1 
ATOM   243  C  C   . ARG A 1 45  ? 6.311   0.391   0.063   1.00 36.44 ? 44  ARG A C   1 
ATOM   244  O  O   . ARG A 1 45  ? 6.946   0.835   1.006   1.00 36.66 ? 44  ARG A O   1 
ATOM   245  C  CB  . ARG A 1 45  ? 7.859   -0.401  -1.729  1.00 35.82 ? 44  ARG A CB  1 
ATOM   246  C  CG  . ARG A 1 45  ? 8.120   -0.445  -3.198  1.00 37.17 ? 44  ARG A CG  1 
ATOM   247  C  CD  . ARG A 1 45  ? 9.373   -1.191  -3.576  1.00 36.57 ? 44  ARG A CD  1 
ATOM   248  N  NE  . ARG A 1 45  ? 9.525   -1.235  -5.037  1.00 38.58 ? 44  ARG A NE  1 
ATOM   249  C  CZ  . ARG A 1 45  ? 10.500  -1.877  -5.674  1.00 36.32 ? 44  ARG A CZ  1 
ATOM   250  N  NH1 . ARG A 1 45  ? 11.412  -2.546  -4.989  1.00 40.96 ? 44  ARG A NH1 1 
ATOM   251  N  NH2 . ARG A 1 45  ? 10.541  -1.879  -6.994  1.00 38.59 ? 44  ARG A NH2 1 
ATOM   252  N  N   . LEU A 1 46  ? 5.170   -0.262  0.196   1.00 36.63 ? 45  LEU A N   1 
ATOM   253  C  CA  . LEU A 1 46  ? 4.772   -0.919  1.405   1.00 35.70 ? 45  LEU A CA  1 
ATOM   254  C  C   . LEU A 1 46  ? 4.890   -2.433  1.201   1.00 35.92 ? 45  LEU A C   1 
ATOM   255  O  O   . LEU A 1 46  ? 4.932   -2.927  0.065   1.00 36.07 ? 45  LEU A O   1 
ATOM   256  C  CB  . LEU A 1 46  ? 3.324   -0.591  1.744   1.00 37.25 ? 45  LEU A CB  1 
ATOM   257  C  CG  . LEU A 1 46  ? 2.874   0.754   2.271   1.00 42.22 ? 45  LEU A CG  1 
ATOM   258  C  CD1 . LEU A 1 46  ? 1.427   0.643   2.801   1.00 43.79 ? 45  LEU A CD1 1 
ATOM   259  C  CD2 . LEU A 1 46  ? 3.799   1.256   3.346   1.00 39.73 ? 45  LEU A CD2 1 
ATOM   260  N  N   . ALA A 1 47  ? 4.868   -3.146  2.303   1.00 36.09 ? 46  ALA A N   1 
ATOM   261  C  CA  . ALA A 1 47  ? 4.911   -4.607  2.316   1.00 36.20 ? 46  ALA A CA  1 
ATOM   262  C  C   . ALA A 1 47  ? 4.213   -5.175  3.530   1.00 37.16 ? 46  ALA A C   1 
ATOM   263  O  O   . ALA A 1 47  ? 4.029   -4.520  4.589   1.00 36.68 ? 46  ALA A O   1 
ATOM   264  C  CB  . ALA A 1 47  ? 6.332   -5.096  2.261   1.00 34.86 ? 46  ALA A CB  1 
ATOM   265  N  N   . PHE A 1 48  ? 3.785   -6.406  3.360   1.00 35.84 ? 47  PHE A N   1 
ATOM   266  C  CA  . PHE A 1 48  ? 3.329   -7.206  4.484   1.00 34.83 ? 47  PHE A CA  1 
ATOM   267  C  C   . PHE A 1 48  ? 3.671   -8.687  4.306   1.00 35.39 ? 47  PHE A C   1 
ATOM   268  O  O   . PHE A 1 48  ? 3.922   -9.162  3.215   1.00 35.90 ? 47  PHE A O   1 
ATOM   269  C  CB  . PHE A 1 48  ? 1.831   -6.959  4.778   1.00 33.53 ? 47  PHE A CB  1 
ATOM   270  C  CG  . PHE A 1 48  ? 0.861   -7.707  3.885   1.00 36.61 ? 47  PHE A CG  1 
ATOM   271  C  CD1 . PHE A 1 48  ? 0.572   -7.245  2.619   1.00 34.63 ? 47  PHE A CD1 1 
ATOM   272  C  CD2 . PHE A 1 48  ? 0.223   -8.876  4.337   1.00 37.93 ? 47  PHE A CD2 1 
ATOM   273  C  CE1 . PHE A 1 48  ? -0.338  -7.896  1.822   1.00 37.15 ? 47  PHE A CE1 1 
ATOM   274  C  CE2 . PHE A 1 48  ? -0.688  -9.544  3.543   1.00 35.93 ? 47  PHE A CE2 1 
ATOM   275  C  CZ  . PHE A 1 48  ? -0.951  -9.086  2.272   1.00 34.49 ? 47  PHE A CZ  1 
ATOM   276  N  N   . ARG A 1 49  ? 3.750   -9.390  5.428   1.00 34.74 ? 48  ARG A N   1 
ATOM   277  C  CA  . ARG A 1 49  ? 3.841   -10.838 5.423   1.00 37.86 ? 48  ARG A CA  1 
ATOM   278  C  C   . ARG A 1 49  ? 2.452   -11.428 5.661   1.00 36.45 ? 48  ARG A C   1 
ATOM   279  O  O   . ARG A 1 49  ? 1.780   -11.042 6.587   1.00 37.49 ? 48  ARG A O   1 
ATOM   280  C  CB  . ARG A 1 49  ? 4.771   -11.300 6.528   1.00 38.63 ? 48  ARG A CB  1 
ATOM   281  C  CG  . ARG A 1 49  ? 4.852   -12.775 6.696   1.00 43.71 ? 48  ARG A CG  1 
ATOM   282  C  CD  . ARG A 1 49  ? 6.282   -13.198 6.831   1.00 49.51 ? 48  ARG A CD  1 
ATOM   283  N  NE  . ARG A 1 49  ? 6.804   -13.547 5.527   1.00 53.59 ? 48  ARG A NE  1 
ATOM   284  C  CZ  . ARG A 1 49  ? 8.014   -13.252 5.067   1.00 52.00 ? 48  ARG A CZ  1 
ATOM   285  N  NH1 . ARG A 1 49  ? 8.881   -12.535 5.774   1.00 51.95 ? 48  ARG A NH1 1 
ATOM   286  N  NH2 . ARG A 1 49  ? 8.339   -13.666 3.856   1.00 50.36 ? 48  ARG A NH2 1 
ATOM   287  N  N   . VAL A 1 50  ? 2.040   -12.361 4.815   1.00 35.66 ? 49  VAL A N   1 
ATOM   288  C  CA  . VAL A 1 50  ? 0.745   -13.003 4.974   1.00 34.69 ? 49  VAL A CA  1 
ATOM   289  C  C   . VAL A 1 50  ? 0.770   -13.837 6.254   1.00 34.31 ? 49  VAL A C   1 
ATOM   290  O  O   . VAL A 1 50  ? 1.550   -14.797 6.395   1.00 33.61 ? 49  VAL A O   1 
ATOM   291  C  CB  . VAL A 1 50  ? 0.403   -13.886 3.765   1.00 33.29 ? 49  VAL A CB  1 
ATOM   292  C  CG1 . VAL A 1 50  ? -0.989  -14.525 3.945   1.00 30.88 ? 49  VAL A CG1 1 
ATOM   293  C  CG2 . VAL A 1 50  ? 0.523   -13.063 2.457   1.00 36.27 ? 49  VAL A CG2 1 
ATOM   294  N  N   . GLU A 1 51  ? -0.106  -13.474 7.175   1.00 33.49 ? 50  GLU A N   1 
ATOM   295  C  CA  . GLU A 1 51  ? -0.240  -14.153 8.441   1.00 34.28 ? 50  GLU A CA  1 
ATOM   296  C  C   . GLU A 1 51  ? -1.642  -14.742 8.491   1.00 34.67 ? 50  GLU A C   1 
ATOM   297  O  O   . GLU A 1 51  ? -2.490  -14.462 7.624   1.00 32.54 ? 50  GLU A O   1 
ATOM   298  C  CB  . GLU A 1 51  ? -0.034  -13.152 9.571   1.00 36.50 ? 50  GLU A CB  1 
ATOM   299  C  CG  . GLU A 1 51  ? 1.351   -12.545 9.597   1.00 38.29 ? 50  GLU A CG  1 
ATOM   300  C  CD  . GLU A 1 51  ? 2.421   -13.527 10.040  1.00 41.46 ? 50  GLU A CD  1 
ATOM   301  O  OE1 . GLU A 1 51  ? 2.067   -14.627 10.519  1.00 43.33 ? 50  GLU A OE1 1 
ATOM   302  O  OE2 . GLU A 1 51  ? 3.615   -13.199 9.956   1.00 42.18 ? 50  GLU A OE2 1 
ATOM   303  N  N   . GLU A 1 52  ? -1.903  -15.547 9.499   1.00 33.84 ? 51  GLU A N   1 
ATOM   304  C  CA  . GLU A 1 52  ? -3.144  -16.281 9.534   1.00 34.69 ? 51  GLU A CA  1 
ATOM   305  C  C   . GLU A 1 52  ? -4.363  -15.374 9.487   1.00 33.98 ? 51  GLU A C   1 
ATOM   306  O  O   . GLU A 1 52  ? -5.369  -15.741 8.918   1.00 34.97 ? 51  GLU A O   1 
ATOM   307  C  CB  . GLU A 1 52  ? -3.212  -17.160 10.789  1.00 32.55 ? 51  GLU A CB  1 
ATOM   308  C  CG  . GLU A 1 52  ? -4.450  -18.018 10.837  1.00 35.95 ? 51  GLU A CG  1 
ATOM   309  N  N   . HIS A 1 53  ? -4.261  -14.199 10.092  1.00 35.19 ? 52  HIS A N   1 
ATOM   310  C  CA  . HIS A 1 53  ? -5.404  -13.281 10.187  1.00 35.89 ? 52  HIS A CA  1 
ATOM   311  C  C   . HIS A 1 53  ? -5.633  -12.538 8.883   1.00 32.91 ? 52  HIS A C   1 
ATOM   312  O  O   . HIS A 1 53  ? -6.550  -11.729 8.799   1.00 33.86 ? 52  HIS A O   1 
ATOM   313  C  CB  . HIS A 1 53  ? -5.252  -12.284 11.345  1.00 35.77 ? 52  HIS A CB  1 
ATOM   314  C  CG  . HIS A 1 53  ? -3.951  -11.544 11.353  1.00 38.66 ? 52  HIS A CG  1 
ATOM   315  N  ND1 . HIS A 1 53  ? -2.788  -12.089 11.856  1.00 39.28 ? 52  HIS A ND1 1 
ATOM   316  C  CD2 . HIS A 1 53  ? -3.640  -10.286 10.960  1.00 37.38 ? 52  HIS A CD2 1 
ATOM   317  C  CE1 . HIS A 1 53  ? -1.809  -11.211 11.740  1.00 41.32 ? 52  HIS A CE1 1 
ATOM   318  N  NE2 . HIS A 1 53  ? -2.297  -10.108 11.206  1.00 37.96 ? 52  HIS A NE2 1 
ATOM   319  N  N   . HIS A 1 54  ? -4.761  -12.766 7.899   1.00 32.55 ? 53  HIS A N   1 
ATOM   320  C  CA  . HIS A 1 54  ? -4.922  -12.241 6.553   1.00 33.12 ? 53  HIS A CA  1 
ATOM   321  C  C   . HIS A 1 54  ? -5.619  -13.190 5.582   1.00 34.72 ? 53  HIS A C   1 
ATOM   322  O  O   . HIS A 1 54  ? -6.040  -12.799 4.466   1.00 34.91 ? 53  HIS A O   1 
ATOM   323  C  CB  . HIS A 1 54  ? -3.547  -11.942 5.995   1.00 32.54 ? 53  HIS A CB  1 
ATOM   324  C  CG  . HIS A 1 54  ? -2.853  -10.831 6.694   1.00 32.30 ? 53  HIS A CG  1 
ATOM   325  N  ND1 . HIS A 1 54  ? -1.538  -10.902 7.069   1.00 32.77 ? 53  HIS A ND1 1 
ATOM   326  C  CD2 . HIS A 1 54  ? -3.295  -9.612  7.084   1.00 32.35 ? 53  HIS A CD2 1 
ATOM   327  C  CE1 . HIS A 1 54  ? -1.187  -9.757  7.633   1.00 34.77 ? 53  HIS A CE1 1 
ATOM   328  N  NE2 . HIS A 1 54  ? -2.231  -8.950  7.629   1.00 29.51 ? 53  HIS A NE2 1 
ATOM   329  N  N   . THR A 1 55  ? -5.719  -14.435 6.002   1.00 34.02 ? 54  THR A N   1 
ATOM   330  C  CA  . THR A 1 55  ? -6.051  -15.504 5.114   1.00 35.48 ? 54  THR A CA  1 
ATOM   331  C  C   . THR A 1 55  ? -7.522  -15.806 5.109   1.00 37.66 ? 54  THR A C   1 
ATOM   332  O  O   . THR A 1 55  ? -8.315  -15.294 5.902   1.00 36.47 ? 54  THR A O   1 
ATOM   333  C  CB  . THR A 1 55  ? -5.265  -16.794 5.468   1.00 35.78 ? 54  THR A CB  1 
ATOM   334  O  OG1 . THR A 1 55  ? -5.665  -17.247 6.756   1.00 33.95 ? 54  THR A OG1 1 
ATOM   335  C  CG2 . THR A 1 55  ? -3.767  -16.516 5.442   1.00 37.00 ? 54  THR A CG2 1 
ATOM   336  N  N   . ASN A 1 56  ? -7.849  -16.707 4.204   1.00 40.72 ? 55  ASN A N   1 
ATOM   337  C  CA  . ASN A 1 56  ? -9.182  -17.182 4.015   1.00 43.10 ? 55  ASN A CA  1 
ATOM   338  C  C   . ASN A 1 56  ? -9.451  -18.415 4.883   1.00 44.41 ? 55  ASN A C   1 
ATOM   339  O  O   . ASN A 1 56  ? -10.462 -19.065 4.699   1.00 46.87 ? 55  ASN A O   1 
ATOM   340  C  CB  . ASN A 1 56  ? -9.362  -17.487 2.524   1.00 44.27 ? 55  ASN A CB  1 
ATOM   341  C  CG  . ASN A 1 56  ? -8.375  -18.557 2.003   1.00 44.02 ? 55  ASN A CG  1 
ATOM   342  O  OD1 . ASN A 1 56  ? -7.612  -19.182 2.764   1.00 43.90 ? 55  ASN A OD1 1 
ATOM   343  N  ND2 . ASN A 1 56  ? -8.396  -18.762 0.700   1.00 39.90 ? 55  ASN A ND2 1 
ATOM   344  N  N   . GLY A 1 57  ? -8.543  -18.706 5.831   1.00 44.63 ? 56  GLY A N   1 
ATOM   345  C  CA  . GLY A 1 57  ? -8.628  -19.856 6.746   1.00 44.53 ? 56  GLY A CA  1 
ATOM   346  C  C   . GLY A 1 57  ? -8.085  -21.146 6.141   1.00 44.88 ? 56  GLY A C   1 
ATOM   347  O  O   . GLY A 1 57  ? -8.082  -22.202 6.784   1.00 45.06 ? 56  GLY A O   1 
ATOM   348  N  N   . LEU A 1 58  ? -7.620  -21.050 4.898   1.00 44.78 ? 57  LEU A N   1 
ATOM   349  C  CA  . LEU A 1 58  ? -7.182  -22.195 4.121   1.00 44.97 ? 57  LEU A CA  1 
ATOM   350  C  C   . LEU A 1 58  ? -5.761  -21.983 3.579   1.00 44.07 ? 57  LEU A C   1 
ATOM   351  O  O   . LEU A 1 58  ? -5.345  -22.639 2.618   1.00 43.35 ? 57  LEU A O   1 
ATOM   352  C  CB  . LEU A 1 58  ? -8.174  -22.430 2.977   1.00 46.98 ? 57  LEU A CB  1 
ATOM   353  C  CG  . LEU A 1 58  ? -9.598  -22.773 3.435   1.00 47.60 ? 57  LEU A CG  1 
ATOM   354  C  CD1 . LEU A 1 58  ? -10.549 -22.787 2.248   1.00 50.53 ? 57  LEU A CD1 1 
ATOM   355  C  CD2 . LEU A 1 58  ? -9.625  -24.100 4.165   1.00 48.75 ? 57  LEU A CD2 1 
ATOM   356  N  N   . GLY A 1 59  ? -5.015  -21.090 4.226   1.00 41.74 ? 58  GLY A N   1 
ATOM   357  C  CA  . GLY A 1 59  ? -3.631  -20.864 3.882   1.00 40.36 ? 58  GLY A CA  1 
ATOM   358  C  C   . GLY A 1 59  ? -3.403  -19.799 2.819   1.00 39.70 ? 58  GLY A C   1 
ATOM   359  O  O   . GLY A 1 59  ? -2.251  -19.516 2.490   1.00 41.23 ? 58  GLY A O   1 
ATOM   360  N  N   . ASN A 1 60  ? -4.464  -19.205 2.270   1.00 37.23 ? 59  ASN A N   1 
ATOM   361  C  CA  . ASN A 1 60  ? -4.277  -18.150 1.251   1.00 38.31 ? 59  ASN A CA  1 
ATOM   362  C  C   . ASN A 1 60  ? -4.795  -16.772 1.655   1.00 35.38 ? 59  ASN A C   1 
ATOM   363  O  O   . ASN A 1 60  ? -5.830  -16.647 2.314   1.00 33.28 ? 59  ASN A O   1 
ATOM   364  C  CB  . ASN A 1 60  ? -4.913  -18.562 -0.062  1.00 38.54 ? 59  ASN A CB  1 
ATOM   365  C  CG  . ASN A 1 60  ? -4.191  -19.720 -0.716  1.00 41.70 ? 59  ASN A CG  1 
ATOM   366  O  OD1 . ASN A 1 60  ? -4.176  -20.825 -0.186  1.00 47.12 ? 59  ASN A OD1 1 
ATOM   367  N  ND2 . ASN A 1 60  ? -3.609  -19.474 -1.870  1.00 47.26 ? 59  ASN A ND2 1 
ATOM   368  N  N   . CYS A 1 61  ? -4.078  -15.744 1.211   1.00 35.84 ? 60  CYS A N   1 
ATOM   369  C  CA  . CYS A 1 61  ? -4.411  -14.363 1.511   1.00 35.45 ? 60  CYS A CA  1 
ATOM   370  C  C   . CYS A 1 61  ? -5.769  -14.090 0.926   1.00 34.56 ? 60  CYS A C   1 
ATOM   371  O  O   . CYS A 1 61  ? -6.030  -14.430 -0.232  1.00 35.83 ? 60  CYS A O   1 
ATOM   372  C  CB  . CYS A 1 61  ? -3.391  -13.369 0.906   1.00 36.68 ? 60  CYS A CB  1 
ATOM   373  S  SG  . CYS A 1 61  ? -3.471  -11.751 1.668   1.00 38.03 ? 60  CYS A SG  1 
ATOM   374  N  N   . HIS A 1 62  ? -6.630  -13.464 1.719   1.00 32.42 ? 61  HIS A N   1 
ATOM   375  C  CA  . HIS A 1 62  ? -7.929  -13.048 1.267   1.00 30.41 ? 61  HIS A CA  1 
ATOM   376  C  C   . HIS A 1 62  ? -7.771  -11.904 0.290   1.00 31.09 ? 61  HIS A C   1 
ATOM   377  O  O   . HIS A 1 62  ? -6.979  -10.993 0.506   1.00 30.08 ? 61  HIS A O   1 
ATOM   378  C  CB  . HIS A 1 62  ? -8.800  -12.603 2.444   1.00 30.76 ? 61  HIS A CB  1 
ATOM   379  C  CG  . HIS A 1 62  ? -10.258 -12.603 2.130   1.00 29.19 ? 61  HIS A CG  1 
ATOM   380  N  ND1 . HIS A 1 62  ? -10.872 -11.562 1.471   1.00 34.80 ? 61  HIS A ND1 1 
ATOM   381  C  CD2 . HIS A 1 62  ? -11.223 -13.525 2.366   1.00 33.16 ? 61  HIS A CD2 1 
ATOM   382  C  CE1 . HIS A 1 62  ? -12.154 -11.844 1.311   1.00 34.32 ? 61  HIS A CE1 1 
ATOM   383  N  NE2 . HIS A 1 62  ? -12.390 -13.034 1.830   1.00 33.29 ? 61  HIS A NE2 1 
ATOM   384  N  N   . GLY A 1 63  ? -8.540  -11.960 -0.785  1.00 30.90 ? 62  GLY A N   1 
ATOM   385  C  CA  . GLY A 1 63  ? -8.496  -10.917 -1.813  1.00 30.34 ? 62  GLY A CA  1 
ATOM   386  C  C   . GLY A 1 63  ? -8.896  -9.571  -1.272  1.00 29.09 ? 62  GLY A C   1 
ATOM   387  O  O   . GLY A 1 63  ? -8.444  -8.526  -1.778  1.00 29.00 ? 62  GLY A O   1 
ATOM   388  N  N   . GLY A 1 64  ? -9.738  -9.572  -0.224  1.00 29.72 ? 63  GLY A N   1 
ATOM   389  C  CA  . GLY A 1 64  ? -10.157 -8.329  0.432   1.00 30.27 ? 63  GLY A CA  1 
ATOM   390  C  C   . GLY A 1 64  ? -8.993  -7.687  1.141   1.00 31.70 ? 63  GLY A C   1 
ATOM   391  O  O   . GLY A 1 64  ? -8.870  -6.473  1.167   1.00 32.99 ? 63  GLY A O   1 
HETATM 392  N  N   . MSE A 1 65  ? -8.118  -8.507  1.729   1.00 33.26 ? 64  MSE A N   1 
HETATM 393  C  CA  . MSE A 1 65  ? -6.877  -8.010  2.300   1.00 33.85 ? 64  MSE A CA  1 
HETATM 394  C  C   . MSE A 1 65  ? -6.018  -7.380  1.245   1.00 36.07 ? 64  MSE A C   1 
HETATM 395  O  O   . MSE A 1 65  ? -5.536  -6.268  1.435   1.00 35.79 ? 64  MSE A O   1 
HETATM 396  C  CB  . MSE A 1 65  ? -6.066  -9.112  3.040   1.00 34.68 ? 64  MSE A CB  1 
HETATM 397  C  CG  . MSE A 1 65  ? -4.629  -8.632  3.416   1.00 30.35 ? 64  MSE A CG  1 
HETATM 398  SE SE  . MSE A 1 65  ? -4.928  -7.140  4.766   0.75 38.92 ? 64  MSE A SE  1 
HETATM 399  C  CE  . MSE A 1 65  ? -3.112  -6.655  4.622   1.00 32.68 ? 64  MSE A CE  1 
ATOM   400  N  N   . LEU A 1 66  ? -5.802  -8.078  0.131   1.00 34.82 ? 65  LEU A N   1 
ATOM   401  C  CA  . LEU A 1 66  ? -4.974  -7.518  -0.928  1.00 36.56 ? 65  LEU A CA  1 
ATOM   402  C  C   . LEU A 1 66  ? -5.538  -6.176  -1.461  1.00 35.30 ? 65  LEU A C   1 
ATOM   403  O  O   . LEU A 1 66  ? -4.771  -5.302  -1.786  1.00 35.62 ? 65  LEU A O   1 
ATOM   404  C  CB  . LEU A 1 66  ? -4.761  -8.507  -2.068  1.00 37.04 ? 65  LEU A CB  1 
ATOM   405  C  CG  . LEU A 1 66  ? -3.854  -9.697  -1.716  1.00 39.43 ? 65  LEU A CG  1 
ATOM   406  C  CD1 . LEU A 1 66  ? -3.848  -10.714 -2.849  1.00 40.87 ? 65  LEU A CD1 1 
ATOM   407  C  CD2 . LEU A 1 66  ? -2.444  -9.239  -1.407  1.00 38.85 ? 65  LEU A CD2 1 
HETATM 408  N  N   . MSE A 1 67  ? -6.849  -5.985  -1.463  1.00 35.04 ? 66  MSE A N   1 
HETATM 409  C  CA  . MSE A 1 67  ? -7.418  -4.704  -1.952  1.00 37.56 ? 66  MSE A CA  1 
HETATM 410  C  C   . MSE A 1 67  ? -7.184  -3.581  -0.961  1.00 35.03 ? 66  MSE A C   1 
HETATM 411  O  O   . MSE A 1 67  ? -6.907  -2.447  -1.366  1.00 33.37 ? 66  MSE A O   1 
HETATM 412  C  CB  . MSE A 1 67  ? -8.940  -4.754  -2.119  1.00 40.05 ? 66  MSE A CB  1 
HETATM 413  C  CG  . MSE A 1 67  ? -9.518  -5.944  -2.757  1.00 45.42 ? 66  MSE A CG  1 
HETATM 414  SE SE  . MSE A 1 67  ? -9.673  -5.737  -4.652  0.75 57.41 ? 66  MSE A SE  1 
HETATM 415  C  CE  . MSE A 1 67  ? -9.859  -3.904  -4.707  1.00 21.65 ? 66  MSE A CE  1 
ATOM   416  N  N   . SER A 1 68  ? -7.369  -3.891  0.338   1.00 31.98 ? 67  SER A N   1 
ATOM   417  C  CA  . SER A 1 68  ? -7.080  -2.942  1.402   1.00 34.38 ? 67  SER A CA  1 
ATOM   418  C  C   . SER A 1 68  ? -5.617  -2.549  1.340   1.00 33.79 ? 67  SER A C   1 
ATOM   419  O  O   . SER A 1 68  ? -5.284  -1.364  1.437   1.00 34.05 ? 67  SER A O   1 
ATOM   420  C  CB  . SER A 1 68  ? -7.353  -3.527  2.780   1.00 34.47 ? 67  SER A CB  1 
ATOM   421  O  OG  . SER A 1 68  ? -8.694  -3.912  2.942   1.00 41.47 ? 67  SER A OG  1 
ATOM   422  N  N   . PHE A 1 69  ? -4.748  -3.544  1.172   1.00 33.31 ? 68  PHE A N   1 
ATOM   423  C  CA  . PHE A 1 69  ? -3.312  -3.281  1.044   1.00 32.02 ? 68  PHE A CA  1 
ATOM   424  C  C   . PHE A 1 69  ? -3.019  -2.414  -0.187  1.00 31.53 ? 68  PHE A C   1 
ATOM   425  O  O   . PHE A 1 69  ? -2.221  -1.481  -0.111  1.00 33.12 ? 68  PHE A O   1 
ATOM   426  C  CB  . PHE A 1 69  ? -2.527  -4.579  0.940   1.00 33.98 ? 68  PHE A CB  1 
ATOM   427  C  CG  . PHE A 1 69  ? -1.046  -4.361  0.807   1.00 36.22 ? 68  PHE A CG  1 
ATOM   428  C  CD1 . PHE A 1 69  ? -0.306  -3.866  1.895   1.00 36.05 ? 68  PHE A CD1 1 
ATOM   429  C  CD2 . PHE A 1 69  ? -0.401  -4.592  -0.398  1.00 33.59 ? 68  PHE A CD2 1 
ATOM   430  C  CE1 . PHE A 1 69  ? 1.068   -3.646  1.772   1.00 37.07 ? 68  PHE A CE1 1 
ATOM   431  C  CE2 . PHE A 1 69  ? 0.965   -4.378  -0.528  1.00 33.30 ? 68  PHE A CE2 1 
ATOM   432  C  CZ  . PHE A 1 69  ? 1.697   -3.936  0.592   1.00 35.99 ? 68  PHE A CZ  1 
ATOM   433  N  N   . ALA A 1 70  ? -3.641  -2.715  -1.317  1.00 32.10 ? 69  ALA A N   1 
ATOM   434  C  CA  . ALA A 1 70  ? -3.444  -1.856  -2.514  1.00 33.50 ? 69  ALA A CA  1 
ATOM   435  C  C   . ALA A 1 70  ? -3.875  -0.396  -2.286  1.00 33.97 ? 69  ALA A C   1 
ATOM   436  O  O   . ALA A 1 70  ? -3.233  0.553   -2.780  1.00 33.28 ? 69  ALA A O   1 
ATOM   437  C  CB  . ALA A 1 70  ? -4.132  -2.433  -3.743  1.00 35.17 ? 69  ALA A CB  1 
ATOM   438  N  N   . ASP A 1 71  ? -5.002  -0.222  -1.613  1.00 34.20 ? 70  ASP A N   1 
ATOM   439  C  CA  . ASP A 1 71  ? -5.503  1.106   -1.280  1.00 34.94 ? 70  ASP A CA  1 
ATOM   440  C  C   . ASP A 1 71  ? -4.406  1.912   -0.542  1.00 34.61 ? 70  ASP A C   1 
ATOM   441  O  O   . ASP A 1 71  ? -4.052  3.026   -0.959  1.00 33.65 ? 70  ASP A O   1 
ATOM   442  C  CB  . ASP A 1 71  ? -6.758  0.986   -0.385  1.00 34.66 ? 70  ASP A CB  1 
ATOM   443  C  CG  . ASP A 1 71  ? -7.426  2.322   -0.176  1.00 34.74 ? 70  ASP A CG  1 
ATOM   444  O  OD1 . ASP A 1 71  ? -7.768  2.973   -1.179  1.00 31.94 ? 70  ASP A OD1 1 
ATOM   445  O  OD2 . ASP A 1 71  ? -7.530  2.768   0.965   1.00 37.17 ? 70  ASP A OD2 1 
HETATM 446  N  N   . MSE A 1 72  ? -3.862  1.329   0.520   1.00 33.66 ? 71  MSE A N   1 
HETATM 447  C  CA  A MSE A 1 72  ? -2.831  1.991   1.335   0.50 35.40 ? 71  MSE A CA  1 
HETATM 448  C  CA  B MSE A 1 72  ? -2.809  1.959   1.339   0.50 35.51 ? 71  MSE A CA  1 
HETATM 449  C  C   . MSE A 1 72  ? -1.489  2.104   0.582   1.00 36.72 ? 71  MSE A C   1 
HETATM 450  O  O   . MSE A 1 72  ? -0.860  3.188   0.556   1.00 36.69 ? 71  MSE A O   1 
HETATM 451  C  CB  A MSE A 1 72  ? -2.644  1.242   2.661   0.50 34.75 ? 71  MSE A CB  1 
HETATM 452  C  CB  B MSE A 1 72  ? -2.560  1.132   2.608   0.50 36.33 ? 71  MSE A CB  1 
HETATM 453  C  CG  A MSE A 1 72  ? -3.922  1.136   3.497   0.50 35.56 ? 71  MSE A CG  1 
HETATM 454  C  CG  B MSE A 1 72  ? -3.696  1.180   3.585   0.50 40.22 ? 71  MSE A CG  1 
HETATM 455  SE SE  A MSE A 1 72  ? -3.690  0.071   5.104   0.50 38.52 ? 71  MSE A SE  1 
HETATM 456  SE SE  B MSE A 1 72  ? -4.096  3.016   4.017   0.25 48.49 ? 71  MSE A SE  1 
HETATM 457  C  CE  A MSE A 1 72  ? -3.117  -1.529  4.287   0.50 40.97 ? 71  MSE A CE  1 
HETATM 458  C  CE  B MSE A 1 72  ? -2.551  3.466   5.094   0.50 50.00 ? 71  MSE A CE  1 
ATOM   459  N  N   . ALA A 1 73  ? -1.057  1.012   -0.056  1.00 35.60 ? 72  ALA A N   1 
ATOM   460  C  CA  . ALA A 1 73  ? 0.176   1.039   -0.842  1.00 34.69 ? 72  ALA A CA  1 
ATOM   461  C  C   . ALA A 1 73  ? 0.169   2.098   -1.962  1.00 35.88 ? 72  ALA A C   1 
ATOM   462  O  O   . ALA A 1 73  ? 1.168   2.823   -2.106  1.00 35.34 ? 72  ALA A O   1 
ATOM   463  C  CB  . ALA A 1 73  ? 0.483   -0.341  -1.385  1.00 33.38 ? 72  ALA A CB  1 
ATOM   464  N  N   . TRP A 1 74  ? -0.918  2.186   -2.747  1.00 34.06 ? 73  TRP A N   1 
ATOM   465  C  CA  . TRP A 1 74  ? -0.988  3.091   -3.862  1.00 34.96 ? 73  TRP A CA  1 
ATOM   466  C  C   . TRP A 1 74  ? -1.228  4.554   -3.408  1.00 34.97 ? 73  TRP A C   1 
ATOM   467  O  O   . TRP A 1 74  ? -0.587  5.464   -3.892  1.00 35.94 ? 73  TRP A O   1 
ATOM   468  C  CB  . TRP A 1 74  ? -1.986  2.628   -4.971  1.00 34.63 ? 73  TRP A CB  1 
ATOM   469  C  CG  . TRP A 1 74  ? -1.753  1.219   -5.447  1.00 34.73 ? 73  TRP A CG  1 
ATOM   470  C  CD1 . TRP A 1 74  ? -0.648  0.441   -5.192  1.00 33.81 ? 73  TRP A CD1 1 
ATOM   471  C  CD2 . TRP A 1 74  ? -2.644  0.405   -6.225  1.00 34.58 ? 73  TRP A CD2 1 
ATOM   472  N  NE1 . TRP A 1 74  ? -0.795  -0.790  -5.756  1.00 34.22 ? 73  TRP A NE1 1 
ATOM   473  C  CE2 . TRP A 1 74  ? -2.004  -0.850  -6.403  1.00 38.32 ? 73  TRP A CE2 1 
ATOM   474  C  CE3 . TRP A 1 74  ? -3.922  0.602   -6.772  1.00 30.94 ? 73  TRP A CE3 1 
ATOM   475  C  CZ2 . TRP A 1 74  ? -2.600  -1.902  -7.095  1.00 33.20 ? 73  TRP A CZ2 1 
ATOM   476  C  CZ3 . TRP A 1 74  ? -4.518  -0.452  -7.503  1.00 33.39 ? 73  TRP A CZ3 1 
ATOM   477  C  CH2 . TRP A 1 74  ? -3.839  -1.676  -7.672  1.00 36.48 ? 73  TRP A CH2 1 
ATOM   478  N  N   . GLY A 1 75  ? -2.093  4.765   -2.430  1.00 36.10 ? 74  GLY A N   1 
ATOM   479  C  CA  . GLY A 1 75  ? -2.218  6.099   -1.830  1.00 36.92 ? 74  GLY A CA  1 
ATOM   480  C  C   . GLY A 1 75  ? -0.988  6.648   -1.120  1.00 36.09 ? 74  GLY A C   1 
ATOM   481  O  O   . GLY A 1 75  ? -0.875  7.854   -0.988  1.00 40.44 ? 74  GLY A O   1 
ATOM   482  N  N   . ARG A 1 76  ? -0.074  5.799   -0.659  1.00 40.22 ? 75  ARG A N   1 
ATOM   483  C  CA  . ARG A 1 76  ? 1.187   6.225   -0.050  1.00 41.12 ? 75  ARG A CA  1 
ATOM   484  C  C   . ARG A 1 76  ? 1.885   7.337   -0.885  1.00 43.32 ? 75  ARG A C   1 
ATOM   485  O  O   . ARG A 1 76  ? 2.528   8.228   -0.315  1.00 44.21 ? 75  ARG A O   1 
ATOM   486  C  CB  . ARG A 1 76  ? 2.139   5.036   0.100   1.00 42.20 ? 75  ARG A CB  1 
ATOM   487  C  CG  . ARG A 1 76  ? 3.506   5.334   0.715   1.00 41.05 ? 75  ARG A CG  1 
ATOM   488  C  CD  . ARG A 1 76  ? 4.222   4.041   1.133   1.00 41.94 ? 75  ARG A CD  1 
ATOM   489  N  NE  . ARG A 1 76  ? 5.610   4.224   1.565   1.00 41.40 ? 75  ARG A NE  1 
ATOM   490  C  CZ  . ARG A 1 76  ? 5.996   4.609   2.785   1.00 43.84 ? 75  ARG A CZ  1 
ATOM   491  N  NH1 . ARG A 1 76  ? 5.117   4.897   3.736   1.00 45.08 ? 75  ARG A NH1 1 
ATOM   492  N  NH2 . ARG A 1 76  ? 7.284   4.717   3.059   1.00 44.56 ? 75  ARG A NH2 1 
ATOM   493  N  N   . ILE A 1 77  ? 1.794   7.239   -2.211  1.00 43.04 ? 76  ILE A N   1 
ATOM   494  C  CA  . ILE A 1 77  ? 2.261   8.290   -3.137  1.00 43.03 ? 76  ILE A CA  1 
ATOM   495  C  C   . ILE A 1 77  ? 1.937   9.713   -2.675  1.00 42.11 ? 76  ILE A C   1 
ATOM   496  O  O   . ILE A 1 77  ? 2.834   10.566  -2.570  1.00 41.72 ? 76  ILE A O   1 
ATOM   497  C  CB  . ILE A 1 77  ? 1.644   8.067   -4.577  1.00 43.73 ? 76  ILE A CB  1 
ATOM   498  C  CG1 . ILE A 1 77  ? 2.250   6.840   -5.221  1.00 45.98 ? 76  ILE A CG1 1 
ATOM   499  C  CG2 . ILE A 1 77  ? 1.841   9.266   -5.486  1.00 46.86 ? 76  ILE A CG2 1 
ATOM   500  C  CD1 . ILE A 1 77  ? 3.759   6.766   -5.114  1.00 49.97 ? 76  ILE A CD1 1 
ATOM   501  N  N   . ILE A 1 78  ? 0.664   9.951   -2.388  1.00 41.39 ? 77  ILE A N   1 
ATOM   502  C  CA  . ILE A 1 78  ? 0.153   11.269  -2.016  1.00 41.85 ? 77  ILE A CA  1 
ATOM   503  C  C   . ILE A 1 78  ? 0.720   11.691  -0.675  1.00 40.50 ? 77  ILE A C   1 
ATOM   504  O  O   . ILE A 1 78  ? 1.121   12.844  -0.491  1.00 39.25 ? 77  ILE A O   1 
ATOM   505  C  CB  . ILE A 1 78  ? -1.373  11.291  -1.907  1.00 42.48 ? 77  ILE A CB  1 
ATOM   506  C  CG1 . ILE A 1 78  ? -2.023  11.152  -3.298  1.00 42.71 ? 77  ILE A CG1 1 
ATOM   507  C  CG2 . ILE A 1 78  ? -1.858  12.595  -1.312  1.00 42.46 ? 77  ILE A CG2 1 
ATOM   508  C  CD1 . ILE A 1 78  ? -2.038  9.746   -3.879  1.00 43.39 ? 77  ILE A CD1 1 
ATOM   509  N  N   . SER A 1 79  ? 0.739   10.766  0.278   1.00 39.06 ? 78  SER A N   1 
ATOM   510  C  CA  . SER A 1 79  ? 1.367   11.065  1.551   1.00 38.71 ? 78  SER A CA  1 
ATOM   511  C  C   . SER A 1 79  ? 2.817   11.537  1.388   1.00 37.58 ? 78  SER A C   1 
ATOM   512  O  O   . SER A 1 79  ? 3.256   12.541  1.997   1.00 36.43 ? 78  SER A O   1 
ATOM   513  C  CB  . SER A 1 79  ? 1.315   9.853   2.468   1.00 38.89 ? 78  SER A CB  1 
ATOM   514  O  OG  . SER A 1 79  ? -0.013  9.502   2.749   1.00 36.51 ? 78  SER A OG  1 
ATOM   515  N  N   . LEU A 1 80  ? 3.574   10.786  0.600   1.00 38.49 ? 79  LEU A N   1 
ATOM   516  C  CA  . LEU A 1 80  ? 4.991   11.076  0.436   1.00 38.73 ? 79  LEU A CA  1 
ATOM   517  C  C   . LEU A 1 80  ? 5.203   12.403  -0.289  1.00 37.83 ? 79  LEU A C   1 
ATOM   518  O  O   . LEU A 1 80  ? 6.024   13.206  0.144   1.00 39.19 ? 79  LEU A O   1 
ATOM   519  C  CB  . LEU A 1 80  ? 5.712   9.938   -0.293  1.00 40.43 ? 79  LEU A CB  1 
ATOM   520  C  CG  . LEU A 1 80  ? 5.868   8.610   0.464   1.00 42.83 ? 79  LEU A CG  1 
ATOM   521  C  CD1 . LEU A 1 80  ? 6.604   7.605   -0.446  1.00 49.14 ? 79  LEU A CD1 1 
ATOM   522  C  CD2 . LEU A 1 80  ? 6.556   8.751   1.782   1.00 43.51 ? 79  LEU A CD2 1 
ATOM   523  N  N   . GLN A 1 81  ? 4.487   12.594  -1.380  1.00 37.87 ? 80  GLN A N   1 
ATOM   524  C  CA  . GLN A 1 81  ? 4.639   13.774  -2.248  1.00 38.42 ? 80  GLN A CA  1 
ATOM   525  C  C   . GLN A 1 81  ? 4.223   15.064  -1.517  1.00 35.75 ? 80  GLN A C   1 
ATOM   526  O  O   . GLN A 1 81  ? 4.833   16.115  -1.703  1.00 35.36 ? 80  GLN A O   1 
ATOM   527  C  CB  . GLN A 1 81  ? 3.776   13.650  -3.500  1.00 38.79 ? 80  GLN A CB  1 
ATOM   528  C  CG  . GLN A 1 81  ? 4.369   12.781  -4.650  1.00 40.53 ? 80  GLN A CG  1 
ATOM   529  C  CD  . GLN A 1 81  ? 5.050   13.610  -5.714  1.00 40.07 ? 80  GLN A CD  1 
ATOM   530  O  OE1 . GLN A 1 81  ? 4.647   14.738  -5.985  1.00 37.50 ? 80  GLN A OE1 1 
ATOM   531  N  NE2 . GLN A 1 81  ? 6.092   13.066  -6.302  1.00 41.52 ? 80  GLN A NE2 1 
ATOM   532  N  N   . LYS A 1 82  ? 3.154   14.975  -0.731  1.00 34.26 ? 81  LYS A N   1 
ATOM   533  C  CA  . LYS A 1 82  ? 2.430   16.155  -0.236  1.00 34.04 ? 81  LYS A CA  1 
ATOM   534  C  C   . LYS A 1 82  ? 2.210   16.267  1.251   1.00 33.59 ? 81  LYS A C   1 
ATOM   535  O  O   . LYS A 1 82  ? 1.923   17.363  1.737   1.00 34.33 ? 81  LYS A O   1 
ATOM   536  C  CB  . LYS A 1 82  ? 1.026   16.154  -0.810  1.00 36.23 ? 81  LYS A CB  1 
ATOM   537  C  CG  . LYS A 1 82  ? 0.952   16.004  -2.299  1.00 43.57 ? 81  LYS A CG  1 
ATOM   538  C  CD  . LYS A 1 82  ? 1.749   17.015  -3.024  1.00 45.71 ? 81  LYS A CD  1 
ATOM   539  C  CE  . LYS A 1 82  ? 1.056   18.325  -3.110  1.00 48.19 ? 81  LYS A CE  1 
ATOM   540  N  NZ  . LYS A 1 82  ? 1.771   19.195  -4.076  1.00 47.42 ? 81  LYS A NZ  1 
ATOM   541  N  N   . SER A 1 83  ? 2.251   15.148  1.958   1.00 30.40 ? 82  SER A N   1 
ATOM   542  C  CA  . SER A 1 83  ? 1.812   15.128  3.361   1.00 31.52 ? 82  SER A CA  1 
ATOM   543  C  C   . SER A 1 83  ? 0.435   15.826  3.477   1.00 30.43 ? 82  SER A C   1 
ATOM   544  O  O   . SER A 1 83  ? 0.245   16.714  4.302   1.00 30.76 ? 82  SER A O   1 
ATOM   545  C  CB  . SER A 1 83  ? 2.854   15.809  4.250   1.00 31.27 ? 82  SER A CB  1 
ATOM   546  O  OG  . SER A 1 83  ? 4.151   15.308  3.976   1.00 34.40 ? 82  SER A OG  1 
ATOM   547  N  N   . TYR A 1 84  ? -0.487  15.457  2.586   1.00 31.87 ? 83  TYR A N   1 
ATOM   548  C  CA  . TYR A 1 84  ? -1.890  15.781  2.725   1.00 34.19 ? 83  TYR A CA  1 
ATOM   549  C  C   . TYR A 1 84  ? -2.646  14.555  3.199   1.00 33.60 ? 83  TYR A C   1 
ATOM   550  O  O   . TYR A 1 84  ? -2.287  13.396  2.873   1.00 31.76 ? 83  TYR A O   1 
ATOM   551  C  CB  . TYR A 1 84  ? -2.517  16.224  1.387   1.00 38.29 ? 83  TYR A CB  1 
ATOM   552  C  CG  . TYR A 1 84  ? -1.914  17.445  0.742   1.00 42.09 ? 83  TYR A CG  1 
ATOM   553  C  CD1 . TYR A 1 84  ? -1.218  18.402  1.479   1.00 43.30 ? 83  TYR A CD1 1 
ATOM   554  C  CD2 . TYR A 1 84  ? -2.054  17.657  -0.640  1.00 47.26 ? 83  TYR A CD2 1 
ATOM   555  C  CE1 . TYR A 1 84  ? -0.676  19.543  0.863   1.00 45.40 ? 83  TYR A CE1 1 
ATOM   556  C  CE2 . TYR A 1 84  ? -1.520  18.807  -1.262  1.00 47.31 ? 83  TYR A CE2 1 
ATOM   557  C  CZ  . TYR A 1 84  ? -0.821  19.730  -0.503  1.00 47.33 ? 83  TYR A CZ  1 
ATOM   558  O  OH  . TYR A 1 84  ? -0.284  20.847  -1.122  1.00 48.30 ? 83  TYR A OH  1 
ATOM   559  N  N   . SER A 1 85  ? -3.709  14.812  3.953   1.00 33.86 ? 84  SER A N   1 
ATOM   560  C  CA  . SER A 1 85  ? -4.745  13.822  4.146   1.00 36.36 ? 84  SER A CA  1 
ATOM   561  C  C   . SER A 1 85  ? -5.373  13.578  2.780   1.00 36.70 ? 84  SER A C   1 
ATOM   562  O  O   . SER A 1 85  ? -5.425  14.486  1.936   1.00 35.89 ? 84  SER A O   1 
ATOM   563  C  CB  . SER A 1 85  ? -5.793  14.315  5.128   1.00 37.13 ? 84  SER A CB  1 
ATOM   564  O  OG  . SER A 1 85  ? -6.347  15.532  4.677   1.00 39.44 ? 84  SER A OG  1 
ATOM   565  N  N   . TRP A 1 86  ? -5.832  12.354  2.558   1.00 36.76 ? 85  TRP A N   1 
ATOM   566  C  CA  . TRP A 1 86  ? -6.496  12.009  1.300   1.00 36.66 ? 85  TRP A CA  1 
ATOM   567  C  C   . TRP A 1 86  ? -7.546  10.927  1.491   1.00 35.70 ? 85  TRP A C   1 
ATOM   568  O  O   . TRP A 1 86  ? -7.529  10.215  2.487   1.00 36.83 ? 85  TRP A O   1 
ATOM   569  C  CB  . TRP A 1 86  ? -5.494  11.518  0.246   1.00 35.84 ? 85  TRP A CB  1 
ATOM   570  C  CG  . TRP A 1 86  ? -4.553  10.456  0.735   1.00 39.36 ? 85  TRP A CG  1 
ATOM   571  C  CD1 . TRP A 1 86  ? -3.311  10.655  1.232   1.00 38.15 ? 85  TRP A CD1 1 
ATOM   572  C  CD2 . TRP A 1 86  ? -4.777  9.034   0.767   1.00 37.81 ? 85  TRP A CD2 1 
ATOM   573  N  NE1 . TRP A 1 86  ? -2.732  9.465   1.550   1.00 41.39 ? 85  TRP A NE1 1 
ATOM   574  C  CE2 . TRP A 1 86  ? -3.603  8.446   1.276   1.00 39.67 ? 85  TRP A CE2 1 
ATOM   575  C  CE3 . TRP A 1 86  ? -5.844  8.194   0.381   1.00 40.59 ? 85  TRP A CE3 1 
ATOM   576  C  CZ2 . TRP A 1 86  ? -3.465  7.055   1.448   1.00 37.79 ? 85  TRP A CZ2 1 
ATOM   577  C  CZ3 . TRP A 1 86  ? -5.701  6.780   0.555   1.00 40.12 ? 85  TRP A CZ3 1 
ATOM   578  C  CH2 . TRP A 1 86  ? -4.523  6.249   1.080   1.00 40.38 ? 85  TRP A CH2 1 
ATOM   579  N  N   . VAL A 1 87  ? -8.381  10.778  0.471   1.00 34.53 ? 86  VAL A N   1 
ATOM   580  C  CA  . VAL A 1 87  ? -9.499  9.868   0.468   1.00 35.07 ? 86  VAL A CA  1 
ATOM   581  C  C   . VAL A 1 87  ? -9.531  9.204   -0.913  1.00 34.58 ? 86  VAL A C   1 
ATOM   582  O  O   . VAL A 1 87  ? -9.314  9.856   -1.927  1.00 33.05 ? 86  VAL A O   1 
ATOM   583  C  CB  . VAL A 1 87  ? -10.814 10.607  0.836   1.00 34.81 ? 86  VAL A CB  1 
ATOM   584  C  CG1 . VAL A 1 87  ? -11.293 11.507  -0.244  1.00 37.98 ? 86  VAL A CG1 1 
ATOM   585  C  CG2 . VAL A 1 87  ? -11.933 9.636   1.262   1.00 42.86 ? 86  VAL A CG2 1 
ATOM   586  N  N   . THR A 1 88  ? -9.720  7.893   -0.940  1.00 33.46 ? 87  THR A N   1 
ATOM   587  C  CA  . THR A 1 88  ? -9.989  7.154   -2.190  1.00 32.86 ? 87  THR A CA  1 
ATOM   588  C  C   . THR A 1 88  ? -11.307 7.545   -2.849  1.00 32.52 ? 87  THR A C   1 
ATOM   589  O  O   . THR A 1 88  ? -12.359 7.547   -2.209  1.00 35.24 ? 87  THR A O   1 
ATOM   590  C  CB  . THR A 1 88  ? -9.989  5.615   -1.920  1.00 34.65 ? 87  THR A CB  1 
ATOM   591  O  OG1 . THR A 1 88  ? -8.924  5.316   -1.027  1.00 34.37 ? 87  THR A OG1 1 
ATOM   592  C  CG2 . THR A 1 88  ? -9.772  4.880   -3.157  1.00 33.57 ? 87  THR A CG2 1 
ATOM   593  N  N   . VAL A 1 89  ? -11.246 7.873   -4.128  1.00 31.71 ? 88  VAL A N   1 
ATOM   594  C  CA  A VAL A 1 89  ? -12.394 8.211   -4.968  0.50 32.05 ? 88  VAL A CA  1 
ATOM   595  C  CA  B VAL A 1 89  ? -12.463 8.149   -4.888  0.50 31.50 ? 88  VAL A CA  1 
ATOM   596  C  C   . VAL A 1 89  ? -12.762 7.035   -5.899  1.00 30.91 ? 88  VAL A C   1 
ATOM   597  O  O   . VAL A 1 89  ? -13.927 6.766   -6.166  1.00 28.35 ? 88  VAL A O   1 
ATOM   598  C  CB  A VAL A 1 89  ? -12.040 9.472   -5.797  0.50 33.30 ? 88  VAL A CB  1 
ATOM   599  C  CB  B VAL A 1 89  ? -12.481 9.574   -5.520  0.50 32.18 ? 88  VAL A CB  1 
ATOM   600  C  CG1 A VAL A 1 89  ? -13.155 9.850   -6.754  0.50 33.73 ? 88  VAL A CG1 1 
ATOM   601  C  CG1 B VAL A 1 89  ? -12.791 10.644  -4.446  0.50 31.44 ? 88  VAL A CG1 1 
ATOM   602  C  CG2 A VAL A 1 89  ? -11.704 10.627  -4.852  0.50 35.91 ? 88  VAL A CG2 1 
ATOM   603  C  CG2 B VAL A 1 89  ? -11.182 9.892   -6.217  0.50 32.61 ? 88  VAL A CG2 1 
ATOM   604  N  N   . ARG A 1 90  ? -11.738 6.351   -6.398  1.00 31.55 ? 89  ARG A N   1 
ATOM   605  C  CA  . ARG A 1 90  ? -11.912 5.179   -7.240  1.00 32.86 ? 89  ARG A CA  1 
ATOM   606  C  C   . ARG A 1 90  ? -10.773 4.205   -6.995  1.00 32.38 ? 89  ARG A C   1 
ATOM   607  O  O   . ARG A 1 90  ? -9.619  4.600   -6.815  1.00 31.96 ? 89  ARG A O   1 
ATOM   608  C  CB  . ARG A 1 90  ? -11.995 5.593   -8.734  1.00 30.75 ? 89  ARG A CB  1 
ATOM   609  C  CG  . ARG A 1 90  ? -11.849 4.488   -9.771  1.00 32.68 ? 89  ARG A CG  1 
ATOM   610  C  CD  . ARG A 1 90  ? -12.014 4.991   -11.164 1.00 35.84 ? 89  ARG A CD  1 
ATOM   611  N  NE  . ARG A 1 90  ? -13.419 5.180   -11.481 1.00 36.77 ? 89  ARG A NE  1 
ATOM   612  C  CZ  . ARG A 1 90  ? -13.874 5.615   -12.657 1.00 38.28 ? 89  ARG A CZ  1 
ATOM   613  N  NH1 . ARG A 1 90  ? -13.040 5.986   -13.617 1.00 39.01 ? 89  ARG A NH1 1 
ATOM   614  N  NH2 . ARG A 1 90  ? -15.181 5.726   -12.848 1.00 35.76 ? 89  ARG A NH2 1 
ATOM   615  N  N   . LEU A 1 91  ? -11.092 2.916   -6.981  1.00 34.05 ? 90  LEU A N   1 
ATOM   616  C  CA  . LEU A 1 91  ? -10.063 1.888   -6.867  1.00 33.91 ? 90  LEU A CA  1 
ATOM   617  C  C   . LEU A 1 91  ? -10.488 0.734   -7.775  1.00 34.14 ? 90  LEU A C   1 
ATOM   618  O  O   . LEU A 1 91  ? -11.623 0.237   -7.681  1.00 31.50 ? 90  LEU A O   1 
ATOM   619  C  CB  . LEU A 1 91  ? -9.827  1.457   -5.408  1.00 34.12 ? 90  LEU A CB  1 
ATOM   620  C  CG  . LEU A 1 91  ? -8.598  0.583   -5.143  1.00 35.51 ? 90  LEU A CG  1 
ATOM   621  C  CD1 . LEU A 1 91  ? -7.313  1.278   -5.572  1.00 37.66 ? 90  LEU A CD1 1 
ATOM   622  C  CD2 . LEU A 1 91  ? -8.488  0.133   -3.684  1.00 37.21 ? 90  LEU A CD2 1 
HETATM 623  N  N   . MSE A 1 92  ? -9.608  0.372   -8.712  1.00 33.34 ? 91  MSE A N   1 
HETATM 624  C  CA  . MSE A 1 92  ? -9.864  -0.753  -9.619  1.00 38.79 ? 91  MSE A CA  1 
HETATM 625  C  C   . MSE A 1 92  ? -8.688  -1.713  -9.582  1.00 38.73 ? 91  MSE A C   1 
HETATM 626  O  O   . MSE A 1 92  ? -7.547  -1.280  -9.768  1.00 40.13 ? 91  MSE A O   1 
HETATM 627  C  CB  . MSE A 1 92  ? -10.101 -0.238  -11.034 1.00 39.43 ? 91  MSE A CB  1 
HETATM 628  C  CG  . MSE A 1 92  ? -11.096 0.918   -11.120 1.00 43.30 ? 91  MSE A CG  1 
HETATM 629  SE SE  . MSE A 1 92  ? -11.355 1.506   -12.952 0.75 50.16 ? 91  MSE A SE  1 
HETATM 630  C  CE  . MSE A 1 92  ? -9.530  2.025   -13.284 1.00 44.47 ? 91  MSE A CE  1 
ATOM   631  N  N   . CYS A 1 93  ? -8.972  -2.995  -9.306  1.00 35.93 ? 92  CYS A N   1 
ATOM   632  C  CA  . CYS A 1 93  ? -7.957  -4.050  -9.114  1.00 34.38 ? 92  CYS A CA  1 
ATOM   633  C  C   . CYS A 1 93  ? -8.320  -5.308  -9.898  1.00 33.86 ? 92  CYS A C   1 
ATOM   634  O  O   . CYS A 1 93  ? -9.447  -5.813  -9.759  1.00 29.72 ? 92  CYS A O   1 
ATOM   635  C  CB  . CYS A 1 93  ? -7.900  -4.462  -7.649  1.00 36.56 ? 92  CYS A CB  1 
ATOM   636  S  SG  . CYS A 1 93  ? -7.195  -3.200  -6.545  1.00 41.77 ? 92  CYS A SG  1 
ATOM   637  N  N   . ASP A 1 94  ? -7.379  -5.795  -10.717 1.00 33.99 ? 93  ASP A N   1 
ATOM   638  C  CA  . ASP A 1 94  ? -7.524  -7.055  -11.437 1.00 34.07 ? 93  ASP A CA  1 
ATOM   639  C  C   . ASP A 1 94  ? -6.584  -8.009  -10.735 1.00 33.50 ? 93  ASP A C   1 
ATOM   640  O  O   . ASP A 1 94  ? -5.414  -7.649  -10.520 1.00 33.71 ? 93  ASP A O   1 
ATOM   641  C  CB  . ASP A 1 94  ? -7.115  -6.904  -12.906 1.00 34.54 ? 93  ASP A CB  1 
ATOM   642  C  CG  . ASP A 1 94  ? -8.245  -6.364  -13.801 1.00 40.33 ? 93  ASP A CG  1 
ATOM   643  O  OD1 . ASP A 1 94  ? -9.248  -5.798  -13.325 1.00 47.79 ? 93  ASP A OD1 1 
ATOM   644  O  OD2 . ASP A 1 94  ? -8.125  -6.514  -15.009 1.00 47.08 ? 93  ASP A OD2 1 
ATOM   645  N  N   . PHE A 1 95  ? -7.097  -9.170  -10.321 1.00 32.93 ? 94  PHE A N   1 
ATOM   646  C  CA  . PHE A 1 95  ? -6.358  -10.149 -9.512  1.00 33.18 ? 94  PHE A CA  1 
ATOM   647  C  C   . PHE A 1 95  ? -5.835  -11.259 -10.436 1.00 35.31 ? 94  PHE A C   1 
ATOM   648  O  O   . PHE A 1 95  ? -6.628  -12.017 -11.009 1.00 36.39 ? 94  PHE A O   1 
ATOM   649  C  CB  . PHE A 1 95  ? -7.242  -10.791 -8.427  1.00 34.24 ? 94  PHE A CB  1 
ATOM   650  C  CG  . PHE A 1 95  ? -7.841  -9.821  -7.436  1.00 32.18 ? 94  PHE A CG  1 
ATOM   651  C  CD1 . PHE A 1 95  ? -8.787  -8.860  -7.849  1.00 35.07 ? 94  PHE A CD1 1 
ATOM   652  C  CD2 . PHE A 1 95  ? -7.511  -9.895  -6.085  1.00 37.16 ? 94  PHE A CD2 1 
ATOM   653  C  CE1 . PHE A 1 95  ? -9.343  -7.979  -6.956  1.00 37.17 ? 94  PHE A CE1 1 
ATOM   654  C  CE2 . PHE A 1 95  ? -8.070  -9.026  -5.174  1.00 36.96 ? 94  PHE A CE2 1 
ATOM   655  C  CZ  . PHE A 1 95  ? -8.983  -8.063  -5.607  1.00 35.64 ? 94  PHE A CZ  1 
ATOM   656  N  N   . LEU A 1 96  ? -4.516  -11.359 -10.548 1.00 33.88 ? 95  LEU A N   1 
ATOM   657  C  CA  . LEU A 1 96  ? -3.838  -12.243 -11.473 1.00 32.80 ? 95  LEU A CA  1 
ATOM   658  C  C   . LEU A 1 96  ? -3.335  -13.543 -10.871 1.00 32.70 ? 95  LEU A C   1 
ATOM   659  O  O   . LEU A 1 96  ? -3.196  -14.553 -11.576 1.00 32.22 ? 95  LEU A O   1 
ATOM   660  C  CB  . LEU A 1 96  ? -2.644  -11.495 -12.053 1.00 33.43 ? 95  LEU A CB  1 
ATOM   661  C  CG  . LEU A 1 96  ? -3.012  -10.127 -12.601 1.00 36.42 ? 95  LEU A CG  1 
ATOM   662  C  CD1 . LEU A 1 96  ? -1.833  -9.485  -13.242 1.00 40.43 ? 95  LEU A CD1 1 
ATOM   663  C  CD2 . LEU A 1 96  ? -4.195  -10.262 -13.545 1.00 36.04 ? 95  LEU A CD2 1 
ATOM   664  N  N   . SER A 1 97  ? -2.982  -13.500 -9.595  1.00 32.47 ? 96  SER A N   1 
ATOM   665  C  CA  . SER A 1 97  ? -2.542  -14.656 -8.868  1.00 34.07 ? 96  SER A CA  1 
ATOM   666  C  C   . SER A 1 97  ? -2.684  -14.399 -7.385  1.00 35.35 ? 96  SER A C   1 
ATOM   667  O  O   . SER A 1 97  ? -2.859  -13.245 -6.949  1.00 37.59 ? 96  SER A O   1 
ATOM   668  C  CB  . SER A 1 97  ? -1.095  -15.064 -9.218  1.00 33.61 ? 96  SER A CB  1 
ATOM   669  O  OG  . SER A 1 97  ? -0.144  -14.143 -8.734  1.00 36.92 ? 96  SER A OG  1 
ATOM   670  N  N   . GLY A 1 98  ? -2.576  -15.470 -6.618  1.00 34.64 ? 97  GLY A N   1 
ATOM   671  C  CA  . GLY A 1 98  ? -2.857  -15.450 -5.187  1.00 35.00 ? 97  GLY A CA  1 
ATOM   672  C  C   . GLY A 1 98  ? -1.603  -15.489 -4.335  1.00 35.47 ? 97  GLY A C   1 
ATOM   673  O  O   . GLY A 1 98  ? -0.550  -15.844 -4.812  1.00 35.97 ? 97  GLY A O   1 
ATOM   674  N  N   . ALA A 1 99  ? -1.725  -15.131 -3.061  1.00 36.44 ? 98  ALA A N   1 
ATOM   675  C  CA  . ALA A 1 99  ? -0.599  -15.166 -2.147  1.00 36.21 ? 98  ALA A CA  1 
ATOM   676  C  C   . ALA A 1 99  ? -0.935  -16.187 -1.069  1.00 36.43 ? 98  ALA A C   1 
ATOM   677  O  O   . ALA A 1 99  ? -2.098  -16.446 -0.800  1.00 36.63 ? 98  ALA A O   1 
ATOM   678  C  CB  . ALA A 1 99  ? -0.362  -13.818 -1.552  1.00 37.05 ? 98  ALA A CB  1 
ATOM   679  N  N   . LYS A 1 100 ? 0.079   -16.801 -0.484  1.00 37.53 ? 99  LYS A N   1 
ATOM   680  C  CA  . LYS A 1 100 ? -0.168  -17.824 0.499   1.00 38.77 ? 99  LYS A CA  1 
ATOM   681  C  C   . LYS A 1 100 ? 0.410   -17.396 1.816   1.00 37.26 ? 99  LYS A C   1 
ATOM   682  O  O   . LYS A 1 100 ? 1.170   -16.430 1.909   1.00 35.30 ? 99  LYS A O   1 
ATOM   683  C  CB  . LYS A 1 100 ? 0.369   -19.204 0.043   1.00 41.83 ? 99  LYS A CB  1 
ATOM   684  C  CG  . LYS A 1 100 ? 1.790   -19.209 -0.461  1.00 46.63 ? 99  LYS A CG  1 
ATOM   685  N  N   . LEU A 1 101 ? 0.021   -18.135 2.847   1.00 37.13 ? 100 LEU A N   1 
ATOM   686  C  CA  . LEU A 1 101 ? 0.514   -17.908 4.188   1.00 37.87 ? 100 LEU A CA  1 
ATOM   687  C  C   . LEU A 1 101 ? 2.051   -17.828 4.171   1.00 37.24 ? 100 LEU A C   1 
ATOM   688  O  O   . LEU A 1 101 ? 2.693   -18.711 3.620   1.00 37.85 ? 100 LEU A O   1 
ATOM   689  C  CB  . LEU A 1 101 ? 0.024   -19.060 5.074   1.00 37.53 ? 100 LEU A CB  1 
ATOM   690  C  CG  . LEU A 1 101 ? 0.308   -18.987 6.558   1.00 37.62 ? 100 LEU A CG  1 
ATOM   691  C  CD1 . LEU A 1 101 ? -0.374  -17.772 7.246   1.00 37.21 ? 100 LEU A CD1 1 
ATOM   692  C  CD2 . LEU A 1 101 ? -0.118  -20.285 7.208   1.00 39.60 ? 100 LEU A CD2 1 
ATOM   693  N  N   . GLY A 1 102 ? 2.618   -16.773 4.757   1.00 37.81 ? 101 GLY A N   1 
ATOM   694  C  CA  . GLY A 1 102 ? 4.096   -16.560 4.804   1.00 37.81 ? 101 GLY A CA  1 
ATOM   695  C  C   . GLY A 1 102 ? 4.728   -15.884 3.583   1.00 36.92 ? 101 GLY A C   1 
ATOM   696  O  O   . GLY A 1 102 ? 5.924   -15.549 3.593   1.00 36.21 ? 101 GLY A O   1 
ATOM   697  N  N   . ASP A 1 103 ? 3.960   -15.636 2.530   1.00 36.25 ? 102 ASP A N   1 
ATOM   698  C  CA  . ASP A 1 103 ? 4.504   -14.839 1.406   1.00 36.21 ? 102 ASP A CA  1 
ATOM   699  C  C   . ASP A 1 103 ? 4.762   -13.396 1.831   1.00 36.12 ? 102 ASP A C   1 
ATOM   700  O  O   . ASP A 1 103 ? 3.979   -12.814 2.595   1.00 37.40 ? 102 ASP A O   1 
ATOM   701  C  CB  . ASP A 1 103 ? 3.556   -14.806 0.202   1.00 37.74 ? 102 ASP A CB  1 
ATOM   702  C  CG  . ASP A 1 103 ? 3.606   -16.073 -0.644  1.00 41.37 ? 102 ASP A CG  1 
ATOM   703  O  OD1 . ASP A 1 103 ? 4.569   -16.864 -0.565  1.00 50.15 ? 102 ASP A OD1 1 
ATOM   704  O  OD2 . ASP A 1 103 ? 2.633   -16.321 -1.360  1.00 38.26 ? 102 ASP A OD2 1 
ATOM   705  N  N   . TRP A 1 104 ? 5.870   -12.845 1.337   1.00 35.26 ? 103 TRP A N   1 
ATOM   706  C  CA  . TRP A 1 104 ? 6.199   -11.425 1.442   1.00 36.52 ? 103 TRP A CA  1 
ATOM   707  C  C   . TRP A 1 104 ? 5.620   -10.679 0.267   1.00 37.42 ? 103 TRP A C   1 
ATOM   708  O  O   . TRP A 1 104 ? 6.092   -10.817 -0.876  1.00 35.99 ? 103 TRP A O   1 
ATOM   709  C  CB  . TRP A 1 104 ? 7.714   -11.215 1.431   1.00 36.11 ? 103 TRP A CB  1 
ATOM   710  C  CG  . TRP A 1 104 ? 8.174   -9.825  1.668   1.00 36.98 ? 103 TRP A CG  1 
ATOM   711  C  CD1 . TRP A 1 104 ? 8.869   -9.046  0.785   1.00 37.95 ? 103 TRP A CD1 1 
ATOM   712  C  CD2 . TRP A 1 104 ? 8.056   -9.044  2.873   1.00 39.66 ? 103 TRP A CD2 1 
ATOM   713  N  NE1 . TRP A 1 104 ? 9.151   -7.831  1.350   1.00 39.70 ? 103 TRP A NE1 1 
ATOM   714  C  CE2 . TRP A 1 104 ? 8.659   -7.798  2.621   1.00 34.91 ? 103 TRP A CE2 1 
ATOM   715  C  CE3 . TRP A 1 104 ? 7.489   -9.266  4.124   1.00 37.85 ? 103 TRP A CE3 1 
ATOM   716  C  CZ2 . TRP A 1 104 ? 8.743   -6.781  3.603   1.00 38.36 ? 103 TRP A CZ2 1 
ATOM   717  C  CZ3 . TRP A 1 104 ? 7.549   -8.242  5.087   1.00 37.29 ? 103 TRP A CZ3 1 
ATOM   718  C  CH2 . TRP A 1 104 ? 8.180   -7.023  4.808   1.00 38.29 ? 103 TRP A CH2 1 
ATOM   719  N  N   . VAL A 1 105 ? 4.627   -9.860  0.560   1.00 36.55 ? 104 VAL A N   1 
ATOM   720  C  CA  . VAL A 1 105 ? 3.856   -9.213  -0.486  1.00 33.29 ? 104 VAL A CA  1 
ATOM   721  C  C   . VAL A 1 105 ? 4.256   -7.737  -0.494  1.00 33.88 ? 104 VAL A C   1 
ATOM   722  O  O   . VAL A 1 105 ? 4.318   -7.123  0.555   1.00 35.31 ? 104 VAL A O   1 
ATOM   723  C  CB  . VAL A 1 105 ? 2.345   -9.330  -0.184  1.00 32.64 ? 104 VAL A CB  1 
ATOM   724  C  CG1 . VAL A 1 105 ? 1.522   -8.547  -1.225  1.00 38.46 ? 104 VAL A CG1 1 
ATOM   725  C  CG2 . VAL A 1 105 ? 1.915   -10.843 -0.143  1.00 35.36 ? 104 VAL A CG2 1 
ATOM   726  N  N   . GLU A 1 106 ? 4.444   -7.155  -1.677  1.00 34.03 ? 105 GLU A N   1 
ATOM   727  C  CA  . GLU A 1 106 ? 4.843   -5.770  -1.799  1.00 34.51 ? 105 GLU A CA  1 
ATOM   728  C  C   . GLU A 1 106 ? 3.878   -5.070  -2.733  1.00 34.50 ? 105 GLU A C   1 
ATOM   729  O  O   . GLU A 1 106 ? 3.211   -5.715  -3.547  1.00 32.14 ? 105 GLU A O   1 
ATOM   730  C  CB  . GLU A 1 106 ? 6.288   -5.641  -2.326  1.00 35.21 ? 105 GLU A CB  1 
ATOM   731  C  CG  . GLU A 1 106 ? 7.333   -6.182  -1.352  1.00 38.45 ? 105 GLU A CG  1 
ATOM   732  C  CD  . GLU A 1 106 ? 8.785   -5.935  -1.782  1.00 39.73 ? 105 GLU A CD  1 
ATOM   733  O  OE1 . GLU A 1 106 ? 9.031   -5.230  -2.778  1.00 46.14 ? 105 GLU A OE1 1 
ATOM   734  O  OE2 . GLU A 1 106 ? 9.703   -6.434  -1.097  1.00 47.84 ? 105 GLU A OE2 1 
ATOM   735  N  N   . GLY A 1 107 ? 3.794   -3.761  -2.567  1.00 34.80 ? 106 GLY A N   1 
ATOM   736  C  CA  . GLY A 1 107 ? 2.850   -2.917  -3.308  1.00 34.51 ? 106 GLY A CA  1 
ATOM   737  C  C   . GLY A 1 107 ? 3.440   -1.536  -3.556  1.00 34.18 ? 106 GLY A C   1 
ATOM   738  O  O   . GLY A 1 107 ? 4.114   -1.025  -2.700  1.00 34.32 ? 106 GLY A O   1 
ATOM   739  N  N   . GLU A 1 108 ? 3.238   -0.967  -4.745  1.00 35.82 ? 107 GLU A N   1 
ATOM   740  C  CA  . GLU A 1 108 ? 3.732   0.360   -5.040  1.00 37.26 ? 107 GLU A CA  1 
ATOM   741  C  C   . GLU A 1 108 ? 2.852   0.935   -6.114  1.00 37.86 ? 107 GLU A C   1 
ATOM   742  O  O   . GLU A 1 108 ? 2.407   0.202   -7.001  1.00 34.81 ? 107 GLU A O   1 
ATOM   743  C  CB  . GLU A 1 108 ? 5.165   0.271   -5.585  1.00 37.91 ? 107 GLU A CB  1 
ATOM   744  C  CG  . GLU A 1 108 ? 5.954   1.542   -5.551  1.00 38.87 ? 107 GLU A CG  1 
ATOM   745  C  CD  . GLU A 1 108 ? 7.296   1.438   -6.304  1.00 41.52 ? 107 GLU A CD  1 
ATOM   746  O  OE1 . GLU A 1 108 ? 7.599   0.348   -6.834  1.00 43.41 ? 107 GLU A OE1 1 
ATOM   747  O  OE2 . GLU A 1 108 ? 8.029   2.468   -6.386  1.00 45.78 ? 107 GLU A OE2 1 
ATOM   748  N  N   . GLY A 1 109 ? 2.659   2.244   -6.071  1.00 38.52 ? 108 GLY A N   1 
ATOM   749  C  CA  . GLY A 1 109 ? 2.012   2.940   -7.185  1.00 38.23 ? 108 GLY A CA  1 
ATOM   750  C  C   . GLY A 1 109 ? 2.972   3.871   -7.901  1.00 38.45 ? 108 GLY A C   1 
ATOM   751  O  O   . GLY A 1 109 ? 3.975   4.279   -7.328  1.00 40.92 ? 108 GLY A O   1 
ATOM   752  N  N   . GLU A 1 110 ? 2.655   4.199   -9.147  1.00 38.62 ? 109 GLU A N   1 
ATOM   753  C  CA  . GLU A 1 110 ? 3.310   5.276   -9.862  1.00 40.23 ? 109 GLU A CA  1 
ATOM   754  C  C   . GLU A 1 110 ? 2.316   6.410   -10.117 1.00 40.68 ? 109 GLU A C   1 
ATOM   755  O  O   . GLU A 1 110 ? 1.207   6.179   -10.616 1.00 38.73 ? 109 GLU A O   1 
ATOM   756  C  CB  . GLU A 1 110 ? 3.934   4.762   -11.151 1.00 41.01 ? 109 GLU A CB  1 
ATOM   757  C  CG  . GLU A 1 110 ? 2.972   4.359   -12.227 1.00 47.10 ? 109 GLU A CG  1 
ATOM   758  N  N   . LEU A 1 111 ? 2.711   7.630   -9.739  1.00 41.79 ? 110 LEU A N   1 
ATOM   759  C  CA  . LEU A 1 111 ? 1.840   8.794   -9.915  1.00 42.46 ? 110 LEU A CA  1 
ATOM   760  C  C   . LEU A 1 111 ? 1.867   9.179   -11.371 1.00 44.59 ? 110 LEU A C   1 
ATOM   761  O  O   . LEU A 1 111 ? 2.913   9.579   -11.894 1.00 45.90 ? 110 LEU A O   1 
ATOM   762  C  CB  . LEU A 1 111 ? 2.253   9.987   -9.031  1.00 42.09 ? 110 LEU A CB  1 
ATOM   763  C  CG  . LEU A 1 111 ? 1.389   11.246  -9.254  1.00 44.08 ? 110 LEU A CG  1 
ATOM   764  C  CD1 . LEU A 1 111 ? -0.071  10.967  -8.977  1.00 40.10 ? 110 LEU A CD1 1 
ATOM   765  C  CD2 . LEU A 1 111 ? 1.876   12.422  -8.399  1.00 44.47 ? 110 LEU A CD2 1 
ATOM   766  N  N   . ILE A 1 112 ? 0.722   9.045   -12.030 1.00 44.57 ? 111 ILE A N   1 
ATOM   767  C  CA  . ILE A 1 112 ? 0.604   9.371   -13.440 1.00 46.31 ? 111 ILE A CA  1 
ATOM   768  C  C   . ILE A 1 112 ? 0.225   10.835  -13.677 1.00 46.02 ? 111 ILE A C   1 
ATOM   769  O  O   . ILE A 1 112 ? 0.832   11.522  -14.512 1.00 45.16 ? 111 ILE A O   1 
ATOM   770  C  CB  . ILE A 1 112 ? -0.468  8.493   -14.137 1.00 46.30 ? 111 ILE A CB  1 
ATOM   771  C  CG1 . ILE A 1 112 ? -0.162  7.010   -13.937 1.00 47.41 ? 111 ILE A CG1 1 
ATOM   772  C  CG2 . ILE A 1 112 ? -0.525  8.801   -15.619 1.00 48.86 ? 111 ILE A CG2 1 
ATOM   773  C  CD1 . ILE A 1 112 ? 1.237   6.596   -14.361 1.00 46.06 ? 111 ILE A CD1 1 
ATOM   774  N  N   . SER A 1 113 ? -0.799  11.297  -12.971 1.00 44.49 ? 112 SER A N   1 
ATOM   775  C  CA  . SER A 1 113 ? -1.376  12.598  -13.255 1.00 42.23 ? 112 SER A CA  1 
ATOM   776  C  C   . SER A 1 113 ? -2.063  13.153  -12.029 1.00 42.59 ? 112 SER A C   1 
ATOM   777  O  O   . SER A 1 113 ? -2.328  12.421  -11.056 1.00 40.75 ? 112 SER A O   1 
ATOM   778  C  CB  . SER A 1 113 ? -2.372  12.478  -14.411 1.00 43.44 ? 112 SER A CB  1 
ATOM   779  O  OG  . SER A 1 113 ? -3.387  11.544  -14.099 1.00 45.29 ? 112 SER A OG  1 
ATOM   780  N  N   . GLU A 1 114 ? -2.301  14.456  -12.060 1.00 42.02 ? 113 GLU A N   1 
ATOM   781  C  CA  . GLU A 1 114 ? -3.049  15.169  -11.018 1.00 42.53 ? 113 GLU A CA  1 
ATOM   782  C  C   . GLU A 1 114 ? -3.911  16.201  -11.724 1.00 42.78 ? 113 GLU A C   1 
ATOM   783  O  O   . GLU A 1 114 ? -3.407  16.938  -12.567 1.00 42.08 ? 113 GLU A O   1 
ATOM   784  C  CB  . GLU A 1 114 ? -2.114  15.854  -10.001 1.00 42.23 ? 113 GLU A CB  1 
ATOM   785  C  CG  . GLU A 1 114 ? -2.803  16.691  -8.863  1.00 43.80 ? 113 GLU A CG  1 
ATOM   786  C  CD  . GLU A 1 114 ? -3.215  18.134  -9.258  1.00 44.31 ? 113 GLU A CD  1 
ATOM   787  O  OE1 . GLU A 1 114 ? -2.948  18.576  -10.382 1.00 45.74 ? 113 GLU A OE1 1 
ATOM   788  O  OE2 . GLU A 1 114 ? -3.824  18.857  -8.420  1.00 45.53 ? 113 GLU A OE2 1 
ATOM   789  N  N   . GLU A 1 115 ? -5.195  16.253  -11.389 1.00 43.03 ? 114 GLU A N   1 
ATOM   790  C  CA  . GLU A 1 115 ? -6.075  17.335  -11.835 1.00 43.00 ? 114 GLU A CA  1 
ATOM   791  C  C   . GLU A 1 115 ? -6.804  17.824  -10.613 1.00 39.56 ? 114 GLU A C   1 
ATOM   792  O  O   . GLU A 1 115 ? -7.572  17.075  -10.035 1.00 39.74 ? 114 GLU A O   1 
ATOM   793  C  CB  . GLU A 1 115 ? -7.078  16.859  -12.927 1.00 44.21 ? 114 GLU A CB  1 
ATOM   794  C  CG  . GLU A 1 115 ? -8.449  16.214  -12.464 1.00 45.21 ? 114 GLU A CG  1 
ATOM   795  C  CD  . GLU A 1 115 ? -9.565  16.328  -13.530 1.00 45.17 ? 114 GLU A CD  1 
ATOM   796  O  OE1 . GLU A 1 115 ? -9.333  15.886  -14.675 1.00 45.76 ? 114 GLU A OE1 1 
ATOM   797  O  OE2 . GLU A 1 115 ? -10.672 16.849  -13.234 1.00 43.22 ? 114 GLU A OE2 1 
ATOM   798  N  N   . ASP A 1 116 ? -6.572  19.073  -10.220 1.00 36.37 ? 115 ASP A N   1 
ATOM   799  C  CA  . ASP A 1 116 ? -7.385  19.715  -9.201  1.00 35.42 ? 115 ASP A CA  1 
ATOM   800  C  C   . ASP A 1 116 ? -7.471  18.771  -8.023  1.00 34.69 ? 115 ASP A C   1 
ATOM   801  O  O   . ASP A 1 116 ? -8.542  18.503  -7.523  1.00 34.71 ? 115 ASP A O   1 
ATOM   802  C  CB  . ASP A 1 116 ? -8.810  20.044  -9.710  1.00 35.53 ? 115 ASP A CB  1 
ATOM   803  C  CG  . ASP A 1 116 ? -8.812  21.088  -10.799 1.00 42.53 ? 115 ASP A CG  1 
ATOM   804  O  OD1 . ASP A 1 116 ? -7.963  22.011  -10.724 1.00 39.80 ? 115 ASP A OD1 1 
ATOM   805  O  OD2 . ASP A 1 116 ? -9.649  20.985  -11.743 1.00 46.08 ? 115 ASP A OD2 1 
HETATM 806  N  N   . MSE A 1 117 ? -6.322  18.246  -7.626  1.00 34.21 ? 116 MSE A N   1 
HETATM 807  C  CA  . MSE A 1 117 ? -6.154  17.546  -6.379  1.00 34.68 ? 116 MSE A CA  1 
HETATM 808  C  C   . MSE A 1 117 ? -6.691  16.084  -6.369  1.00 31.10 ? 116 MSE A C   1 
HETATM 809  O  O   . MSE A 1 117 ? -6.720  15.430  -5.326  1.00 32.02 ? 116 MSE A O   1 
HETATM 810  C  CB  . MSE A 1 117 ? -6.665  18.421  -5.246  1.00 36.82 ? 116 MSE A CB  1 
HETATM 811  C  CG  . MSE A 1 117 ? -5.762  19.680  -5.147  1.00 43.14 ? 116 MSE A CG  1 
HETATM 812  SE SE  . MSE A 1 117 ? -3.956  19.150  -4.421  0.75 48.73 ? 116 MSE A SE  1 
HETATM 813  C  CE  . MSE A 1 117 ? -4.558  19.285  -2.799  1.00 39.94 ? 116 MSE A CE  1 
ATOM   814  N  N   . LEU A 1 118 ? -7.021  15.593  -7.559  1.00 31.44 ? 117 LEU A N   1 
ATOM   815  C  CA  . LEU A 1 118 ? -7.263  14.183  -7.811  1.00 31.30 ? 117 LEU A CA  1 
ATOM   816  C  C   . LEU A 1 118 ? -6.023  13.627  -8.472  1.00 31.48 ? 117 LEU A C   1 
ATOM   817  O  O   . LEU A 1 118 ? -5.642  14.024  -9.615  1.00 31.68 ? 117 LEU A O   1 
ATOM   818  C  CB  . LEU A 1 118 ? -8.478  13.978  -8.726  1.00 34.17 ? 117 LEU A CB  1 
ATOM   819  C  CG  . LEU A 1 118 ? -9.755  14.711  -8.324  1.00 34.51 ? 117 LEU A CG  1 
ATOM   820  C  CD1 . LEU A 1 118 ? -10.720 14.834  -9.541  1.00 34.98 ? 117 LEU A CD1 1 
ATOM   821  C  CD2 . LEU A 1 118 ? -10.396 14.053  -7.140  1.00 37.14 ? 117 LEU A CD2 1 
ATOM   822  N  N   . PHE A 1 119 ? -5.420  12.674  -7.773  1.00 33.72 ? 118 PHE A N   1 
ATOM   823  C  CA  . PHE A 1 119 ? -4.151  12.064  -8.134  1.00 34.47 ? 118 PHE A CA  1 
ATOM   824  C  C   . PHE A 1 119 ? -4.449  10.684  -8.652  1.00 34.29 ? 118 PHE A C   1 
ATOM   825  O  O   . PHE A 1 119 ? -5.100  9.899   -7.976  1.00 34.97 ? 118 PHE A O   1 
ATOM   826  C  CB  . PHE A 1 119 ? -3.236  11.964  -6.908  1.00 35.72 ? 118 PHE A CB  1 
ATOM   827  C  CG  . PHE A 1 119 ? -2.680  13.274  -6.443  1.00 39.03 ? 118 PHE A CG  1 
ATOM   828  C  CD1 . PHE A 1 119 ? -3.415  14.103  -5.602  1.00 39.88 ? 118 PHE A CD1 1 
ATOM   829  C  CD2 . PHE A 1 119 ? -1.399  13.662  -6.813  1.00 42.00 ? 118 PHE A CD2 1 
ATOM   830  C  CE1 . PHE A 1 119 ? -2.903  15.322  -5.182  1.00 43.63 ? 118 PHE A CE1 1 
ATOM   831  C  CE2 . PHE A 1 119 ? -0.880  14.884  -6.416  1.00 41.93 ? 118 PHE A CE2 1 
ATOM   832  C  CZ  . PHE A 1 119 ? -1.629  15.712  -5.579  1.00 43.14 ? 118 PHE A CZ  1 
ATOM   833  N  N   . THR A 1 120 ? -4.004  10.393  -9.865  1.00 35.52 ? 119 THR A N   1 
ATOM   834  C  CA  . THR A 1 120 ? -4.240  9.088   -10.479 1.00 37.03 ? 119 THR A CA  1 
ATOM   835  C  C   . THR A 1 120 ? -2.962  8.273   -10.416 1.00 38.64 ? 119 THR A C   1 
ATOM   836  O  O   . THR A 1 120 ? -1.930  8.702   -10.934 1.00 41.20 ? 119 THR A O   1 
ATOM   837  C  CB  . THR A 1 120 ? -4.662  9.246   -11.923 1.00 35.34 ? 119 THR A CB  1 
ATOM   838  O  OG1 . THR A 1 120 ? -5.912  9.929   -11.990 1.00 36.99 ? 119 THR A OG1 1 
ATOM   839  C  CG2 . THR A 1 120 ? -4.814  7.892   -12.627 1.00 37.62 ? 119 THR A CG2 1 
ATOM   840  N  N   . VAL A 1 121 ? -3.052  7.098   -9.788  1.00 39.33 ? 120 VAL A N   1 
ATOM   841  C  CA  . VAL A 1 121 ? -1.917  6.247   -9.468  1.00 37.42 ? 120 VAL A CA  1 
ATOM   842  C  C   . VAL A 1 121 ? -2.153  4.883   -10.098 1.00 38.81 ? 120 VAL A C   1 
ATOM   843  O  O   . VAL A 1 121 ? -3.192  4.275   -9.852  1.00 39.70 ? 120 VAL A O   1 
ATOM   844  C  CB  . VAL A 1 121 ? -1.761  6.113   -7.947  1.00 36.78 ? 120 VAL A CB  1 
ATOM   845  C  CG1 . VAL A 1 121 ? -0.666  5.124   -7.607  1.00 36.35 ? 120 VAL A CG1 1 
ATOM   846  C  CG2 . VAL A 1 121 ? -1.502  7.467   -7.355  1.00 37.86 ? 120 VAL A CG2 1 
ATOM   847  N  N   . ARG A 1 122 ? -1.230  4.466   -10.969 1.00 35.97 ? 121 ARG A N   1 
ATOM   848  C  CA  . ARG A 1 122 ? -1.201  3.138   -11.560 1.00 36.96 ? 121 ARG A CA  1 
ATOM   849  C  C   . ARG A 1 122 ? -0.356  2.269   -10.645 1.00 36.95 ? 121 ARG A C   1 
ATOM   850  O  O   . ARG A 1 122 ? 0.706   2.696   -10.135 1.00 37.20 ? 121 ARG A O   1 
ATOM   851  C  CB  . ARG A 1 122 ? -0.607  3.162   -12.960 1.00 36.85 ? 121 ARG A CB  1 
ATOM   852  C  CG  . ARG A 1 122 ? -0.218  1.808   -13.480 1.00 39.07 ? 121 ARG A CG  1 
ATOM   853  C  CD  . ARG A 1 122 ? -0.142  1.762   -15.046 1.00 39.72 ? 121 ARG A CD  1 
ATOM   854  N  N   . GLY A 1 123 ? -0.834  1.053   -10.414 1.00 37.33 ? 122 GLY A N   1 
ATOM   855  C  CA  . GLY A 1 123 ? -0.329  0.280   -9.311  1.00 35.91 ? 122 GLY A CA  1 
ATOM   856  C  C   . GLY A 1 123 ? -0.140  -1.199  -9.593  1.00 34.59 ? 122 GLY A C   1 
ATOM   857  O  O   . GLY A 1 123 ? -0.757  -1.746  -10.508 1.00 32.64 ? 122 GLY A O   1 
ATOM   858  N  N   . ARG A 1 124 ? 0.716   -1.817  -8.777  1.00 31.73 ? 123 ARG A N   1 
ATOM   859  C  CA  . ARG A 1 124 ? 0.974   -3.262  -8.768  1.00 34.35 ? 123 ARG A CA  1 
ATOM   860  C  C   . ARG A 1 124 ? 1.130   -3.745  -7.330  1.00 32.12 ? 123 ARG A C   1 
ATOM   861  O  O   . ARG A 1 124 ? 1.552   -2.974  -6.475  1.00 32.43 ? 123 ARG A O   1 
ATOM   862  C  CB  . ARG A 1 124 ? 2.278   -3.577  -9.500  1.00 36.55 ? 123 ARG A CB  1 
ATOM   863  C  CG  . ARG A 1 124 ? 2.306   -3.176  -10.924 1.00 41.88 ? 123 ARG A CG  1 
ATOM   864  C  CD  . ARG A 1 124 ? 1.546   -4.155  -11.785 1.00 48.68 ? 123 ARG A CD  1 
ATOM   865  N  NE  . ARG A 1 124 ? 1.622   -3.853  -13.221 1.00 51.00 ? 123 ARG A NE  1 
ATOM   866  C  CZ  . ARG A 1 124 ? 2.545   -4.337  -14.067 1.00 52.74 ? 123 ARG A CZ  1 
ATOM   867  N  NH1 . ARG A 1 124 ? 3.525   -5.137  -13.660 1.00 54.74 ? 123 ARG A NH1 1 
ATOM   868  N  NH2 . ARG A 1 124 ? 2.488   -4.005  -15.337 1.00 52.56 ? 123 ARG A NH2 1 
ATOM   869  N  N   . ILE A 1 125 ? 0.795   -5.015  -7.091  1.00 29.98 ? 124 ILE A N   1 
ATOM   870  C  CA  . ILE A 1 125 ? 1.080   -5.730  -5.862  1.00 32.76 ? 124 ILE A CA  1 
ATOM   871  C  C   . ILE A 1 125 ? 1.713   -7.034  -6.338  1.00 33.24 ? 124 ILE A C   1 
ATOM   872  O  O   . ILE A 1 125 ? 1.184   -7.690  -7.282  1.00 29.82 ? 124 ILE A O   1 
ATOM   873  C  CB  . ILE A 1 125 ? -0.206  -6.094  -5.105  1.00 31.23 ? 124 ILE A CB  1 
ATOM   874  C  CG1 . ILE A 1 125 ? -1.046  -4.832  -4.891  1.00 35.21 ? 124 ILE A CG1 1 
ATOM   875  C  CG2 . ILE A 1 125 ? 0.107   -6.863  -3.790  1.00 31.34 ? 124 ILE A CG2 1 
ATOM   876  C  CD1 . ILE A 1 125 ? -0.349  -3.744  -4.157  1.00 39.47 ? 124 ILE A CD1 1 
ATOM   877  N  N   . TRP A 1 126 ? 2.807   -7.410  -5.712  1.00 33.13 ? 125 TRP A N   1 
ATOM   878  C  CA  . TRP A 1 126 ? 3.542   -8.613  -6.114  1.00 35.81 ? 125 TRP A CA  1 
ATOM   879  C  C   . TRP A 1 126 ? 4.127   -9.365  -4.918  1.00 36.24 ? 125 TRP A C   1 
ATOM   880  O  O   . TRP A 1 126 ? 4.261   -8.823  -3.830  1.00 35.60 ? 125 TRP A O   1 
ATOM   881  C  CB  . TRP A 1 126 ? 4.641   -8.221  -7.092  1.00 35.45 ? 125 TRP A CB  1 
ATOM   882  C  CG  . TRP A 1 126 ? 5.732   -7.350  -6.495  1.00 37.79 ? 125 TRP A CG  1 
ATOM   883  C  CD1 . TRP A 1 126 ? 6.915   -7.791  -5.997  1.00 38.35 ? 125 TRP A CD1 1 
ATOM   884  C  CD2 . TRP A 1 126 ? 5.774   -5.905  -6.386  1.00 37.11 ? 125 TRP A CD2 1 
ATOM   885  N  NE1 . TRP A 1 126 ? 7.674   -6.744  -5.539  1.00 37.14 ? 125 TRP A NE1 1 
ATOM   886  C  CE2 . TRP A 1 126 ? 7.011   -5.572  -5.769  1.00 36.88 ? 125 TRP A CE2 1 
ATOM   887  C  CE3 . TRP A 1 126 ? 4.895   -4.866  -6.728  1.00 39.14 ? 125 TRP A CE3 1 
ATOM   888  C  CZ2 . TRP A 1 126 ? 7.395   -4.252  -5.492  1.00 38.61 ? 125 TRP A CZ2 1 
ATOM   889  C  CZ3 . TRP A 1 126 ? 5.299   -3.522  -6.467  1.00 38.48 ? 125 TRP A CZ3 1 
ATOM   890  C  CH2 . TRP A 1 126 ? 6.530   -3.242  -5.854  1.00 39.25 ? 125 TRP A CH2 1 
ATOM   891  N  N   . ALA A 1 127 ? 4.408   -10.643 -5.143  1.00 36.42 ? 126 ALA A N   1 
ATOM   892  C  CA  . ALA A 1 127 ? 5.070   -11.518 -4.202  1.00 37.87 ? 126 ALA A CA  1 
ATOM   893  C  C   . ALA A 1 127 ? 6.183   -12.184 -5.004  1.00 39.37 ? 126 ALA A C   1 
ATOM   894  O  O   . ALA A 1 127 ? 5.937   -13.058 -5.845  1.00 39.61 ? 126 ALA A O   1 
ATOM   895  C  CB  . ALA A 1 127 ? 4.112   -12.537 -3.656  1.00 36.68 ? 126 ALA A CB  1 
ATOM   896  N  N   . GLY A 1 128 ? 7.405   -11.730 -4.771  1.00 42.63 ? 127 GLY A N   1 
ATOM   897  C  CA  . GLY A 1 128 ? 8.539   -12.066 -5.640  1.00 42.54 ? 127 GLY A CA  1 
ATOM   898  C  C   . GLY A 1 128 ? 8.285   -11.813 -7.104  1.00 44.19 ? 127 GLY A C   1 
ATOM   899  O  O   . GLY A 1 128 ? 7.942   -10.685 -7.510  1.00 43.91 ? 127 GLY A O   1 
ATOM   900  N  N   . GLU A 1 129 ? 8.420   -12.868 -7.907  1.00 42.66 ? 128 GLU A N   1 
ATOM   901  C  CA  . GLU A 1 129 ? 8.304   -12.746 -9.354  1.00 45.49 ? 128 GLU A CA  1 
ATOM   902  C  C   . GLU A 1 129 ? 6.860   -12.854 -9.810  1.00 42.87 ? 128 GLU A C   1 
ATOM   903  O  O   . GLU A 1 129 ? 6.590   -12.798 -10.994 1.00 42.57 ? 128 GLU A O   1 
ATOM   904  C  CB  . GLU A 1 129 ? 9.148   -13.847 -10.029 1.00 47.49 ? 128 GLU A CB  1 
ATOM   905  C  CG  . GLU A 1 129 ? 10.615  -13.503 -10.123 1.00 52.81 ? 128 GLU A CG  1 
ATOM   906  C  CD  . GLU A 1 129 ? 10.852  -12.372 -11.105 1.00 56.43 ? 128 GLU A CD  1 
ATOM   907  O  OE1 . GLU A 1 129 ? 10.442  -12.507 -12.276 1.00 59.51 ? 128 GLU A OE1 1 
ATOM   908  O  OE2 . GLU A 1 129 ? 11.425  -11.340 -10.699 1.00 62.23 ? 128 GLU A OE2 1 
ATOM   909  N  N   . ARG A 1 130 ? 5.936   -13.064 -8.875  1.00 41.73 ? 129 ARG A N   1 
ATOM   910  C  CA  A ARG A 1 130 ? 4.514   -13.187 -9.184  0.50 41.31 ? 129 ARG A CA  1 
ATOM   911  C  CA  B ARG A 1 130 ? 4.539   -13.161 -9.236  0.50 40.91 ? 129 ARG A CA  1 
ATOM   912  C  C   . ARG A 1 130 ? 3.837   -11.825 -9.014  1.00 39.95 ? 129 ARG A C   1 
ATOM   913  O  O   . ARG A 1 130 ? 3.885   -11.260 -7.898  1.00 39.43 ? 129 ARG A O   1 
ATOM   914  C  CB  A ARG A 1 130 ? 3.818   -14.174 -8.231  0.50 40.54 ? 129 ARG A CB  1 
ATOM   915  C  CB  B ARG A 1 130 ? 3.889   -14.269 -8.433  0.50 40.14 ? 129 ARG A CB  1 
ATOM   916  C  CG  A ARG A 1 130 ? 4.579   -15.471 -7.917  0.50 42.66 ? 129 ARG A CG  1 
ATOM   917  C  CG  B ARG A 1 130 ? 4.662   -15.568 -8.593  0.50 40.86 ? 129 ARG A CG  1 
ATOM   918  C  CD  A ARG A 1 130 ? 3.697   -16.501 -7.226  0.50 42.38 ? 129 ARG A CD  1 
ATOM   919  C  CD  B ARG A 1 130 ? 3.960   -16.729 -8.013  0.50 41.21 ? 129 ARG A CD  1 
ATOM   920  N  NE  A ARG A 1 130 ? 2.902   -15.955 -6.123  0.50 41.89 ? 129 ARG A NE  1 
ATOM   921  N  NE  B ARG A 1 130 ? 3.749   -16.596 -6.574  0.50 40.95 ? 129 ARG A NE  1 
ATOM   922  C  CZ  A ARG A 1 130 ? 3.277   -15.903 -4.843  0.50 43.10 ? 129 ARG A CZ  1 
ATOM   923  C  CZ  B ARG A 1 130 ? 2.558   -16.524 -5.982  0.50 40.12 ? 129 ARG A CZ  1 
ATOM   924  N  NH1 A ARG A 1 130 ? 4.463   -16.345 -4.442  0.50 42.45 ? 129 ARG A NH1 1 
ATOM   925  N  NH1 B ARG A 1 130 ? 1.427   -16.574 -6.699  0.50 39.18 ? 129 ARG A NH1 1 
ATOM   926  N  NH2 A ARG A 1 130 ? 2.447   -15.387 -3.945  0.50 44.69 ? 129 ARG A NH2 1 
ATOM   927  N  NH2 B ARG A 1 130 ? 2.504   -16.424 -4.655  0.50 40.75 ? 129 ARG A NH2 1 
ATOM   928  N  N   . THR A 1 131 ? 3.193   -11.321 -10.076 1.00 36.03 ? 130 THR A N   1 
ATOM   929  C  CA  . THR A 1 131 ? 2.282   -10.164 -9.930  1.00 34.65 ? 130 THR A CA  1 
ATOM   930  C  C   . THR A 1 131 ? 0.888   -10.639 -9.462  1.00 35.16 ? 130 THR A C   1 
ATOM   931  O  O   . THR A 1 131 ? 0.243   -11.467 -10.130 1.00 36.70 ? 130 THR A O   1 
ATOM   932  C  CB  . THR A 1 131 ? 2.191   -9.328  -11.196 1.00 34.40 ? 130 THR A CB  1 
ATOM   933  O  OG1 . THR A 1 131 ? 3.493   -8.838  -11.523 1.00 35.00 ? 130 THR A OG1 1 
ATOM   934  C  CG2 . THR A 1 131 ? 1.249   -8.129  -11.018 1.00 35.49 ? 130 THR A CG2 1 
ATOM   935  N  N   . LEU A 1 132 ? 0.441   -10.113 -8.313  1.00 32.03 ? 131 LEU A N   1 
ATOM   936  C  CA  . LEU A 1 132 ? -0.820  -10.540 -7.704  1.00 32.40 ? 131 LEU A CA  1 
ATOM   937  C  C   . LEU A 1 132 ? -1.965  -9.686  -8.185  1.00 32.19 ? 131 LEU A C   1 
ATOM   938  O  O   . LEU A 1 132 ? -3.052  -10.205 -8.441  1.00 31.10 ? 131 LEU A O   1 
ATOM   939  C  CB  . LEU A 1 132 ? -0.741  -10.500 -6.199  1.00 33.35 ? 131 LEU A CB  1 
ATOM   940  C  CG  . LEU A 1 132 ? 0.475   -11.153 -5.546  1.00 36.80 ? 131 LEU A CG  1 
ATOM   941  C  CD1 . LEU A 1 132 ? 0.394   -10.940 -4.074  1.00 36.96 ? 131 LEU A CD1 1 
ATOM   942  C  CD2 . LEU A 1 132 ? 0.578   -12.604 -5.843  1.00 39.57 ? 131 LEU A CD2 1 
ATOM   943  N  N   . ILE A 1 133 ? -1.712  -8.384  -8.311  1.00 32.82 ? 132 ILE A N   1 
ATOM   944  C  CA  . ILE A 1 133 ? -2.727  -7.404  -8.678  1.00 32.64 ? 132 ILE A CA  1 
ATOM   945  C  C   . ILE A 1 133 ? -2.127  -6.306  -9.540  1.00 31.77 ? 132 ILE A C   1 
ATOM   946  O  O   . ILE A 1 133 ? -1.055  -5.780  -9.231  1.00 30.97 ? 132 ILE A O   1 
ATOM   947  C  CB  . ILE A 1 133 ? -3.345  -6.725  -7.421  1.00 32.65 ? 132 ILE A CB  1 
ATOM   948  C  CG1 . ILE A 1 133 ? -4.279  -7.687  -6.676  1.00 35.42 ? 132 ILE A CG1 1 
ATOM   949  C  CG2 . ILE A 1 133 ? -4.124  -5.462  -7.830  1.00 35.47 ? 132 ILE A CG2 1 
ATOM   950  C  CD1 . ILE A 1 133 ? -5.205  -6.973  -5.681  1.00 39.04 ? 132 ILE A CD1 1 
ATOM   951  N  N   . THR A 1 134 ? -2.836  -5.929  -10.595 1.00 32.02 ? 133 THR A N   1 
ATOM   952  C  CA  . THR A 1 134 ? -2.519  -4.733  -11.341 1.00 33.37 ? 133 THR A CA  1 
ATOM   953  C  C   . THR A 1 134 ? -3.771  -3.890  -11.244 1.00 33.48 ? 133 THR A C   1 
ATOM   954  O  O   . THR A 1 134 ? -4.896  -4.397  -11.253 1.00 33.80 ? 133 THR A O   1 
ATOM   955  C  CB  . THR A 1 134 ? -2.128  -5.056  -12.832 1.00 34.14 ? 133 THR A CB  1 
ATOM   956  O  OG1 . THR A 1 134 ? -1.827  -3.857  -13.540 1.00 40.47 ? 133 THR A OG1 1 
ATOM   957  C  CG2 . THR A 1 134 ? -3.243  -5.756  -13.547 1.00 34.00 ? 133 THR A CG2 1 
ATOM   958  N  N   . GLY A 1 135 ? -3.606  -2.595  -11.117 1.00 33.67 ? 134 GLY A N   1 
ATOM   959  C  CA  . GLY A 1 135 ? -4.752  -1.737  -11.149 1.00 34.70 ? 134 GLY A CA  1 
ATOM   960  C  C   . GLY A 1 135 ? -4.459  -0.272  -11.090 1.00 35.26 ? 134 GLY A C   1 
ATOM   961  O  O   . GLY A 1 135 ? -3.299  0.147   -11.158 1.00 32.68 ? 134 GLY A O   1 
ATOM   962  N  N   . THR A 1 136 ? -5.540  0.485   -10.894 1.00 37.04 ? 135 THR A N   1 
ATOM   963  C  CA  . THR A 1 136 ? -5.514  1.950   -10.810 1.00 35.90 ? 135 THR A CA  1 
ATOM   964  C  C   . THR A 1 136 ? -6.340  2.458   -9.629  1.00 36.13 ? 135 THR A C   1 
ATOM   965  O  O   . THR A 1 136 ? -7.441  1.949   -9.354  1.00 33.94 ? 135 THR A O   1 
ATOM   966  C  CB  . THR A 1 136 ? -6.060  2.589   -12.105 1.00 36.74 ? 135 THR A CB  1 
ATOM   967  O  OG1 . THR A 1 136 ? -5.232  2.223   -13.200 1.00 40.72 ? 135 THR A OG1 1 
ATOM   968  C  CG2 . THR A 1 136 ? -6.053  4.114   -12.017 1.00 41.72 ? 135 THR A CG2 1 
ATOM   969  N  N   . GLY A 1 137 ? -5.781  3.460   -8.948  1.00 35.48 ? 136 GLY A N   1 
ATOM   970  C  CA  . GLY A 1 137 ? -6.412  4.196   -7.859  1.00 35.66 ? 136 GLY A CA  1 
ATOM   971  C  C   . GLY A 1 137 ? -6.504  5.672   -8.192  1.00 36.09 ? 136 GLY A C   1 
ATOM   972  O  O   . GLY A 1 137 ? -5.579  6.244   -8.814  1.00 35.93 ? 136 GLY A O   1 
ATOM   973  N  N   . VAL A 1 138 ? -7.617  6.301   -7.795  1.00 33.74 ? 137 VAL A N   1 
ATOM   974  C  CA  . VAL A 1 138 ? -7.712  7.755   -7.859  1.00 34.44 ? 137 VAL A CA  1 
ATOM   975  C  C   . VAL A 1 138 ? -8.017  8.231   -6.456  1.00 34.06 ? 137 VAL A C   1 
ATOM   976  O  O   . VAL A 1 138 ? -8.981  7.778   -5.821  1.00 35.12 ? 137 VAL A O   1 
ATOM   977  C  CB  . VAL A 1 138 ? -8.761  8.264   -8.871  1.00 33.15 ? 137 VAL A CB  1 
ATOM   978  C  CG1 . VAL A 1 138 ? -8.748  9.776   -8.916  1.00 36.67 ? 137 VAL A CG1 1 
ATOM   979  C  CG2 . VAL A 1 138 ? -8.539  7.668   -10.251 1.00 34.62 ? 137 VAL A CG2 1 
ATOM   980  N  N   . PHE A 1 139 ? -7.149  9.113   -5.970  1.00 33.22 ? 138 PHE A N   1 
ATOM   981  C  CA  . PHE A 1 139 ? -7.183  9.617   -4.634  1.00 32.41 ? 138 PHE A CA  1 
ATOM   982  C  C   . PHE A 1 139 ? -7.366  11.137  -4.620  1.00 34.33 ? 138 PHE A C   1 
ATOM   983  O  O   . PHE A 1 139 ? -6.790  11.847  -5.470  1.00 37.01 ? 138 PHE A O   1 
ATOM   984  C  CB  . PHE A 1 139 ? -5.883  9.225   -3.989  1.00 34.54 ? 138 PHE A CB  1 
ATOM   985  C  CG  . PHE A 1 139 ? -5.623  7.721   -4.034  1.00 36.06 ? 138 PHE A CG  1 
ATOM   986  C  CD1 . PHE A 1 139 ? -6.181  6.891   -3.113  1.00 35.44 ? 138 PHE A CD1 1 
ATOM   987  C  CD2 . PHE A 1 139 ? -4.831  7.173   -5.013  1.00 34.81 ? 138 PHE A CD2 1 
ATOM   988  C  CE1 . PHE A 1 139 ? -5.957  5.515   -3.167  1.00 33.98 ? 138 PHE A CE1 1 
ATOM   989  C  CE2 . PHE A 1 139 ? -4.575  5.798   -5.049  1.00 38.09 ? 138 PHE A CE2 1 
ATOM   990  C  CZ  . PHE A 1 139 ? -5.138  4.983   -4.125  1.00 36.41 ? 138 PHE A CZ  1 
ATOM   991  N  N   . LYS A 1 140 ? -8.207  11.616  -3.721  1.00 33.52 ? 139 LYS A N   1 
ATOM   992  C  CA  . LYS A 1 140 ? -8.440  13.044  -3.585  1.00 36.83 ? 139 LYS A CA  1 
ATOM   993  C  C   . LYS A 1 140 ? -7.675  13.529  -2.368  1.00 35.57 ? 139 LYS A C   1 
ATOM   994  O  O   . LYS A 1 140 ? -7.899  13.085  -1.228  1.00 37.25 ? 139 LYS A O   1 
ATOM   995  C  CB  . LYS A 1 140 ? -9.928  13.395  -3.483  1.00 37.26 ? 139 LYS A CB  1 
ATOM   996  C  CG  . LYS A 1 140 ? -10.168 14.847  -3.071  1.00 38.78 ? 139 LYS A CG  1 
ATOM   997  C  CD  . LYS A 1 140 ? -11.516 15.393  -3.510  1.00 41.42 ? 139 LYS A CD  1 
ATOM   998  C  CE  . LYS A 1 140 ? -12.665 14.705  -2.816  1.00 47.29 ? 139 LYS A CE  1 
ATOM   999  N  NZ  . LYS A 1 140 ? -14.000 15.286  -3.256  1.00 44.68 ? 139 LYS A NZ  1 
ATOM   1000 N  N   . ALA A 1 141 ? -6.744  14.436  -2.619  1.00 36.83 ? 140 ALA A N   1 
ATOM   1001 C  CA  . ALA A 1 141 ? -6.037  15.109  -1.546  1.00 36.31 ? 140 ALA A CA  1 
ATOM   1002 C  C   . ALA A 1 141 ? -6.960  16.159  -0.922  1.00 36.93 ? 140 ALA A C   1 
ATOM   1003 O  O   . ALA A 1 141 ? -7.610  16.926  -1.633  1.00 37.78 ? 140 ALA A O   1 
ATOM   1004 C  CB  . ALA A 1 141 ? -4.793  15.731  -2.077  1.00 38.34 ? 140 ALA A CB  1 
ATOM   1005 N  N   . LEU A 1 142 ? -7.009  16.178  0.402   1.00 36.13 ? 141 LEU A N   1 
ATOM   1006 C  CA  . LEU A 1 142 ? -7.954  16.986  1.133   1.00 37.93 ? 141 LEU A CA  1 
ATOM   1007 C  C   . LEU A 1 142 ? -7.215  18.196  1.701   1.00 37.90 ? 141 LEU A C   1 
ATOM   1008 O  O   . LEU A 1 142 ? -7.414  19.273  1.232   1.00 37.96 ? 141 LEU A O   1 
ATOM   1009 C  CB  . LEU A 1 142 ? -8.608  16.179  2.246   1.00 39.36 ? 141 LEU A CB  1 
ATOM   1010 C  CG  . LEU A 1 142 ? -9.471  14.996  1.794   1.00 39.68 ? 141 LEU A CG  1 
ATOM   1011 C  CD1 . LEU A 1 142 ? -9.760  14.073  2.968   1.00 42.30 ? 141 LEU A CD1 1 
ATOM   1012 C  CD2 . LEU A 1 142 ? -10.748 15.488  1.216   1.00 42.41 ? 141 LEU A CD2 1 
ATOM   1013 N  N   . SER A 1 143 ? -6.358  18.031  2.688   1.00 35.34 ? 142 SER A N   1 
ATOM   1014 C  CA  . SER A 1 143 ? -5.673  19.222  3.212   1.00 36.42 ? 142 SER A CA  1 
ATOM   1015 C  C   . SER A 1 143 ? -4.349  18.862  3.882   1.00 34.80 ? 142 SER A C   1 
ATOM   1016 O  O   . SER A 1 143 ? -4.078  17.695  4.163   1.00 34.55 ? 142 SER A O   1 
ATOM   1017 C  CB  . SER A 1 143 ? -6.618  19.972  4.151   1.00 38.84 ? 142 SER A CB  1 
ATOM   1018 O  OG  . SER A 1 143 ? -6.914  19.142  5.258   1.00 41.07 ? 142 SER A OG  1 
ATOM   1019 N  N   . ALA A 1 144 ? -3.503  19.869  4.114   1.00 33.20 ? 143 ALA A N   1 
ATOM   1020 C  CA  . ALA A 1 144 ? -2.244  19.659  4.788   1.00 31.94 ? 143 ALA A CA  1 
ATOM   1021 C  C   . ALA A 1 144 ? -2.453  18.981  6.143   1.00 33.61 ? 143 ALA A C   1 
ATOM   1022 O  O   . ALA A 1 144 ? -3.417  19.273  6.862   1.00 32.85 ? 143 ALA A O   1 
ATOM   1023 C  CB  . ALA A 1 144 ? -1.499  20.989  4.980   1.00 33.23 ? 143 ALA A CB  1 
ATOM   1024 N  N   . ARG A 1 145 ? -1.550  18.079  6.477   1.00 32.89 ? 144 ARG A N   1 
ATOM   1025 C  CA  . ARG A 1 145 ? -1.486  17.525  7.832   1.00 35.60 ? 144 ARG A CA  1 
ATOM   1026 C  C   . ARG A 1 145 ? -0.026  17.497  8.287   1.00 35.13 ? 144 ARG A C   1 
ATOM   1027 O  O   . ARG A 1 145 ? 0.876   17.835  7.517   1.00 32.88 ? 144 ARG A O   1 
ATOM   1028 C  CB  . ARG A 1 145 ? -2.109  16.139  7.879   1.00 36.19 ? 144 ARG A CB  1 
ATOM   1029 C  CG  . ARG A 1 145 ? -1.493  15.175  6.863   1.00 37.95 ? 144 ARG A CG  1 
ATOM   1030 C  CD  . ARG A 1 145 ? -1.229  13.828  7.449   1.00 42.65 ? 144 ARG A CD  1 
ATOM   1031 N  NE  . ARG A 1 145 ? -0.763  12.891  6.445   1.00 40.49 ? 144 ARG A NE  1 
ATOM   1032 C  CZ  . ARG A 1 145 ? 0.514   12.658  6.150   1.00 37.82 ? 144 ARG A CZ  1 
ATOM   1033 N  NH1 . ARG A 1 145 ? 1.488   13.271  6.784   1.00 34.60 ? 144 ARG A NH1 1 
ATOM   1034 N  NH2 . ARG A 1 145 ? 0.816   11.794  5.187   1.00 39.71 ? 144 ARG A NH2 1 
ATOM   1035 N  N   . LYS A 1 146 ? 0.192   17.121  9.545   1.00 37.21 ? 145 LYS A N   1 
ATOM   1036 C  CA  . LYS A 1 146 ? 1.539   17.034  10.101  1.00 37.45 ? 145 LYS A CA  1 
ATOM   1037 C  C   . LYS A 1 146 ? 2.344   16.019  9.277   1.00 34.75 ? 145 LYS A C   1 
ATOM   1038 O  O   . LYS A 1 146 ? 1.890   14.879  9.064   1.00 33.04 ? 145 LYS A O   1 
ATOM   1039 C  CB  . LYS A 1 146 ? 1.491   16.631  11.586  1.00 38.68 ? 145 LYS A CB  1 
ATOM   1040 C  CG  . LYS A 1 146 ? 2.862   16.506  12.272  1.00 38.61 ? 145 LYS A CG  1 
ATOM   1041 C  CD  . LYS A 1 146 ? 2.694   15.963  13.708  1.00 40.29 ? 145 LYS A CD  1 
ATOM   1042 C  CE  . LYS A 1 146 ? 3.933   16.190  14.588  1.00 42.35 ? 145 LYS A CE  1 
ATOM   1043 N  NZ  . LYS A 1 146 ? 3.574   16.495  16.042  1.00 49.95 ? 145 LYS A NZ  1 
ATOM   1044 N  N   . PRO A 1 147 ? 3.481   16.453  8.720   1.00 34.97 ? 146 PRO A N   1 
ATOM   1045 C  CA  . PRO A 1 147 ? 4.371   15.533  8.002   1.00 36.53 ? 146 PRO A CA  1 
ATOM   1046 C  C   . PRO A 1 147 ? 4.920   14.415  8.870   1.00 40.04 ? 146 PRO A C   1 
ATOM   1047 O  O   . PRO A 1 147 ? 5.108   14.592  10.086  1.00 38.03 ? 146 PRO A O   1 
ATOM   1048 C  CB  . PRO A 1 147 ? 5.485   16.448  7.495   1.00 36.44 ? 146 PRO A CB  1 
ATOM   1049 C  CG  . PRO A 1 147 ? 4.767   17.819  7.362   1.00 34.97 ? 146 PRO A CG  1 
ATOM   1050 C  CD  . PRO A 1 147 ? 3.913   17.849  8.574   1.00 35.27 ? 146 PRO A CD  1 
ATOM   1051 N  N   . ARG A 1 148 ? 5.145   13.274  8.228   1.00 43.65 ? 147 ARG A N   1 
ATOM   1052 C  CA  . ARG A 1 148 ? 5.700   12.104  8.879   1.00 47.33 ? 147 ARG A CA  1 
ATOM   1053 C  C   . ARG A 1 148 ? 7.109   11.862  8.328   1.00 47.02 ? 147 ARG A C   1 
ATOM   1054 O  O   . ARG A 1 148 ? 7.407   12.218  7.177   1.00 46.28 ? 147 ARG A O   1 
ATOM   1055 C  CB  . ARG A 1 148 ? 4.785   10.882  8.649   1.00 48.18 ? 147 ARG A CB  1 
ATOM   1056 C  CG  . ARG A 1 148 ? 3.321   11.132  9.026   1.00 50.70 ? 147 ARG A CG  1 
ATOM   1057 C  CD  . ARG A 1 148 ? 2.508   9.854   9.239   1.00 52.19 ? 147 ARG A CD  1 
ATOM   1058 N  NE  . ARG A 1 148 ? 1.731   9.427   8.058   1.00 56.57 ? 147 ARG A NE  1 
ATOM   1059 C  CZ  . ARG A 1 148 ? 0.429   9.660   7.850   1.00 57.84 ? 147 ARG A CZ  1 
ATOM   1060 N  NH1 . ARG A 1 148 ? -0.320  10.354  8.714   1.00 58.12 ? 147 ARG A NH1 1 
ATOM   1061 N  NH2 . ARG A 1 148 ? -0.136  9.194   6.744   1.00 58.90 ? 147 ARG A NH2 1 
ATOM   1062 N  N   . PRO A 1 149 ? 7.992   11.269  9.143   1.00 46.57 ? 148 PRO A N   1 
ATOM   1063 C  CA  . PRO A 1 149 ? 9.346   11.009  8.653   1.00 46.43 ? 148 PRO A CA  1 
ATOM   1064 C  C   . PRO A 1 149 ? 9.359   10.314  7.284   1.00 45.92 ? 148 PRO A C   1 
ATOM   1065 O  O   . PRO A 1 149 ? 8.523   9.446   7.032   1.00 45.74 ? 148 PRO A O   1 
ATOM   1066 C  CB  . PRO A 1 149 ? 9.950   10.116  9.749   1.00 46.87 ? 148 PRO A CB  1 
ATOM   1067 C  CG  . PRO A 1 149 ? 9.233   10.563  11.010  1.00 48.17 ? 148 PRO A CG  1 
ATOM   1068 C  CD  . PRO A 1 149 ? 7.803   10.803  10.526  1.00 47.08 ? 148 PRO A CD  1 
ATOM   1069 N  N   . GLY A 1 150 ? 10.260  10.755  6.401   1.00 44.94 ? 149 GLY A N   1 
ATOM   1070 C  CA  . GLY A 1 150 ? 10.412  10.207  5.068   1.00 44.39 ? 149 GLY A CA  1 
ATOM   1071 C  C   . GLY A 1 150 ? 9.574   10.895  4.007   1.00 43.81 ? 149 GLY A C   1 
ATOM   1072 O  O   . GLY A 1 150 ? 9.782   10.673  2.806   1.00 44.70 ? 149 GLY A O   1 
ATOM   1073 N  N   . GLU A 1 151 ? 8.621   11.727  4.427   1.00 41.05 ? 150 GLU A N   1 
ATOM   1074 C  CA  . GLU A 1 151 ? 7.780   12.466  3.482   1.00 41.19 ? 150 GLU A CA  1 
ATOM   1075 C  C   . GLU A 1 151 ? 8.512   13.709  3.023   1.00 39.56 ? 150 GLU A C   1 
ATOM   1076 O  O   . GLU A 1 151 ? 9.333   14.243  3.765   1.00 37.79 ? 150 GLU A O   1 
ATOM   1077 C  CB  . GLU A 1 151 ? 6.464   12.839  4.149   1.00 40.52 ? 150 GLU A CB  1 
ATOM   1078 C  CG  . GLU A 1 151 ? 5.670   11.641  4.553   1.00 38.59 ? 150 GLU A CG  1 
ATOM   1079 C  CD  . GLU A 1 151 ? 4.304   11.984  5.056   1.00 40.35 ? 150 GLU A CD  1 
ATOM   1080 O  OE1 . GLU A 1 151 ? 4.107   13.131  5.519   1.00 37.06 ? 150 GLU A OE1 1 
ATOM   1081 O  OE2 . GLU A 1 151 ? 3.434   11.086  5.007   1.00 37.64 ? 150 GLU A OE2 1 
ATOM   1082 N  N   . LEU A 1 152 ? 8.213   14.177  1.811   1.00 39.52 ? 151 LEU A N   1 
ATOM   1083 C  CA  . LEU A 1 152 ? 8.890   15.339  1.246   1.00 39.76 ? 151 LEU A CA  1 
ATOM   1084 C  C   . LEU A 1 152 ? 8.848   16.591  2.165   1.00 38.76 ? 151 LEU A C   1 
ATOM   1085 O  O   . LEU A 1 152 ? 9.844   17.297  2.287   1.00 37.76 ? 151 LEU A O   1 
ATOM   1086 C  CB  . LEU A 1 152 ? 8.277   15.658  -0.129  1.00 41.65 ? 151 LEU A CB  1 
ATOM   1087 C  CG  . LEU A 1 152 ? 9.042   16.323  -1.259  1.00 46.16 ? 151 LEU A CG  1 
ATOM   1088 C  CD1 . LEU A 1 152 ? 10.518  15.970  -1.213  1.00 50.23 ? 151 LEU A CD1 1 
ATOM   1089 C  CD2 . LEU A 1 152 ? 8.428   15.892  -2.598  1.00 44.20 ? 151 LEU A CD2 1 
ATOM   1090 N  N   . ALA A 1 153 ? 7.714   16.812  2.832   1.00 38.01 ? 152 ALA A N   1 
ATOM   1091 C  CA  . ALA A 1 153 ? 7.461   18.011  3.660   1.00 37.53 ? 152 ALA A CA  1 
ATOM   1092 C  C   . ALA A 1 153 ? 8.106   17.926  5.046   1.00 39.29 ? 152 ALA A C   1 
ATOM   1093 O  O   . ALA A 1 153 ? 8.062   18.870  5.810   1.00 37.93 ? 152 ALA A O   1 
ATOM   1094 C  CB  . ALA A 1 153 ? 5.941   18.225  3.822   1.00 37.24 ? 152 ALA A CB  1 
ATOM   1095 N  N   . TYR A 1 154 ? 8.676   16.777  5.378   1.00 41.48 ? 153 TYR A N   1 
ATOM   1096 C  CA  . TYR A 1 154 ? 9.182   16.537  6.725   1.00 44.01 ? 153 TYR A CA  1 
ATOM   1097 C  C   . TYR A 1 154 ? 10.550  17.191  6.910   1.00 46.06 ? 153 TYR A C   1 
ATOM   1098 O  O   . TYR A 1 154 ? 11.285  17.383  5.937   1.00 47.61 ? 153 TYR A O   1 
ATOM   1099 C  CB  . TYR A 1 154 ? 9.245   15.036  6.975   1.00 45.58 ? 153 TYR A CB  1 
ATOM   1100 C  CG  . TYR A 1 154 ? 9.748   14.683  8.342   1.00 47.50 ? 153 TYR A CG  1 
ATOM   1101 C  CD1 . TYR A 1 154 ? 8.932   14.808  9.459   1.00 47.05 ? 153 TYR A CD1 1 
ATOM   1102 C  CD2 . TYR A 1 154 ? 11.051  14.242  8.519   1.00 49.12 ? 153 TYR A CD2 1 
ATOM   1103 C  CE1 . TYR A 1 154 ? 9.404   14.479  10.728  1.00 49.54 ? 153 TYR A CE1 1 
ATOM   1104 C  CE2 . TYR A 1 154 ? 11.531  13.912  9.766   1.00 50.05 ? 153 TYR A CE2 1 
ATOM   1105 C  CZ  . TYR A 1 154 ? 10.714  14.040  10.867  1.00 49.19 ? 153 TYR A CZ  1 
ATOM   1106 O  OH  . TYR A 1 154 ? 11.215  13.710  12.105  1.00 50.86 ? 153 TYR A OH  1 
HETATM 1107 O  O1  . PE4 B 2 .   ? -12.261 6.405   1.434   1.00 45.15 ? 158 PE4 A O1  1 
HETATM 1108 C  C1  . PE4 B 2 .   ? -10.839 6.524   1.185   1.00 38.69 ? 158 PE4 A C1  1 
HETATM 1109 C  C2  . PE4 B 2 .   ? -9.801  5.862   2.067   1.00 39.58 ? 158 PE4 A C2  1 
HETATM 1110 O  O2  . PE4 B 2 .   ? -9.983  6.161   3.472   1.00 38.26 ? 158 PE4 A O2  1 
HETATM 1111 C  C3  . PE4 B 2 .   ? -8.696  6.389   4.067   1.00 48.40 ? 158 PE4 A C3  1 
HETATM 1112 C  C4  . PE4 B 2 .   ? -8.304  7.871   3.991   1.00 51.38 ? 158 PE4 A C4  1 
HETATM 1113 O  O3  . PE4 B 2 .   ? -8.365  8.500   5.277   1.00 57.78 ? 158 PE4 A O3  1 
HETATM 1114 C  C5  . PE4 B 2 .   ? -8.482  9.941   5.325   1.00 60.14 ? 158 PE4 A C5  1 
HETATM 1115 C  C6  . PE4 B 2 .   ? -7.327  10.537  6.144   1.00 61.16 ? 158 PE4 A C6  1 
HETATM 1116 O  O4  . PE4 B 2 .   ? -6.204  10.863  5.307   1.00 61.48 ? 158 PE4 A O4  1 
HETATM 1117 C  C7  . PE4 B 2 .   ? -5.003  10.099  5.489   1.00 62.06 ? 158 PE4 A C7  1 
HETATM 1118 C  C8  . PE4 B 2 .   ? -5.087  8.719   4.819   1.00 61.49 ? 158 PE4 A C8  1 
HETATM 1119 O  O5  . PE4 B 2 .   ? -3.846  7.996   4.882   1.00 62.77 ? 158 PE4 A O5  1 
HETATM 1120 C  C9  . PE4 B 2 .   ? -3.354  7.669   6.192   1.00 61.62 ? 158 PE4 A C9  1 
HETATM 1121 C  C10 . PE4 B 2 .   ? -4.442  7.105   7.106   1.00 60.07 ? 158 PE4 A C10 1 
HETATM 1122 O  O6  . PE4 B 2 .   ? -3.848  6.360   8.172   1.00 63.30 ? 158 PE4 A O6  1 
HETATM 1123 C  C11 . PE4 B 2 .   ? -3.877  7.008   9.443   1.00 64.35 ? 158 PE4 A C11 1 
HETATM 1124 C  C12 . PE4 B 2 .   ? -2.452  7.157   9.965   1.00 64.67 ? 158 PE4 A C12 1 
HETATM 1125 O  O7  . PE4 B 2 .   ? -2.002  8.505   9.775   1.00 65.89 ? 158 PE4 A O7  1 
HETATM 1126 C  C13 . PE4 B 2 .   ? -2.534  9.443   10.735  1.00 65.01 ? 158 PE4 A C13 1 
HETATM 1127 C  C14 . PE4 B 2 .   ? -1.715  9.476   12.023  1.00 65.25 ? 158 PE4 A C14 1 
HETATM 1128 O  O8  . PE4 B 2 .   ? -0.331  9.251   11.763  1.00 62.97 ? 158 PE4 A O8  1 
HETATM 1129 C  C15 . PE4 B 2 .   ? 0.430   9.313   12.967  1.00 65.04 ? 158 PE4 A C15 1 
HETATM 1130 C  C1  . EDO C 3 .   ? -7.653  -2.680  -14.258 1.00 57.89 ? 159 EDO A C1  1 
HETATM 1131 O  O1  . EDO C 3 .   ? -6.246  -2.927  -14.136 1.00 59.86 ? 159 EDO A O1  1 
HETATM 1132 C  C2  . EDO C 3 .   ? -8.235  -2.183  -12.945 1.00 56.42 ? 159 EDO A C2  1 
HETATM 1133 O  O2  . EDO C 3 .   ? -9.487  -2.832  -12.664 1.00 54.17 ? 159 EDO A O2  1 
HETATM 1134 C  C1  . EDO D 3 .   ? 8.962   -9.836  8.020   1.00 58.61 ? 160 EDO A C1  1 
HETATM 1135 O  O1  . EDO D 3 .   ? 9.992   -10.822 7.912   1.00 57.66 ? 160 EDO A O1  1 
HETATM 1136 C  C2  . EDO D 3 .   ? 8.205   -10.090 9.312   1.00 58.91 ? 160 EDO A C2  1 
HETATM 1137 O  O2  . EDO D 3 .   ? 7.124   -10.972 9.032   1.00 58.58 ? 160 EDO A O2  1 
HETATM 1138 O  O   . HOH E 4 .   ? 7.499   -14.566 -0.505  1.00 44.89 ? 161 HOH A O   1 
HETATM 1139 O  O   . HOH E 4 .   ? -2.670  -17.563 -11.473 1.00 43.26 ? 162 HOH A O   1 
HETATM 1140 O  O   . HOH E 4 .   ? 5.378   15.461  1.756   1.00 30.17 ? 163 HOH A O   1 
HETATM 1141 O  O   . HOH E 4 .   ? 2.692   -8.955  7.943   1.00 37.31 ? 164 HOH A O   1 
HETATM 1142 O  O   . HOH E 4 .   ? 19.038  1.337   6.275   1.00 65.68 ? 165 HOH A O   1 
HETATM 1143 O  O   . HOH E 4 .   ? 16.987  0.442   -1.659  1.00 56.51 ? 166 HOH A O   1 
HETATM 1144 O  O   . HOH E 4 .   ? -2.627  -18.171 -7.834  1.00 41.95 ? 167 HOH A O   1 
HETATM 1145 O  O   . HOH E 4 .   ? 9.810   11.467  0.120   1.00 50.12 ? 168 HOH A O   1 
HETATM 1146 O  O   . HOH E 4 .   ? 6.744   4.690   -7.398  1.00 49.98 ? 169 HOH A O   1 
HETATM 1147 O  O   . HOH E 4 .   ? 4.172   -5.996  -10.985 1.00 42.59 ? 170 HOH A O   1 
HETATM 1148 O  O   . HOH E 4 .   ? -3.303  21.155  0.289   1.00 53.80 ? 171 HOH A O   1 
HETATM 1149 O  O   . HOH E 4 .   ? 5.708   13.212  12.291  1.00 59.62 ? 172 HOH A O   1 
HETATM 1150 O  O   . HOH E 4 .   ? 3.153   3.673   -3.563  1.00 33.48 ? 173 HOH A O   1 
HETATM 1151 O  O   . HOH E 4 .   ? -4.288  21.027  -11.239 1.00 51.23 ? 174 HOH A O   1 
HETATM 1152 O  O   . HOH E 4 .   ? -1.999  16.730  11.172  1.00 38.61 ? 175 HOH A O   1 
HETATM 1153 O  O   . HOH E 4 .   ? -4.568  -14.492 -2.535  1.00 38.14 ? 176 HOH A O   1 
HETATM 1154 O  O   . HOH E 4 .   ? -1.831  13.818  11.547  1.00 49.92 ? 177 HOH A O   1 
HETATM 1155 O  O   . HOH E 4 .   ? 14.889  -4.540  6.826   1.00 43.83 ? 178 HOH A O   1 
HETATM 1156 O  O   . HOH E 4 .   ? 4.656   -15.157 12.306  1.00 54.62 ? 179 HOH A O   1 
HETATM 1157 O  O   . HOH E 4 .   ? -5.708  12.565  -11.879 1.00 44.63 ? 180 HOH A O   1 
HETATM 1158 O  O   . HOH E 4 .   ? 3.422   -15.878 8.495   1.00 52.92 ? 181 HOH A O   1 
HETATM 1159 O  O   . HOH E 4 .   ? -2.278  11.473  4.381   1.00 40.74 ? 182 HOH A O   1 
HETATM 1160 O  O   . HOH E 4 .   ? 5.301   -5.579  -15.985 1.00 48.38 ? 183 HOH A O   1 
HETATM 1161 O  O   . HOH E 4 .   ? 7.766   -9.877  -2.617  1.00 37.28 ? 184 HOH A O   1 
HETATM 1162 O  O   . HOH E 4 .   ? 0.043   -16.331 11.328  1.00 37.24 ? 185 HOH A O   1 
HETATM 1163 O  O   . HOH E 4 .   ? -0.967  4.821   2.908   1.00 50.21 ? 186 HOH A O   1 
HETATM 1164 O  O   . HOH E 4 .   ? -6.019  -23.315 0.193   1.00 61.59 ? 187 HOH A O   1 
HETATM 1165 O  O   . HOH E 4 .   ? 1.591   -2.594  11.290  1.00 51.67 ? 188 HOH A O   1 
HETATM 1166 O  O   . HOH E 4 .   ? 8.337   2.910   9.821   1.00 55.99 ? 189 HOH A O   1 
HETATM 1167 O  O   . HOH E 4 .   ? 12.133  -2.970  -2.282  1.00 35.03 ? 190 HOH A O   1 
HETATM 1168 O  O   . HOH E 4 .   ? 6.572   -9.572  -10.218 1.00 49.68 ? 191 HOH A O   1 
HETATM 1169 O  O   . HOH E 4 .   ? 3.486   19.723  1.019   1.00 29.05 ? 192 HOH A O   1 
HETATM 1170 O  O   . HOH E 4 .   ? 9.819   3.742   -4.691  1.00 43.04 ? 193 HOH A O   1 
HETATM 1171 O  O   . HOH E 4 .   ? 7.246   -16.499 -5.250  1.00 62.10 ? 194 HOH A O   1 
HETATM 1172 O  O   . HOH E 4 .   ? 5.405   18.300  0.185   1.00 42.99 ? 195 HOH A O   1 
HETATM 1173 O  O   . HOH E 4 .   ? 3.806   -19.391 -3.465  1.00 57.34 ? 196 HOH A O   1 
HETATM 1174 O  O   . HOH E 4 .   ? -3.829  9.756   -16.212 1.00 53.44 ? 197 HOH A O   1 
HETATM 1175 O  O   . HOH E 4 .   ? -0.935  19.163  -11.294 1.00 43.62 ? 198 HOH A O   1 
HETATM 1176 O  O   . HOH E 4 .   ? 4.207   8.365   4.955   1.00 39.53 ? 199 HOH A O   1 
HETATM 1177 O  O   . HOH E 4 .   ? 0.419   -2.010  13.957  1.00 46.09 ? 200 HOH A O   1 
HETATM 1178 O  O   . HOH E 4 .   ? 0.738   13.098  10.663  1.00 47.25 ? 201 HOH A O   1 
HETATM 1179 O  O   . HOH E 4 .   ? 16.320  3.520   -0.139  1.00 51.70 ? 202 HOH A O   1 
HETATM 1180 O  O   . HOH E 4 .   ? -5.116  -19.942 6.575   1.00 53.42 ? 203 HOH A O   1 
HETATM 1181 O  O   . HOH E 4 .   ? 6.160   -18.848 -4.780  1.00 45.54 ? 204 HOH A O   1 
HETATM 1182 O  O   . HOH E 4 .   ? 2.081   -21.557 2.784   1.00 61.37 ? 205 HOH A O   1 
HETATM 1183 O  O   . HOH E 4 .   ? -4.179  21.244  -8.689  1.00 60.81 ? 206 HOH A O   1 
HETATM 1184 O  O   . HOH E 4 .   ? 4.389   -10.498 9.780   1.00 40.06 ? 207 HOH A O   1 
HETATM 1185 O  O   . HOH E 4 .   ? -4.929  2.577   12.004  1.00 43.37 ? 208 HOH A O   1 
HETATM 1186 O  O   . HOH E 4 .   ? 4.631   17.333  -4.417  1.00 38.60 ? 209 HOH A O   1 
HETATM 1187 O  O   . HOH E 4 .   ? 2.074   4.918   3.854   1.00 60.93 ? 210 HOH A O   1 
HETATM 1188 O  O   . HOH E 4 .   ? -4.768  -11.659 -6.271  1.00 44.15 ? 211 HOH A O   1 
HETATM 1189 O  O   . HOH E 4 .   ? -0.157  -1.325  -13.070 1.00 48.87 ? 212 HOH A O   1 
HETATM 1190 O  O   . HOH E 4 .   ? -3.470  -1.230  -14.804 1.00 54.59 ? 213 HOH A O   1 
HETATM 1191 O  O   . HOH E 4 .   ? -4.935  3.686   8.078   1.00 52.28 ? 214 HOH A O   1 
HETATM 1192 O  O   . HOH E 4 .   ? -0.538  -22.554 3.250   1.00 54.77 ? 215 HOH A O   1 
HETATM 1193 O  O   . HOH E 4 .   ? -1.383  -19.241 -4.412  1.00 63.75 ? 216 HOH A O   1 
HETATM 1194 O  O   . HOH E 4 .   ? 9.689   12.877  14.339  1.00 76.85 ? 217 HOH A O   1 
HETATM 1195 O  O   . HOH E 4 .   ? 9.898   6.009   4.358   1.00 52.55 ? 218 HOH A O   1 
HETATM 1196 O  O   . HOH E 4 .   ? 10.409  -12.056 11.992  1.00 63.23 ? 219 HOH A O   1 
HETATM 1197 O  O   . HOH E 4 .   ? -0.633  7.026   3.761   1.00 44.62 ? 220 HOH A O   1 
HETATM 1198 O  O   . HOH E 4 .   ? 10.828  6.750   6.714   1.00 54.47 ? 221 HOH A O   1 
HETATM 1199 O  O   . HOH E 4 .   ? -15.979 8.601   -7.760  1.00 53.78 ? 222 HOH A O   1 
HETATM 1200 O  O   . HOH E 4 .   ? -8.978  -16.627 -0.836  1.00 51.27 ? 223 HOH A O   1 
HETATM 1201 O  O   . HOH E 4 .   ? 6.972   3.368   14.421  1.00 57.63 ? 224 HOH A O   1 
# 
